data_7MMQ
#
_entry.id   7MMQ
#
_cell.length_a   78.385
_cell.length_b   105.012
_cell.length_c   138.128
_cell.angle_alpha   90.000
_cell.angle_beta   100.580
_cell.angle_gamma   90.000
#
_symmetry.space_group_name_H-M   'P 1 21 1'
#
loop_
_entity.id
_entity.type
_entity.pdbx_description
1 polymer 'Ribonucleoside-diphosphate reductase'
2 polymer 'Protein NrdI'
3 non-polymer GLYCEROL
4 non-polymer 'FLAVIN MONONUCLEOTIDE'
5 water water
#
loop_
_entity_poly.entity_id
_entity_poly.type
_entity_poly.pdbx_seq_one_letter_code
_entity_poly.pdbx_strand_id
1 'polypeptide(L)'
;SNILEMTKNYYDRSVSPVEYAYFDQSQNMRAINWNKIVDEKDLEVWNRVTQNFWLPENIPVSNDLPSWNELDDDWQQLIT
RTFTGLTLLDTVQSSIGDVAQIKNSLTEQEQVIYANFAFMVGVHARSYGTIFSTLCTSEQIEEAHEWVVDNEALQARPKA
LIPFYTADDPLKSKIAAALMPGFLLYGGFYLPFYLSARGKLPNTSDIIRLILRDKVIHNFYSGYKYQLKVAKLSPEKQAE
MKQFVFDLLDKMIGLEKTYLHQLYDGFGLADEAIRFSLYNAGKFLQNLGYESPFTKEETRIAPEVFAQLSARADENHDFF
SGSGSSYIIGTSEETLDEDWDF
;
A,B,C,D
2 'polypeptide(L)'
;SNILEMKELIVYFSTQSNNTHRFVQKLDAESIRIPIDEEERIKVDEDYVLIVPTYSGGKVTDAGQVDAHGAVPKQVIHFL
NDPDNRKHCLGVISSGNTNFGDSFAIAGPVISYKLKVPLLYQFELIGTKEDVEEVNRIISETFNADQ
;
E,G,F,H
#
loop_
_chem_comp.id
_chem_comp.type
_chem_comp.name
_chem_comp.formula
FMN non-polymer 'FLAVIN MONONUCLEOTIDE' 'C17 H21 N4 O9 P'
GOL non-polymer GLYCEROL 'C3 H8 O3'
#
# COMPACT_ATOMS: atom_id res chain seq x y z
N ASN A 9 18.52 9.04 20.93
CA ASN A 9 19.12 8.84 19.57
C ASN A 9 18.11 9.27 18.50
N TYR A 10 18.53 10.12 17.56
CA TYR A 10 17.69 10.57 16.40
C TYR A 10 17.20 9.34 15.62
N TYR A 11 18.07 8.33 15.47
CA TYR A 11 17.91 7.15 14.59
C TYR A 11 16.69 6.32 15.02
N ASP A 12 16.55 6.11 16.33
CA ASP A 12 15.53 5.21 16.93
C ASP A 12 14.16 5.91 17.02
N ARG A 13 14.08 7.22 16.73
CA ARG A 13 12.79 7.98 16.74
C ARG A 13 12.55 8.62 15.36
N SER A 14 13.10 8.03 14.30
CA SER A 14 12.93 8.46 12.89
C SER A 14 13.02 7.25 11.95
N VAL A 15 12.55 7.42 10.72
CA VAL A 15 12.56 6.36 9.66
C VAL A 15 13.34 6.89 8.45
N SER A 16 13.89 5.97 7.64
CA SER A 16 14.43 6.30 6.29
C SER A 16 13.28 6.76 5.42
N PRO A 17 13.50 7.71 4.48
CA PRO A 17 12.46 8.14 3.54
C PRO A 17 11.66 7.02 2.86
N VAL A 18 12.29 5.92 2.48
CA VAL A 18 11.61 4.77 1.78
C VAL A 18 10.70 4.05 2.77
N GLU A 19 11.08 3.99 4.05
CA GLU A 19 10.23 3.45 5.15
C GLU A 19 9.02 4.37 5.32
N TYR A 20 9.26 5.68 5.37
CA TYR A 20 8.21 6.72 5.49
C TYR A 20 7.21 6.58 4.33
N ALA A 21 7.71 6.33 3.12
CA ALA A 21 6.94 6.43 1.86
C ALA A 21 5.96 5.25 1.72
N TYR A 22 6.35 4.06 2.19
CA TYR A 22 5.65 2.79 1.86
C TYR A 22 5.07 2.09 3.10
N PHE A 23 5.58 2.36 4.31
CA PHE A 23 5.28 1.52 5.51
C PHE A 23 4.83 2.34 6.73
N ASP A 24 5.33 3.56 6.94
CA ASP A 24 5.10 4.28 8.22
C ASP A 24 5.29 5.80 8.05
N GLN A 25 4.19 6.55 7.88
CA GLN A 25 4.17 8.03 7.74
C GLN A 25 4.02 8.69 9.11
N SER A 26 4.03 7.92 10.20
CA SER A 26 3.74 8.41 11.58
C SER A 26 4.95 9.14 12.16
N GLN A 27 6.16 8.90 11.66
CA GLN A 27 7.41 9.50 12.18
C GLN A 27 8.01 10.46 11.14
N ASN A 28 9.00 11.24 11.56
CA ASN A 28 9.78 12.14 10.67
C ASN A 28 10.94 11.34 10.05
N MET A 29 11.49 11.82 8.93
CA MET A 29 12.51 11.09 8.16
C MET A 29 13.92 11.52 8.58
N ARG A 30 14.87 10.59 8.54
CA ARG A 30 16.31 10.85 8.81
C ARG A 30 17.10 10.72 7.51
N ALA A 31 18.04 11.65 7.28
CA ALA A 31 19.05 11.59 6.21
C ALA A 31 19.92 10.36 6.44
N ILE A 32 20.39 9.73 5.36
CA ILE A 32 21.38 8.59 5.46
C ILE A 32 22.60 9.09 6.25
N ASN A 33 23.14 8.24 7.11
CA ASN A 33 24.36 8.50 7.92
C ASN A 33 25.48 7.57 7.45
N TRP A 34 26.49 8.11 6.75
CA TRP A 34 27.68 7.37 6.25
C TRP A 34 28.85 7.51 7.23
N ASN A 35 28.68 8.24 8.34
CA ASN A 35 29.70 8.48 9.38
C ASN A 35 29.48 7.50 10.55
N LYS A 36 28.22 7.14 10.83
CA LYS A 36 27.82 6.12 11.84
C LYS A 36 27.09 4.97 11.12
N ILE A 37 27.80 3.88 10.83
CA ILE A 37 27.35 2.77 9.95
C ILE A 37 26.92 1.57 10.82
N VAL A 38 25.67 1.14 10.70
CA VAL A 38 25.08 -0.01 11.45
C VAL A 38 25.86 -1.29 11.12
N ASP A 39 26.13 -1.56 9.84
CA ASP A 39 26.78 -2.81 9.37
C ASP A 39 27.98 -2.46 8.47
N GLU A 40 29.19 -2.82 8.91
CA GLU A 40 30.47 -2.53 8.19
C GLU A 40 30.51 -3.29 6.86
N LYS A 41 29.82 -4.43 6.78
CA LYS A 41 29.73 -5.28 5.55
C LYS A 41 29.15 -4.46 4.40
N ASP A 42 28.21 -3.55 4.68
CA ASP A 42 27.62 -2.62 3.68
C ASP A 42 28.72 -1.74 3.07
N LEU A 43 29.67 -1.27 3.88
CA LEU A 43 30.78 -0.39 3.42
C LEU A 43 31.73 -1.22 2.54
N GLU A 44 32.05 -2.45 2.94
CA GLU A 44 32.90 -3.38 2.16
C GLU A 44 32.30 -3.54 0.75
N VAL A 45 31.01 -3.90 0.69
CA VAL A 45 30.26 -4.18 -0.57
C VAL A 45 30.16 -2.90 -1.41
N TRP A 46 29.77 -1.78 -0.80
CA TRP A 46 29.59 -0.46 -1.48
C TRP A 46 30.89 -0.05 -2.15
N ASN A 47 32.00 -0.06 -1.40
CA ASN A 47 33.36 0.29 -1.85
C ASN A 47 33.75 -0.57 -3.05
N ARG A 48 33.50 -1.88 -2.96
CA ARG A 48 33.92 -2.88 -3.98
C ARG A 48 33.15 -2.65 -5.29
N VAL A 49 31.81 -2.58 -5.25
CA VAL A 49 30.97 -2.49 -6.47
C VAL A 49 31.23 -1.14 -7.17
N THR A 50 31.46 -0.06 -6.40
CA THR A 50 31.68 1.31 -6.94
C THR A 50 33.09 1.42 -7.55
N GLN A 51 34.10 0.82 -6.92
CA GLN A 51 35.51 0.81 -7.42
C GLN A 51 35.64 -0.16 -8.60
N ASN A 52 34.71 -1.12 -8.73
CA ASN A 52 34.66 -2.10 -9.84
C ASN A 52 33.79 -1.56 -10.99
N PHE A 53 33.32 -0.31 -10.91
CA PHE A 53 32.54 0.34 -12.00
C PHE A 53 33.30 0.13 -13.33
N TRP A 54 32.56 -0.23 -14.38
CA TRP A 54 33.10 -0.48 -15.74
C TRP A 54 31.99 -0.23 -16.78
N LEU A 55 32.39 0.04 -18.02
CA LEU A 55 31.47 0.15 -19.18
C LEU A 55 31.97 -0.75 -20.30
N PRO A 56 31.08 -1.42 -21.04
CA PRO A 56 31.48 -2.38 -22.07
C PRO A 56 32.10 -1.66 -23.27
N GLU A 57 31.80 -0.36 -23.39
CA GLU A 57 32.29 0.54 -24.47
C GLU A 57 33.78 0.83 -24.26
N ASN A 58 34.38 0.32 -23.16
CA ASN A 58 35.82 0.46 -22.80
C ASN A 58 36.54 -0.90 -22.94
N ILE A 59 35.87 -1.93 -23.48
CA ILE A 59 36.51 -3.23 -23.86
C ILE A 59 36.46 -3.35 -25.38
N PRO A 60 37.60 -3.65 -26.06
CA PRO A 60 37.65 -3.67 -27.51
C PRO A 60 37.21 -5.05 -28.04
N VAL A 61 35.95 -5.15 -28.49
CA VAL A 61 35.33 -6.44 -28.93
C VAL A 61 35.69 -6.69 -30.41
N SER A 62 36.14 -5.65 -31.14
CA SER A 62 36.49 -5.72 -32.59
C SER A 62 37.63 -6.70 -32.87
N ASN A 63 38.43 -7.06 -31.86
CA ASN A 63 39.51 -8.08 -32.00
C ASN A 63 38.91 -9.50 -32.00
N ASP A 64 37.60 -9.66 -31.82
CA ASP A 64 36.89 -10.97 -31.89
C ASP A 64 36.42 -11.26 -33.33
N LEU A 65 36.51 -10.29 -34.24
CA LEU A 65 36.02 -10.42 -35.64
C LEU A 65 36.69 -11.61 -36.34
N PRO A 66 38.03 -11.78 -36.29
CA PRO A 66 38.68 -12.91 -36.94
C PRO A 66 38.12 -14.28 -36.51
N SER A 67 37.94 -14.50 -35.20
CA SER A 67 37.42 -15.77 -34.62
C SER A 67 35.91 -15.90 -34.86
N TRP A 68 35.17 -14.79 -34.77
CA TRP A 68 33.70 -14.71 -35.01
C TRP A 68 33.39 -15.11 -36.46
N ASN A 69 34.15 -14.58 -37.42
CA ASN A 69 33.94 -14.78 -38.88
C ASN A 69 34.20 -16.24 -39.27
N GLU A 70 35.02 -16.97 -38.51
CA GLU A 70 35.34 -18.40 -38.76
C GLU A 70 34.20 -19.31 -38.28
N LEU A 71 33.39 -18.86 -37.32
CA LEU A 71 32.18 -19.60 -36.85
C LEU A 71 31.14 -19.57 -37.99
N ASP A 72 30.51 -20.72 -38.28
CA ASP A 72 29.44 -20.81 -39.31
C ASP A 72 28.20 -20.06 -38.78
N ASP A 73 27.16 -19.94 -39.60
CA ASP A 73 25.93 -19.16 -39.30
C ASP A 73 25.14 -19.81 -38.16
N ASP A 74 25.33 -21.12 -37.93
CA ASP A 74 24.68 -21.88 -36.83
C ASP A 74 25.17 -21.36 -35.47
N TRP A 75 26.50 -21.30 -35.27
CA TRP A 75 27.13 -20.89 -34.00
C TRP A 75 26.87 -19.39 -33.76
N GLN A 76 26.97 -18.57 -34.80
CA GLN A 76 26.73 -17.10 -34.72
C GLN A 76 25.33 -16.87 -34.15
N GLN A 77 24.32 -17.52 -34.73
CA GLN A 77 22.89 -17.41 -34.32
C GLN A 77 22.71 -17.86 -32.86
N LEU A 78 23.40 -18.94 -32.45
CA LEU A 78 23.35 -19.48 -31.06
C LEU A 78 23.88 -18.43 -30.08
N ILE A 79 25.00 -17.80 -30.42
CA ILE A 79 25.65 -16.75 -29.58
C ILE A 79 24.68 -15.57 -29.43
N THR A 80 24.10 -15.10 -30.54
CA THR A 80 23.20 -13.92 -30.60
C THR A 80 21.93 -14.21 -29.77
N ARG A 81 21.36 -15.41 -29.89
CA ARG A 81 20.15 -15.84 -29.16
C ARG A 81 20.44 -15.95 -27.67
N THR A 82 21.47 -16.72 -27.31
CA THR A 82 21.90 -16.94 -25.90
C THR A 82 22.06 -15.58 -25.22
N PHE A 83 22.91 -14.71 -25.79
CA PHE A 83 23.22 -13.36 -25.25
C PHE A 83 21.93 -12.53 -25.16
N THR A 84 21.04 -12.63 -26.15
CA THR A 84 19.74 -11.91 -26.14
C THR A 84 18.85 -12.49 -25.03
N GLY A 85 18.98 -13.79 -24.73
CA GLY A 85 18.34 -14.44 -23.57
C GLY A 85 18.83 -13.85 -22.26
N LEU A 86 20.15 -13.71 -22.10
CA LEU A 86 20.81 -13.11 -20.91
C LEU A 86 20.38 -11.65 -20.76
N THR A 87 20.31 -10.90 -21.86
CA THR A 87 19.88 -9.48 -21.89
C THR A 87 18.49 -9.34 -21.25
N LEU A 88 17.57 -10.26 -21.56
CA LEU A 88 16.19 -10.25 -21.01
C LEU A 88 16.26 -10.43 -19.49
N LEU A 89 17.06 -11.39 -19.01
CA LEU A 89 17.17 -11.71 -17.57
C LEU A 89 17.73 -10.48 -16.84
N ASP A 90 18.76 -9.85 -17.40
CA ASP A 90 19.39 -8.61 -16.85
C ASP A 90 18.36 -7.48 -16.86
N THR A 91 17.54 -7.37 -17.91
CA THR A 91 16.51 -6.31 -18.05
C THR A 91 15.48 -6.46 -16.93
N VAL A 92 15.11 -7.71 -16.60
CA VAL A 92 14.16 -8.04 -15.50
C VAL A 92 14.75 -7.58 -14.17
N GLN A 93 16.00 -7.97 -13.88
CA GLN A 93 16.66 -7.72 -12.57
C GLN A 93 16.94 -6.22 -12.40
N SER A 94 17.19 -5.49 -13.48
CA SER A 94 17.53 -4.04 -13.49
C SER A 94 16.27 -3.18 -13.32
N SER A 95 15.17 -3.52 -14.01
CA SER A 95 13.94 -2.70 -14.07
C SER A 95 12.97 -3.06 -12.93
N ILE A 96 13.01 -4.30 -12.44
CA ILE A 96 12.04 -4.85 -11.44
C ILE A 96 12.81 -5.27 -10.17
N GLY A 97 13.62 -6.32 -10.30
CA GLY A 97 14.13 -7.15 -9.19
C GLY A 97 14.92 -6.36 -8.16
N ASP A 98 15.99 -5.69 -8.59
CA ASP A 98 16.97 -5.04 -7.68
C ASP A 98 16.35 -3.79 -7.04
N VAL A 99 15.55 -3.01 -7.77
CA VAL A 99 14.90 -1.78 -7.24
C VAL A 99 13.80 -2.17 -6.24
N ALA A 100 13.20 -3.35 -6.38
CA ALA A 100 12.19 -3.88 -5.44
C ALA A 100 12.81 -4.16 -4.07
N GLN A 101 14.11 -4.46 -4.02
CA GLN A 101 14.85 -4.79 -2.78
C GLN A 101 14.99 -3.56 -1.88
N ILE A 102 15.09 -2.37 -2.47
CA ILE A 102 15.42 -1.09 -1.78
C ILE A 102 14.51 -0.91 -0.55
N LYS A 103 13.19 -0.98 -0.73
CA LYS A 103 12.19 -0.67 0.33
C LYS A 103 12.25 -1.70 1.46
N ASN A 104 12.77 -2.91 1.20
CA ASN A 104 12.83 -4.04 2.17
C ASN A 104 14.19 -4.07 2.88
N SER A 105 14.96 -2.97 2.84
CA SER A 105 16.34 -2.86 3.38
C SER A 105 16.33 -2.95 4.92
N LEU A 106 17.34 -3.62 5.49
CA LEU A 106 17.63 -3.68 6.95
C LEU A 106 18.38 -2.42 7.38
N THR A 107 19.21 -1.86 6.51
CA THR A 107 20.10 -0.69 6.78
C THR A 107 19.92 0.39 5.71
N GLU A 108 20.37 1.61 6.02
CA GLU A 108 20.28 2.78 5.11
C GLU A 108 21.17 2.54 3.87
N GLN A 109 22.38 2.00 4.07
CA GLN A 109 23.41 1.84 3.01
C GLN A 109 22.94 0.79 1.99
N GLU A 110 22.22 -0.24 2.45
CA GLU A 110 21.66 -1.34 1.62
C GLU A 110 20.75 -0.75 0.52
N GLN A 111 19.98 0.29 0.84
CA GLN A 111 19.08 1.00 -0.11
C GLN A 111 19.90 1.50 -1.32
N VAL A 112 21.07 2.10 -1.04
CA VAL A 112 21.95 2.75 -2.05
C VAL A 112 22.65 1.65 -2.85
N ILE A 113 23.10 0.59 -2.17
CA ILE A 113 23.80 -0.57 -2.80
C ILE A 113 22.88 -1.25 -3.84
N TYR A 114 21.58 -1.35 -3.56
CA TYR A 114 20.60 -2.00 -4.49
C TYR A 114 20.28 -1.05 -5.66
N ALA A 115 20.39 0.27 -5.47
CA ALA A 115 20.35 1.27 -6.57
C ALA A 115 21.56 1.07 -7.50
N ASN A 116 22.74 0.76 -6.93
CA ASN A 116 23.96 0.46 -7.71
C ASN A 116 23.78 -0.85 -8.48
N PHE A 117 23.23 -1.89 -7.83
CA PHE A 117 22.97 -3.22 -8.43
C PHE A 117 22.08 -3.04 -9.66
N ALA A 118 20.96 -2.33 -9.51
CA ALA A 118 19.98 -2.07 -10.60
C ALA A 118 20.72 -1.46 -11.79
N PHE A 119 21.47 -0.38 -11.55
CA PHE A 119 22.24 0.36 -12.56
C PHE A 119 23.23 -0.59 -13.26
N MET A 120 24.03 -1.32 -12.49
CA MET A 120 25.16 -2.15 -13.01
C MET A 120 24.63 -3.36 -13.79
N VAL A 121 23.51 -3.95 -13.38
CA VAL A 121 22.85 -5.06 -14.12
C VAL A 121 22.32 -4.47 -15.44
N GLY A 122 21.90 -3.20 -15.41
CA GLY A 122 21.55 -2.43 -16.61
C GLY A 122 22.72 -2.32 -17.57
N VAL A 123 23.93 -2.10 -17.03
CA VAL A 123 25.20 -2.04 -17.82
C VAL A 123 25.52 -3.43 -18.37
N HIS A 124 25.25 -4.49 -17.61
CA HIS A 124 25.44 -5.90 -18.06
C HIS A 124 24.59 -6.14 -19.32
N ALA A 125 23.29 -5.84 -19.25
CA ALA A 125 22.34 -5.94 -20.38
C ALA A 125 22.90 -5.16 -21.58
N ARG A 126 23.39 -3.94 -21.35
CA ARG A 126 23.87 -3.00 -22.39
C ARG A 126 25.12 -3.60 -23.06
N SER A 127 25.95 -4.33 -22.31
CA SER A 127 27.23 -4.90 -22.78
C SER A 127 27.00 -5.85 -23.96
N TYR A 128 25.86 -6.56 -23.99
CA TYR A 128 25.50 -7.49 -25.09
C TYR A 128 25.26 -6.72 -26.39
N GLY A 129 24.57 -5.57 -26.29
CA GLY A 129 24.37 -4.62 -27.40
C GLY A 129 25.67 -4.21 -28.07
N THR A 130 26.73 -3.94 -27.30
CA THR A 130 28.03 -3.47 -27.84
C THR A 130 28.73 -4.63 -28.54
N ILE A 131 28.63 -5.85 -28.01
CA ILE A 131 29.13 -7.09 -28.68
C ILE A 131 28.45 -7.22 -30.04
N PHE A 132 27.11 -7.13 -30.07
CA PHE A 132 26.27 -7.27 -31.28
C PHE A 132 26.62 -6.19 -32.31
N SER A 133 26.73 -4.92 -31.87
CA SER A 133 27.12 -3.75 -32.71
C SER A 133 28.35 -4.09 -33.56
N THR A 134 29.33 -4.76 -32.97
CA THR A 134 30.67 -5.03 -33.56
C THR A 134 30.64 -6.32 -34.39
N LEU A 135 29.95 -7.37 -33.91
CA LEU A 135 30.03 -8.74 -34.48
C LEU A 135 28.85 -9.03 -35.42
N CYS A 136 27.63 -8.62 -35.07
CA CYS A 136 26.36 -9.13 -35.66
C CYS A 136 25.77 -8.17 -36.70
N THR A 137 25.06 -8.73 -37.69
CA THR A 137 24.26 -8.00 -38.71
C THR A 137 22.94 -7.56 -38.08
N SER A 138 22.24 -6.60 -38.70
CA SER A 138 20.87 -6.17 -38.32
C SER A 138 19.95 -7.39 -38.21
N GLU A 139 20.11 -8.35 -39.13
CA GLU A 139 19.19 -9.52 -39.31
C GLU A 139 19.38 -10.50 -38.16
N GLN A 140 20.64 -10.87 -37.87
CA GLN A 140 21.00 -11.77 -36.73
C GLN A 140 20.45 -11.18 -35.43
N ILE A 141 20.61 -9.87 -35.23
CA ILE A 141 20.14 -9.12 -34.03
C ILE A 141 18.61 -9.23 -33.95
N GLU A 142 17.88 -8.91 -35.02
CA GLU A 142 16.39 -8.87 -35.02
C GLU A 142 15.82 -10.30 -34.88
N GLU A 143 16.47 -11.31 -35.49
CA GLU A 143 16.04 -12.74 -35.41
C GLU A 143 16.10 -13.20 -33.94
N ALA A 144 17.12 -12.79 -33.19
CA ALA A 144 17.36 -13.21 -31.79
C ALA A 144 16.26 -12.63 -30.88
N HIS A 145 15.81 -11.40 -31.15
CA HIS A 145 14.73 -10.72 -30.39
C HIS A 145 13.38 -11.42 -30.64
N GLU A 146 13.10 -11.83 -31.88
CA GLU A 146 11.89 -12.61 -32.25
C GLU A 146 11.91 -13.95 -31.50
N TRP A 147 13.02 -14.68 -31.63
CA TRP A 147 13.26 -16.01 -31.00
C TRP A 147 13.04 -15.93 -29.48
N VAL A 148 13.58 -14.88 -28.83
CA VAL A 148 13.47 -14.68 -27.35
C VAL A 148 11.99 -14.49 -26.98
N VAL A 149 11.25 -13.69 -27.74
CA VAL A 149 9.81 -13.36 -27.49
C VAL A 149 8.96 -14.64 -27.64
N ASP A 150 9.24 -15.48 -28.64
CA ASP A 150 8.38 -16.63 -29.02
C ASP A 150 8.83 -17.93 -28.33
N ASN A 151 9.91 -17.89 -27.53
CA ASN A 151 10.46 -19.09 -26.85
C ASN A 151 9.83 -19.20 -25.44
N GLU A 152 8.81 -20.06 -25.29
CA GLU A 152 8.04 -20.23 -24.02
C GLU A 152 8.95 -20.79 -22.92
N ALA A 153 9.84 -21.73 -23.26
CA ALA A 153 10.83 -22.34 -22.33
C ALA A 153 11.70 -21.23 -21.73
N LEU A 154 12.14 -20.28 -22.55
CA LEU A 154 12.93 -19.08 -22.14
C LEU A 154 12.07 -18.20 -21.22
N GLN A 155 10.88 -17.82 -21.70
CA GLN A 155 9.97 -16.85 -21.04
C GLN A 155 9.52 -17.37 -19.67
N ALA A 156 9.35 -18.68 -19.52
CA ALA A 156 8.85 -19.34 -18.28
C ALA A 156 9.73 -18.96 -17.08
N ARG A 157 11.05 -18.89 -17.28
CA ARG A 157 12.02 -18.62 -16.18
C ARG A 157 11.73 -17.27 -15.54
N PRO A 158 11.89 -16.12 -16.25
CA PRO A 158 11.55 -14.82 -15.67
C PRO A 158 10.10 -14.73 -15.15
N LYS A 159 9.15 -15.35 -15.85
CA LYS A 159 7.70 -15.34 -15.50
C LYS A 159 7.47 -15.95 -14.11
N ALA A 160 8.36 -16.86 -13.68
CA ALA A 160 8.30 -17.57 -12.37
C ALA A 160 8.85 -16.71 -11.23
N LEU A 161 9.79 -15.80 -11.49
CA LEU A 161 10.46 -14.99 -10.43
C LEU A 161 9.74 -13.65 -10.25
N ILE A 162 9.27 -13.03 -11.33
CA ILE A 162 8.69 -11.66 -11.34
C ILE A 162 7.57 -11.51 -10.31
N PRO A 163 6.61 -12.46 -10.18
CA PRO A 163 5.54 -12.33 -9.17
C PRO A 163 6.05 -12.14 -7.73
N PHE A 164 7.20 -12.72 -7.39
CA PHE A 164 7.82 -12.59 -6.03
C PHE A 164 8.30 -11.15 -5.81
N TYR A 165 8.72 -10.46 -6.87
CA TYR A 165 9.19 -9.05 -6.81
C TYR A 165 8.00 -8.10 -6.58
N THR A 166 6.83 -8.39 -7.15
CA THR A 166 5.64 -7.49 -7.12
C THR A 166 4.73 -7.80 -5.92
N ALA A 167 4.81 -9.02 -5.35
CA ALA A 167 4.02 -9.45 -4.17
C ALA A 167 4.56 -8.78 -2.89
N ASP A 168 3.97 -9.08 -1.73
CA ASP A 168 4.17 -8.33 -0.45
C ASP A 168 5.00 -9.16 0.55
N ASP A 169 5.65 -10.26 0.13
CA ASP A 169 6.53 -11.08 1.00
C ASP A 169 7.99 -10.74 0.70
N PRO A 170 8.64 -9.87 1.51
CA PRO A 170 10.02 -9.42 1.22
C PRO A 170 11.09 -10.51 1.18
N LEU A 171 10.91 -11.62 1.91
CA LEU A 171 11.93 -12.71 2.00
C LEU A 171 11.91 -13.54 0.70
N LYS A 172 10.74 -13.79 0.13
CA LYS A 172 10.57 -14.52 -1.16
C LYS A 172 11.09 -13.65 -2.31
N SER A 173 10.83 -12.33 -2.23
CA SER A 173 11.41 -11.31 -3.14
C SER A 173 12.95 -11.37 -3.06
N LYS A 174 13.49 -11.46 -1.84
CA LYS A 174 14.96 -11.53 -1.59
C LYS A 174 15.54 -12.79 -2.23
N ILE A 175 14.88 -13.95 -2.06
CA ILE A 175 15.36 -15.27 -2.57
C ILE A 175 15.40 -15.21 -4.10
N ALA A 176 14.35 -14.67 -4.72
CA ALA A 176 14.25 -14.43 -6.18
C ALA A 176 15.41 -13.55 -6.63
N ALA A 177 15.63 -12.43 -5.94
CA ALA A 177 16.71 -11.45 -6.20
C ALA A 177 18.08 -12.13 -6.14
N ALA A 178 18.26 -13.11 -5.25
CA ALA A 178 19.52 -13.88 -5.09
C ALA A 178 19.62 -14.97 -6.18
N LEU A 179 18.47 -15.48 -6.64
CA LEU A 179 18.39 -16.62 -7.59
C LEU A 179 18.87 -16.18 -8.99
N MET A 180 18.56 -14.94 -9.39
CA MET A 180 18.93 -14.39 -10.73
C MET A 180 20.44 -14.34 -10.91
N PRO A 181 21.21 -13.55 -10.12
CA PRO A 181 22.67 -13.50 -10.25
C PRO A 181 23.36 -14.80 -9.81
N GLY A 182 22.68 -15.60 -8.99
CA GLY A 182 23.24 -16.80 -8.34
C GLY A 182 23.18 -18.05 -9.19
N PHE A 183 22.25 -18.14 -10.16
CA PHE A 183 21.93 -19.41 -10.86
C PHE A 183 21.53 -19.23 -12.33
N LEU A 184 20.53 -18.39 -12.62
CA LEU A 184 19.71 -18.47 -13.87
C LEU A 184 20.55 -18.24 -15.14
N LEU A 185 21.65 -17.47 -15.08
CA LEU A 185 22.37 -16.99 -16.29
C LEU A 185 23.57 -17.88 -16.63
N TYR A 186 23.98 -18.78 -15.73
CA TYR A 186 25.26 -19.54 -15.86
C TYR A 186 25.18 -20.55 -17.01
N GLY A 187 24.02 -21.18 -17.23
CA GLY A 187 23.76 -22.05 -18.39
C GLY A 187 24.14 -21.38 -19.70
N GLY A 188 23.85 -20.08 -19.80
CA GLY A 188 24.20 -19.22 -20.95
C GLY A 188 25.67 -18.82 -20.93
N PHE A 189 26.21 -18.45 -19.76
CA PHE A 189 27.62 -18.02 -19.58
C PHE A 189 28.58 -19.16 -19.92
N TYR A 190 28.11 -20.42 -19.88
CA TYR A 190 28.92 -21.60 -20.29
C TYR A 190 29.46 -21.39 -21.71
N LEU A 191 28.62 -20.90 -22.63
CA LEU A 191 28.91 -20.80 -24.09
C LEU A 191 30.14 -19.95 -24.37
N PRO A 192 30.21 -18.66 -23.93
CA PRO A 192 31.40 -17.84 -24.18
C PRO A 192 32.69 -18.44 -23.61
N PHE A 193 32.61 -19.09 -22.44
CA PHE A 193 33.76 -19.75 -21.78
C PHE A 193 34.17 -20.99 -22.58
N TYR A 194 33.19 -21.74 -23.10
CA TYR A 194 33.42 -22.91 -24.00
C TYR A 194 34.27 -22.47 -25.19
N LEU A 195 33.87 -21.37 -25.83
CA LEU A 195 34.50 -20.83 -27.06
C LEU A 195 35.90 -20.28 -26.75
N SER A 196 36.06 -19.55 -25.65
CA SER A 196 37.32 -18.86 -25.27
C SER A 196 38.37 -19.88 -24.80
N ALA A 197 37.95 -21.09 -24.41
CA ALA A 197 38.86 -22.24 -24.16
C ALA A 197 39.42 -22.76 -25.48
N ARG A 198 38.70 -22.52 -26.59
CA ARG A 198 39.10 -22.90 -27.98
C ARG A 198 39.62 -21.66 -28.73
N GLY A 199 40.02 -20.61 -27.99
CA GLY A 199 40.68 -19.39 -28.52
C GLY A 199 39.75 -18.51 -29.34
N LYS A 200 38.43 -18.70 -29.23
CA LYS A 200 37.40 -18.00 -30.03
C LYS A 200 36.63 -17.02 -29.14
N LEU A 201 36.44 -15.78 -29.61
CA LEU A 201 35.74 -14.66 -28.92
C LEU A 201 36.37 -14.40 -27.55
N PRO A 202 37.71 -14.23 -27.47
CA PRO A 202 38.40 -14.05 -26.18
C PRO A 202 38.08 -12.71 -25.50
N ASN A 203 37.89 -11.65 -26.29
CA ASN A 203 37.58 -10.28 -25.79
C ASN A 203 36.18 -10.29 -25.18
N THR A 204 35.22 -10.91 -25.87
CA THR A 204 33.82 -11.13 -25.40
C THR A 204 33.86 -11.78 -24.00
N SER A 205 34.75 -12.75 -23.79
CA SER A 205 34.92 -13.47 -22.50
C SER A 205 35.37 -12.51 -21.38
N ASP A 206 36.10 -11.44 -21.71
CA ASP A 206 36.56 -10.42 -20.73
C ASP A 206 35.36 -9.65 -20.20
N ILE A 207 34.39 -9.33 -21.06
CA ILE A 207 33.11 -8.66 -20.67
C ILE A 207 32.33 -9.59 -19.73
N ILE A 208 32.33 -10.90 -20.00
CA ILE A 208 31.59 -11.92 -19.19
C ILE A 208 32.23 -11.99 -17.79
N ARG A 209 33.57 -12.01 -17.71
CA ARG A 209 34.32 -12.05 -16.43
C ARG A 209 34.08 -10.76 -15.63
N LEU A 210 33.88 -9.63 -16.30
CA LEU A 210 33.53 -8.35 -15.62
C LEU A 210 32.11 -8.43 -15.07
N ILE A 211 31.16 -8.96 -15.86
CA ILE A 211 29.74 -9.18 -15.46
C ILE A 211 29.72 -10.06 -14.20
N LEU A 212 30.43 -11.19 -14.21
CA LEU A 212 30.43 -12.20 -13.12
C LEU A 212 31.11 -11.64 -11.87
N ARG A 213 32.08 -10.74 -12.02
CA ARG A 213 32.76 -10.07 -10.89
C ARG A 213 31.74 -9.21 -10.14
N ASP A 214 30.71 -8.74 -10.85
CA ASP A 214 29.56 -8.00 -10.26
C ASP A 214 28.53 -9.01 -9.72
N LYS A 215 28.15 -10.01 -10.53
CA LYS A 215 27.09 -11.01 -10.18
C LYS A 215 27.40 -11.67 -8.84
N VAL A 216 28.66 -12.09 -8.63
CA VAL A 216 29.11 -12.86 -7.44
C VAL A 216 28.79 -12.08 -6.16
N ILE A 217 28.97 -10.75 -6.18
CA ILE A 217 28.73 -9.85 -5.03
C ILE A 217 27.22 -9.60 -4.86
N HIS A 218 26.49 -9.44 -5.96
CA HIS A 218 25.00 -9.30 -5.94
C HIS A 218 24.40 -10.51 -5.21
N ASN A 219 24.85 -11.72 -5.56
CA ASN A 219 24.34 -13.01 -5.02
C ASN A 219 24.70 -13.09 -3.54
N PHE A 220 25.96 -12.83 -3.20
CA PHE A 220 26.46 -12.83 -1.80
C PHE A 220 25.60 -11.89 -0.94
N TYR A 221 25.39 -10.67 -1.41
CA TYR A 221 24.77 -9.57 -0.62
C TYR A 221 23.31 -9.92 -0.32
N SER A 222 22.55 -10.31 -1.34
CA SER A 222 21.12 -10.70 -1.21
C SER A 222 20.99 -11.90 -0.28
N GLY A 223 21.91 -12.87 -0.38
CA GLY A 223 21.92 -14.07 0.47
C GLY A 223 22.25 -13.73 1.91
N TYR A 224 23.22 -12.84 2.12
CA TYR A 224 23.67 -12.35 3.45
C TYR A 224 22.48 -11.65 4.15
N LYS A 225 21.74 -10.81 3.43
CA LYS A 225 20.59 -10.03 3.96
C LYS A 225 19.41 -10.96 4.22
N TYR A 226 19.21 -11.97 3.37
CA TYR A 226 18.20 -13.04 3.57
C TYR A 226 18.47 -13.72 4.93
N GLN A 227 19.73 -14.10 5.19
CA GLN A 227 20.15 -14.86 6.41
C GLN A 227 19.91 -14.01 7.67
N LEU A 228 20.16 -12.71 7.62
CA LEU A 228 19.94 -11.80 8.77
C LEU A 228 18.46 -11.81 9.16
N LYS A 229 17.55 -11.82 8.18
CA LYS A 229 16.09 -11.73 8.41
C LYS A 229 15.52 -13.08 8.88
N VAL A 230 15.91 -14.21 8.29
CA VAL A 230 15.34 -15.55 8.63
C VAL A 230 15.79 -15.95 10.05
N ALA A 231 16.98 -15.52 10.48
CA ALA A 231 17.54 -15.79 11.82
C ALA A 231 16.60 -15.24 12.92
N LYS A 232 15.82 -14.19 12.62
CA LYS A 232 14.90 -13.52 13.58
C LYS A 232 13.56 -14.26 13.68
N LEU A 233 13.22 -15.11 12.69
CA LEU A 233 11.96 -15.90 12.69
C LEU A 233 12.15 -17.15 13.54
N SER A 234 11.04 -17.76 14.00
CA SER A 234 11.00 -18.98 14.84
C SER A 234 11.60 -20.16 14.08
N PRO A 235 12.06 -21.23 14.77
CA PRO A 235 12.51 -22.45 14.11
C PRO A 235 11.51 -23.04 13.10
N GLU A 236 10.20 -22.94 13.41
CA GLU A 236 9.09 -23.45 12.55
C GLU A 236 9.05 -22.66 11.24
N LYS A 237 9.05 -21.33 11.30
CA LYS A 237 8.96 -20.43 10.11
C LYS A 237 10.29 -20.41 9.36
N GLN A 238 11.40 -20.79 10.01
CA GLN A 238 12.73 -20.92 9.36
C GLN A 238 12.73 -22.16 8.45
N ALA A 239 12.19 -23.28 8.94
CA ALA A 239 12.06 -24.56 8.21
C ALA A 239 11.10 -24.38 7.02
N GLU A 240 10.05 -23.57 7.18
CA GLU A 240 9.05 -23.23 6.13
C GLU A 240 9.72 -22.43 5.00
N MET A 241 10.64 -21.52 5.33
CA MET A 241 11.38 -20.70 4.34
C MET A 241 12.38 -21.58 3.59
N LYS A 242 13.05 -22.50 4.29
CA LYS A 242 13.99 -23.47 3.67
C LYS A 242 13.23 -24.33 2.66
N GLN A 243 12.01 -24.77 3.00
CA GLN A 243 11.13 -25.59 2.11
C GLN A 243 10.89 -24.81 0.81
N PHE A 244 10.43 -23.57 0.93
CA PHE A 244 10.14 -22.66 -0.23
C PHE A 244 11.38 -22.52 -1.12
N VAL A 245 12.58 -22.33 -0.54
CA VAL A 245 13.86 -22.14 -1.28
C VAL A 245 14.08 -23.34 -2.21
N PHE A 246 14.08 -24.56 -1.65
CA PHE A 246 14.37 -25.81 -2.39
C PHE A 246 13.24 -26.12 -3.37
N ASP A 247 11.99 -25.82 -3.00
CA ASP A 247 10.79 -26.00 -3.86
C ASP A 247 10.97 -25.10 -5.10
N LEU A 248 11.32 -23.83 -4.88
CA LEU A 248 11.57 -22.83 -5.95
C LEU A 248 12.79 -23.24 -6.77
N LEU A 249 13.90 -23.60 -6.11
CA LEU A 249 15.14 -24.02 -6.81
C LEU A 249 14.84 -25.23 -7.71
N ASP A 250 14.04 -26.18 -7.20
CA ASP A 250 13.61 -27.38 -7.96
C ASP A 250 12.87 -26.94 -9.23
N LYS A 251 11.88 -26.06 -9.09
CA LYS A 251 11.08 -25.54 -10.23
C LYS A 251 12.00 -24.82 -11.23
N MET A 252 12.92 -23.97 -10.75
CA MET A 252 13.80 -23.15 -11.62
C MET A 252 14.86 -24.05 -12.30
N ILE A 253 15.40 -25.05 -11.61
CA ILE A 253 16.33 -26.06 -12.22
C ILE A 253 15.58 -26.79 -13.35
N GLY A 254 14.34 -27.22 -13.10
CA GLY A 254 13.47 -27.87 -14.10
C GLY A 254 13.32 -27.02 -15.34
N LEU A 255 12.87 -25.76 -15.17
CA LEU A 255 12.65 -24.78 -16.27
C LEU A 255 13.96 -24.50 -17.02
N GLU A 256 15.08 -24.39 -16.31
CA GLU A 256 16.41 -24.09 -16.89
C GLU A 256 16.89 -25.27 -17.75
N LYS A 257 16.78 -26.50 -17.23
CA LYS A 257 17.15 -27.75 -17.94
C LYS A 257 16.39 -27.84 -19.27
N THR A 258 15.06 -27.66 -19.23
CA THR A 258 14.18 -27.63 -20.43
C THR A 258 14.75 -26.61 -21.43
N TYR A 259 14.93 -25.36 -21.00
CA TYR A 259 15.39 -24.22 -21.85
C TYR A 259 16.71 -24.56 -22.52
N LEU A 260 17.70 -25.02 -21.75
CA LEU A 260 19.09 -25.28 -22.22
C LEU A 260 19.09 -26.42 -23.23
N HIS A 261 18.27 -27.44 -23.03
CA HIS A 261 18.14 -28.61 -23.95
C HIS A 261 17.68 -28.14 -25.33
N GLN A 262 16.78 -27.15 -25.40
CA GLN A 262 16.29 -26.54 -26.66
C GLN A 262 17.35 -25.59 -27.23
N LEU A 263 17.91 -24.72 -26.39
CA LEU A 263 18.91 -23.69 -26.78
C LEU A 263 20.10 -24.36 -27.45
N TYR A 264 20.64 -25.43 -26.85
CA TYR A 264 21.92 -26.07 -27.26
C TYR A 264 21.66 -27.29 -28.15
N ASP A 265 20.40 -27.52 -28.55
CA ASP A 265 20.00 -28.66 -29.42
C ASP A 265 20.77 -28.60 -30.74
N GLY A 266 21.57 -29.63 -31.03
CA GLY A 266 22.39 -29.73 -32.25
C GLY A 266 23.86 -29.41 -31.99
N PHE A 267 24.16 -28.66 -30.92
CA PHE A 267 25.53 -28.20 -30.58
C PHE A 267 26.17 -29.12 -29.52
N GLY A 268 25.36 -29.94 -28.84
CA GLY A 268 25.82 -30.99 -27.91
C GLY A 268 26.50 -30.43 -26.68
N LEU A 269 26.06 -29.26 -26.20
CA LEU A 269 26.64 -28.55 -25.02
C LEU A 269 25.75 -28.74 -23.78
N ALA A 270 24.44 -28.94 -23.98
CA ALA A 270 23.38 -28.91 -22.94
C ALA A 270 23.87 -29.58 -21.64
N ASP A 271 24.43 -30.79 -21.74
CA ASP A 271 24.85 -31.62 -20.58
C ASP A 271 25.84 -30.83 -19.73
N GLU A 272 26.95 -30.39 -20.33
CA GLU A 272 28.04 -29.61 -19.66
C GLU A 272 27.46 -28.31 -19.10
N ALA A 273 26.65 -27.59 -19.87
CA ALA A 273 26.03 -26.30 -19.50
C ALA A 273 25.13 -26.48 -18.27
N ILE A 274 24.37 -27.58 -18.20
CA ILE A 274 23.45 -27.91 -17.08
C ILE A 274 24.29 -28.23 -15.83
N ARG A 275 25.41 -28.92 -15.98
CA ARG A 275 26.33 -29.28 -14.86
C ARG A 275 26.94 -27.99 -14.30
N PHE A 276 27.37 -27.07 -15.16
CA PHE A 276 27.86 -25.70 -14.81
C PHE A 276 26.76 -24.97 -14.03
N SER A 277 25.51 -25.08 -14.50
CA SER A 277 24.32 -24.45 -13.90
C SER A 277 24.14 -24.93 -12.45
N LEU A 278 24.29 -26.24 -12.21
CA LEU A 278 24.05 -26.87 -10.89
C LEU A 278 25.22 -26.59 -9.94
N TYR A 279 26.45 -26.49 -10.47
CA TYR A 279 27.65 -26.02 -9.70
C TYR A 279 27.31 -24.67 -9.07
N ASN A 280 26.64 -23.78 -9.82
CA ASN A 280 26.27 -22.42 -9.39
C ASN A 280 24.98 -22.46 -8.55
N ALA A 281 24.09 -23.43 -8.78
CA ALA A 281 22.90 -23.70 -7.93
C ALA A 281 23.36 -24.04 -6.52
N GLY A 282 24.41 -24.87 -6.40
CA GLY A 282 25.06 -25.20 -5.12
C GLY A 282 25.61 -23.96 -4.43
N LYS A 283 26.23 -23.07 -5.21
CA LYS A 283 26.83 -21.81 -4.67
C LYS A 283 25.70 -20.87 -4.22
N PHE A 284 24.61 -20.79 -5.00
CA PHE A 284 23.38 -20.05 -4.63
C PHE A 284 22.89 -20.50 -3.25
N LEU A 285 22.84 -21.81 -3.01
CA LEU A 285 22.34 -22.39 -1.72
C LEU A 285 23.27 -21.99 -0.57
N GLN A 286 24.59 -22.04 -0.79
CA GLN A 286 25.63 -21.73 0.23
C GLN A 286 25.55 -20.24 0.61
N ASN A 287 25.26 -19.36 -0.36
CA ASN A 287 25.14 -17.89 -0.16
C ASN A 287 23.89 -17.55 0.65
N LEU A 288 22.92 -18.48 0.72
CA LEU A 288 21.68 -18.32 1.54
C LEU A 288 21.84 -19.06 2.88
N GLY A 289 22.94 -19.82 3.05
CA GLY A 289 23.32 -20.47 4.32
C GLY A 289 22.89 -21.93 4.39
N TYR A 290 22.54 -22.55 3.26
CA TYR A 290 22.15 -23.98 3.15
C TYR A 290 23.28 -24.75 2.46
N GLU A 291 23.46 -26.01 2.84
CA GLU A 291 24.50 -26.92 2.26
C GLU A 291 24.13 -27.23 0.82
N SER A 292 25.14 -27.47 -0.03
CA SER A 292 24.97 -27.98 -1.42
C SER A 292 24.72 -29.49 -1.37
N PRO A 293 23.54 -29.97 -1.83
CA PRO A 293 23.27 -31.41 -1.91
C PRO A 293 23.77 -32.05 -3.21
N PHE A 294 24.33 -31.24 -4.12
CA PHE A 294 24.76 -31.66 -5.48
C PHE A 294 26.07 -32.43 -5.37
N THR A 295 26.16 -33.54 -6.10
CA THR A 295 27.34 -34.44 -6.15
C THR A 295 28.41 -33.85 -7.07
N LYS A 296 29.62 -34.41 -7.04
CA LYS A 296 30.76 -34.00 -7.90
C LYS A 296 30.45 -34.33 -9.37
N GLU A 297 29.70 -35.42 -9.63
CA GLU A 297 29.34 -35.87 -11.00
C GLU A 297 28.35 -34.89 -11.63
N GLU A 298 27.38 -34.41 -10.84
CA GLU A 298 26.29 -33.48 -11.30
C GLU A 298 26.87 -32.09 -11.64
N THR A 299 28.00 -31.70 -11.04
CA THR A 299 28.52 -30.30 -11.07
C THR A 299 29.88 -30.20 -11.77
N ARG A 300 30.44 -31.32 -12.26
CA ARG A 300 31.78 -31.34 -12.93
C ARG A 300 31.66 -30.75 -14.33
N ILE A 301 32.57 -29.85 -14.70
CA ILE A 301 32.80 -29.41 -16.11
C ILE A 301 34.30 -29.51 -16.43
N ALA A 302 34.61 -29.56 -17.73
CA ALA A 302 35.99 -29.69 -18.27
C ALA A 302 36.87 -28.61 -17.67
N PRO A 303 38.07 -28.97 -17.14
CA PRO A 303 39.03 -28.00 -16.61
C PRO A 303 39.34 -26.80 -17.52
N GLU A 304 39.52 -27.04 -18.82
CA GLU A 304 39.89 -26.00 -19.82
C GLU A 304 38.78 -24.93 -19.86
N VAL A 305 37.53 -25.32 -19.61
CA VAL A 305 36.34 -24.41 -19.59
C VAL A 305 36.29 -23.68 -18.24
N PHE A 306 36.62 -24.38 -17.16
CA PHE A 306 36.61 -23.85 -15.76
C PHE A 306 37.77 -22.86 -15.58
N ALA A 307 38.88 -23.08 -16.28
CA ALA A 307 40.09 -22.22 -16.26
C ALA A 307 39.76 -20.84 -16.86
N GLN A 308 38.82 -20.78 -17.80
CA GLN A 308 38.33 -19.50 -18.40
C GLN A 308 37.60 -18.68 -17.34
N LEU A 309 36.95 -19.33 -16.38
CA LEU A 309 36.29 -18.68 -15.23
C LEU A 309 37.37 -18.22 -14.24
N SER A 310 38.16 -19.17 -13.72
CA SER A 310 39.29 -18.94 -12.77
C SER A 310 40.44 -19.90 -13.08
N ALA A 311 41.64 -19.36 -13.32
CA ALA A 311 42.89 -20.12 -13.59
C ALA A 311 43.57 -20.55 -12.28
N ARG A 312 43.13 -20.02 -11.13
CA ARG A 312 43.71 -20.32 -9.79
C ARG A 312 43.11 -21.61 -9.21
N ALA A 313 42.03 -22.14 -9.81
CA ALA A 313 41.37 -23.39 -9.42
C ALA A 313 41.98 -24.56 -10.21
N ASP A 339 51.35 -2.59 5.86
CA ASP A 339 50.68 -3.25 7.01
C ASP A 339 51.48 -4.49 7.43
N TRP A 340 52.03 -5.25 6.48
CA TRP A 340 53.00 -6.36 6.74
C TRP A 340 54.26 -5.79 7.41
N ASP A 341 54.68 -6.38 8.55
CA ASP A 341 55.83 -5.94 9.37
C ASP A 341 57.11 -6.67 8.94
N PHE A 342 56.98 -7.87 8.35
CA PHE A 342 58.09 -8.78 7.99
C PHE A 342 58.04 -9.08 6.48
N ASN B 9 6.43 -7.96 -36.47
CA ASN B 9 7.53 -7.17 -35.84
C ASN B 9 7.54 -7.43 -34.33
N TYR B 10 8.63 -8.03 -33.81
CA TYR B 10 8.75 -8.55 -32.43
C TYR B 10 8.36 -7.46 -31.41
N TYR B 11 8.82 -6.21 -31.64
CA TYR B 11 8.71 -5.09 -30.67
C TYR B 11 7.24 -4.77 -30.40
N ASP B 12 6.40 -4.79 -31.44
CA ASP B 12 5.00 -4.29 -31.39
C ASP B 12 4.09 -5.33 -30.73
N ARG B 13 4.48 -6.61 -30.72
CA ARG B 13 3.68 -7.73 -30.16
C ARG B 13 4.36 -8.31 -28.92
N SER B 14 5.11 -7.48 -28.18
CA SER B 14 5.77 -7.83 -26.89
C SER B 14 5.87 -6.58 -26.02
N VAL B 15 6.31 -6.75 -24.76
CA VAL B 15 6.38 -5.67 -23.74
C VAL B 15 7.71 -5.77 -23.00
N SER B 16 8.18 -4.66 -22.42
CA SER B 16 9.31 -4.65 -21.46
C SER B 16 8.89 -5.43 -20.21
N PRO B 17 9.82 -6.16 -19.55
CA PRO B 17 9.52 -6.81 -18.27
C PRO B 17 8.75 -5.92 -17.28
N VAL B 18 9.13 -4.65 -17.14
CA VAL B 18 8.51 -3.74 -16.13
C VAL B 18 7.03 -3.54 -16.50
N GLU B 19 6.70 -3.52 -17.79
CA GLU B 19 5.29 -3.42 -18.26
C GLU B 19 4.59 -4.76 -17.98
N TYR B 20 5.25 -5.89 -18.23
CA TYR B 20 4.72 -7.25 -17.92
C TYR B 20 4.43 -7.38 -16.42
N ALA B 21 5.30 -6.83 -15.57
CA ALA B 21 5.28 -7.03 -14.09
C ALA B 21 4.13 -6.24 -13.46
N TYR B 22 3.82 -5.04 -13.95
CA TYR B 22 2.96 -4.04 -13.25
C TYR B 22 1.68 -3.70 -14.02
N PHE B 23 1.60 -3.97 -15.33
CA PHE B 23 0.45 -3.52 -16.17
C PHE B 23 -0.23 -4.70 -16.87
N ASP B 24 0.51 -5.49 -17.69
CA ASP B 24 -0.11 -6.45 -18.64
C ASP B 24 0.71 -7.76 -18.71
N GLN B 25 0.22 -8.82 -18.07
CA GLN B 25 0.84 -10.19 -18.11
C GLN B 25 0.33 -10.97 -19.34
N SER B 26 -0.34 -10.30 -20.28
CA SER B 26 -1.04 -10.90 -21.45
C SER B 26 -0.02 -11.29 -22.53
N GLN B 27 0.95 -10.42 -22.81
CA GLN B 27 1.93 -10.57 -23.91
C GLN B 27 3.27 -11.02 -23.33
N ASN B 28 4.14 -11.62 -24.15
CA ASN B 28 5.49 -12.10 -23.76
C ASN B 28 6.45 -10.90 -23.68
N MET B 29 7.59 -11.08 -23.00
CA MET B 29 8.58 -9.99 -22.71
C MET B 29 9.68 -9.96 -23.76
N ARG B 30 10.19 -8.76 -24.06
CA ARG B 30 11.35 -8.53 -24.96
C ARG B 30 12.53 -7.99 -24.13
N ALA B 31 13.73 -8.50 -24.42
CA ALA B 31 15.03 -7.97 -23.93
C ALA B 31 15.22 -6.55 -24.50
N ILE B 32 15.85 -5.66 -23.72
CA ILE B 32 16.21 -4.29 -24.21
C ILE B 32 16.97 -4.44 -25.53
N ASN B 33 16.64 -3.60 -26.51
CA ASN B 33 17.35 -3.51 -27.81
C ASN B 33 18.13 -2.19 -27.85
N TRP B 34 19.45 -2.27 -27.65
CA TRP B 34 20.38 -1.11 -27.71
C TRP B 34 20.86 -0.88 -29.15
N ASN B 35 20.62 -1.82 -30.05
CA ASN B 35 21.10 -1.81 -31.47
C ASN B 35 20.10 -1.04 -32.36
N LYS B 36 18.82 -1.10 -32.05
CA LYS B 36 17.74 -0.34 -32.75
C LYS B 36 17.02 0.50 -31.68
N ILE B 37 17.37 1.78 -31.59
CA ILE B 37 16.96 2.72 -30.49
C ILE B 37 15.77 3.56 -30.98
N VAL B 38 14.73 3.68 -30.15
CA VAL B 38 13.50 4.47 -30.47
C VAL B 38 13.83 5.96 -30.45
N ASP B 39 14.63 6.41 -29.49
CA ASP B 39 14.91 7.86 -29.26
C ASP B 39 16.41 8.05 -29.01
N GLU B 40 17.10 8.75 -29.93
CA GLU B 40 18.57 8.96 -29.90
C GLU B 40 18.96 9.80 -28.68
N LYS B 41 18.04 10.63 -28.17
CA LYS B 41 18.23 11.46 -26.97
C LYS B 41 18.54 10.58 -25.76
N ASP B 42 17.90 9.41 -25.64
CA ASP B 42 18.16 8.44 -24.55
C ASP B 42 19.63 8.02 -24.60
N LEU B 43 20.16 7.71 -25.79
CA LEU B 43 21.56 7.26 -25.97
C LEU B 43 22.50 8.40 -25.61
N GLU B 44 22.15 9.64 -25.97
CA GLU B 44 22.95 10.87 -25.70
C GLU B 44 23.09 11.03 -24.17
N VAL B 45 21.96 10.96 -23.44
CA VAL B 45 21.91 11.11 -21.96
C VAL B 45 22.63 9.93 -21.28
N TRP B 46 22.43 8.70 -21.78
CA TRP B 46 23.10 7.49 -21.23
C TRP B 46 24.62 7.67 -21.26
N ASN B 47 25.16 7.96 -22.44
CA ASN B 47 26.61 8.16 -22.69
C ASN B 47 27.13 9.27 -21.77
N ARG B 48 26.40 10.38 -21.64
CA ARG B 48 26.81 11.53 -20.80
C ARG B 48 26.86 11.12 -19.32
N VAL B 49 25.78 10.62 -18.73
CA VAL B 49 25.70 10.35 -17.26
C VAL B 49 26.71 9.25 -16.90
N THR B 50 26.93 8.26 -17.77
CA THR B 50 27.84 7.11 -17.52
C THR B 50 29.31 7.53 -17.67
N GLN B 51 29.61 8.45 -18.61
CA GLN B 51 30.99 8.98 -18.82
C GLN B 51 31.35 9.93 -17.67
N ASN B 52 30.33 10.56 -17.06
CA ASN B 52 30.48 11.55 -15.97
C ASN B 52 30.49 10.86 -14.61
N PHE B 53 30.47 9.53 -14.55
CA PHE B 53 30.61 8.77 -13.28
C PHE B 53 31.77 9.35 -12.47
N TRP B 54 31.52 9.63 -11.20
CA TRP B 54 32.54 10.10 -10.23
C TRP B 54 32.24 9.50 -8.86
N LEU B 55 33.21 9.56 -7.95
CA LEU B 55 33.04 9.16 -6.54
C LEU B 55 33.66 10.25 -5.65
N PRO B 56 33.00 10.62 -4.53
CA PRO B 56 33.53 11.65 -3.63
C PRO B 56 34.86 11.25 -3.00
N GLU B 57 35.08 9.94 -2.80
CA GLU B 57 36.31 9.33 -2.24
C GLU B 57 37.53 9.70 -3.11
N ASN B 58 37.32 10.31 -4.28
CA ASN B 58 38.39 10.65 -5.26
C ASN B 58 38.61 12.16 -5.32
N ILE B 59 37.96 12.94 -4.45
CA ILE B 59 38.15 14.42 -4.29
C ILE B 59 38.54 14.68 -2.83
N PRO B 60 39.83 14.82 -2.50
CA PRO B 60 40.25 15.03 -1.12
C PRO B 60 39.93 16.45 -0.63
N VAL B 61 39.06 16.56 0.38
CA VAL B 61 38.64 17.85 0.99
C VAL B 61 39.57 18.19 2.16
N SER B 62 40.64 17.41 2.38
CA SER B 62 41.71 17.69 3.37
C SER B 62 42.20 19.14 3.24
N ASN B 63 42.33 19.64 2.01
CA ASN B 63 42.84 21.01 1.71
C ASN B 63 41.80 22.08 2.08
N ASP B 64 40.60 21.67 2.54
CA ASP B 64 39.57 22.62 3.06
C ASP B 64 39.70 22.78 4.58
N LEU B 65 40.54 21.97 5.25
CA LEU B 65 40.72 22.04 6.73
C LEU B 65 41.15 23.45 7.14
N PRO B 66 42.16 24.08 6.51
CA PRO B 66 42.56 25.45 6.89
C PRO B 66 41.38 26.42 6.94
N SER B 67 40.63 26.56 5.84
CA SER B 67 39.52 27.53 5.69
C SER B 67 38.35 27.15 6.61
N TRP B 68 38.14 25.84 6.86
CA TRP B 68 37.09 25.29 7.74
C TRP B 68 37.37 25.68 9.20
N ASN B 69 38.62 25.55 9.64
CA ASN B 69 39.06 25.85 11.03
C ASN B 69 38.94 27.37 11.31
N GLU B 70 39.10 28.21 10.29
CA GLU B 70 39.00 29.69 10.39
C GLU B 70 37.53 30.12 10.57
N LEU B 71 36.57 29.26 10.21
CA LEU B 71 35.12 29.48 10.46
C LEU B 71 34.82 29.26 11.94
N ASP B 72 33.90 30.04 12.52
CA ASP B 72 33.46 29.89 13.93
C ASP B 72 32.28 28.92 13.98
N ASP B 73 32.14 28.21 15.11
CA ASP B 73 31.20 27.07 15.32
C ASP B 73 29.80 27.39 14.77
N ASP B 74 29.38 28.66 14.84
CA ASP B 74 28.14 29.21 14.25
C ASP B 74 27.99 28.71 12.80
N TRP B 75 29.01 28.94 11.97
CA TRP B 75 29.03 28.65 10.51
C TRP B 75 29.26 27.16 10.26
N GLN B 76 30.11 26.52 11.06
CA GLN B 76 30.43 25.07 10.95
C GLN B 76 29.14 24.25 11.11
N GLN B 77 28.26 24.69 12.03
CA GLN B 77 26.95 24.05 12.31
C GLN B 77 25.99 24.35 11.16
N LEU B 78 26.01 25.56 10.60
CA LEU B 78 25.15 25.92 9.44
C LEU B 78 25.44 24.95 8.29
N ILE B 79 26.72 24.79 7.94
CA ILE B 79 27.18 23.93 6.81
C ILE B 79 26.72 22.48 7.04
N THR B 80 27.04 21.91 8.20
CA THR B 80 26.71 20.50 8.56
C THR B 80 25.20 20.29 8.48
N ARG B 81 24.41 21.25 8.98
CA ARG B 81 22.92 21.19 8.98
C ARG B 81 22.42 21.29 7.53
N THR B 82 22.83 22.32 6.80
CA THR B 82 22.46 22.55 5.38
C THR B 82 22.68 21.25 4.59
N PHE B 83 23.89 20.69 4.69
CA PHE B 83 24.39 19.55 3.86
C PHE B 83 23.67 18.25 4.25
N THR B 84 23.34 18.09 5.54
CA THR B 84 22.59 16.92 6.09
C THR B 84 21.12 17.02 5.63
N GLY B 85 20.61 18.24 5.46
CA GLY B 85 19.30 18.50 4.81
C GLY B 85 19.30 18.06 3.36
N LEU B 86 20.33 18.45 2.60
CA LEU B 86 20.51 18.07 1.17
C LEU B 86 20.61 16.53 1.08
N THR B 87 21.33 15.91 2.03
CA THR B 87 21.50 14.44 2.16
C THR B 87 20.11 13.77 2.22
N LEU B 88 19.17 14.37 2.97
CA LEU B 88 17.80 13.81 3.10
C LEU B 88 17.12 13.79 1.73
N LEU B 89 17.16 14.92 1.02
CA LEU B 89 16.50 15.10 -0.30
C LEU B 89 17.09 14.09 -1.30
N ASP B 90 18.41 13.92 -1.30
CA ASP B 90 19.10 12.94 -2.19
C ASP B 90 18.69 11.52 -1.80
N THR B 91 18.52 11.23 -0.51
CA THR B 91 18.09 9.90 0.01
C THR B 91 16.65 9.64 -0.47
N VAL B 92 15.78 10.64 -0.38
CA VAL B 92 14.37 10.57 -0.86
C VAL B 92 14.38 10.20 -2.35
N GLN B 93 15.20 10.90 -3.13
CA GLN B 93 15.21 10.78 -4.62
C GLN B 93 15.86 9.44 -5.02
N SER B 94 16.88 9.00 -4.30
CA SER B 94 17.65 7.77 -4.62
C SER B 94 16.84 6.51 -4.29
N SER B 95 16.09 6.50 -3.19
CA SER B 95 15.40 5.29 -2.65
C SER B 95 13.94 5.21 -3.11
N ILE B 96 13.33 6.33 -3.54
CA ILE B 96 11.89 6.43 -3.93
C ILE B 96 11.76 7.03 -5.33
N GLY B 97 12.19 8.27 -5.51
CA GLY B 97 11.80 9.16 -6.61
C GLY B 97 12.16 8.61 -7.98
N ASP B 98 13.44 8.33 -8.21
CA ASP B 98 13.98 7.99 -9.55
C ASP B 98 13.61 6.54 -9.91
N VAL B 99 13.61 5.63 -8.93
CA VAL B 99 13.26 4.19 -9.15
C VAL B 99 11.78 4.07 -9.54
N ALA B 100 10.92 4.95 -9.02
CA ALA B 100 9.45 4.97 -9.28
C ALA B 100 9.18 5.34 -10.74
N GLN B 101 10.07 6.11 -11.37
CA GLN B 101 9.93 6.57 -12.78
C GLN B 101 10.09 5.38 -13.73
N ILE B 102 10.88 4.37 -13.34
CA ILE B 102 11.29 3.23 -14.21
C ILE B 102 10.07 2.63 -14.90
N LYS B 103 8.99 2.35 -14.16
CA LYS B 103 7.82 1.58 -14.68
C LYS B 103 6.95 2.45 -15.59
N ASN B 104 7.10 3.78 -15.55
CA ASN B 104 6.31 4.75 -16.36
C ASN B 104 7.15 5.28 -17.54
N SER B 105 8.15 4.52 -17.99
CA SER B 105 9.08 4.89 -19.10
C SER B 105 8.39 4.78 -20.46
N LEU B 106 8.69 5.71 -21.38
CA LEU B 106 8.26 5.66 -22.81
C LEU B 106 9.12 4.64 -23.58
N THR B 107 10.39 4.48 -23.22
CA THR B 107 11.37 3.64 -23.98
C THR B 107 12.12 2.70 -23.03
N GLU B 108 12.78 1.70 -23.60
CA GLU B 108 13.57 0.67 -22.86
C GLU B 108 14.77 1.32 -22.16
N GLN B 109 15.49 2.21 -22.86
CA GLN B 109 16.74 2.85 -22.37
C GLN B 109 16.42 3.80 -21.21
N GLU B 110 15.23 4.39 -21.20
CA GLU B 110 14.73 5.28 -20.11
C GLU B 110 14.69 4.52 -18.78
N GLN B 111 14.37 3.22 -18.81
CA GLN B 111 14.32 2.34 -17.63
C GLN B 111 15.71 2.23 -17.01
N VAL B 112 16.74 2.15 -17.85
CA VAL B 112 18.16 1.93 -17.43
C VAL B 112 18.75 3.28 -16.97
N ILE B 113 18.34 4.38 -17.60
CA ILE B 113 18.84 5.75 -17.26
C ILE B 113 18.36 6.11 -15.85
N TYR B 114 17.10 5.86 -15.51
CA TYR B 114 16.54 6.21 -14.17
C TYR B 114 17.21 5.34 -13.08
N ALA B 115 17.63 4.11 -13.42
CA ALA B 115 18.47 3.24 -12.55
C ALA B 115 19.82 3.93 -12.30
N ASN B 116 20.41 4.52 -13.34
CA ASN B 116 21.68 5.30 -13.23
C ASN B 116 21.43 6.50 -12.30
N PHE B 117 20.33 7.22 -12.50
CA PHE B 117 19.95 8.43 -11.70
C PHE B 117 19.87 8.05 -10.21
N ALA B 118 19.06 7.03 -9.89
CA ALA B 118 18.87 6.52 -8.51
C ALA B 118 20.26 6.31 -7.87
N PHE B 119 21.15 5.57 -8.53
CA PHE B 119 22.51 5.25 -8.04
C PHE B 119 23.33 6.54 -7.85
N MET B 120 23.39 7.40 -8.86
CA MET B 120 24.27 8.60 -8.85
C MET B 120 23.78 9.60 -7.80
N VAL B 121 22.46 9.74 -7.61
CA VAL B 121 21.89 10.59 -6.52
C VAL B 121 22.23 9.97 -5.16
N GLY B 122 22.42 8.65 -5.10
CA GLY B 122 22.97 7.96 -3.93
C GLY B 122 24.42 8.36 -3.67
N VAL B 123 25.21 8.48 -4.74
CA VAL B 123 26.63 8.95 -4.70
C VAL B 123 26.64 10.39 -4.19
N HIS B 124 25.64 11.20 -4.59
CA HIS B 124 25.45 12.59 -4.11
C HIS B 124 25.30 12.61 -2.59
N ALA B 125 24.35 11.85 -2.05
CA ALA B 125 24.06 11.77 -0.60
C ALA B 125 25.33 11.35 0.14
N ARG B 126 26.03 10.35 -0.38
CA ARG B 126 27.26 9.75 0.21
C ARG B 126 28.40 10.80 0.25
N SER B 127 28.45 11.70 -0.74
CA SER B 127 29.54 12.68 -0.92
C SER B 127 29.59 13.63 0.29
N TYR B 128 28.43 14.03 0.80
CA TYR B 128 28.31 14.88 2.02
C TYR B 128 28.96 14.17 3.21
N GLY B 129 28.80 12.83 3.29
CA GLY B 129 29.40 11.97 4.31
C GLY B 129 30.93 12.01 4.32
N THR B 130 31.56 12.02 3.14
CA THR B 130 33.05 12.05 2.99
C THR B 130 33.58 13.45 3.36
N ILE B 131 32.75 14.49 3.21
CA ILE B 131 33.08 15.88 3.64
C ILE B 131 33.10 15.92 5.17
N PHE B 132 32.04 15.44 5.81
CA PHE B 132 31.85 15.43 7.29
C PHE B 132 32.98 14.60 7.94
N SER B 133 33.31 13.47 7.32
CA SER B 133 34.32 12.48 7.80
C SER B 133 35.71 13.14 7.93
N THR B 134 35.97 14.21 7.16
CA THR B 134 37.26 14.96 7.11
C THR B 134 37.20 16.20 8.01
N LEU B 135 36.12 16.99 7.91
CA LEU B 135 36.02 18.35 8.53
C LEU B 135 35.32 18.31 9.89
N CYS B 136 34.27 17.51 10.05
CA CYS B 136 33.31 17.58 11.19
C CYS B 136 33.70 16.62 12.32
N THR B 137 33.31 16.96 13.54
CA THR B 137 33.43 16.11 14.76
C THR B 137 32.18 15.22 14.88
N SER B 138 32.31 14.08 15.55
CA SER B 138 31.22 13.11 15.84
C SER B 138 29.97 13.84 16.35
N GLU B 139 30.18 14.86 17.19
CA GLU B 139 29.14 15.67 17.87
C GLU B 139 28.43 16.56 16.84
N GLN B 140 29.18 17.26 15.99
CA GLN B 140 28.64 18.16 14.93
C GLN B 140 27.74 17.37 13.96
N ILE B 141 28.14 16.12 13.64
CA ILE B 141 27.44 15.19 12.71
C ILE B 141 26.09 14.78 13.32
N GLU B 142 26.09 14.29 14.57
CA GLU B 142 24.89 13.73 15.24
C GLU B 142 23.87 14.86 15.49
N GLU B 143 24.35 16.05 15.85
CA GLU B 143 23.48 17.23 16.14
C GLU B 143 22.72 17.62 14.86
N ALA B 144 23.41 17.58 13.71
CA ALA B 144 22.85 17.96 12.39
C ALA B 144 21.76 16.95 11.99
N HIS B 145 21.96 15.66 12.28
CA HIS B 145 20.96 14.59 12.08
C HIS B 145 19.74 14.82 12.97
N GLU B 146 19.95 15.03 14.28
CA GLU B 146 18.89 15.35 15.27
C GLU B 146 18.09 16.56 14.78
N TRP B 147 18.81 17.62 14.38
CA TRP B 147 18.23 18.89 13.88
C TRP B 147 17.31 18.61 12.67
N VAL B 148 17.78 17.85 11.68
CA VAL B 148 17.00 17.50 10.45
C VAL B 148 15.67 16.86 10.87
N VAL B 149 15.71 15.85 11.75
CA VAL B 149 14.54 15.04 12.19
C VAL B 149 13.46 15.95 12.79
N ASP B 150 13.85 16.91 13.64
CA ASP B 150 12.93 17.74 14.46
C ASP B 150 12.54 19.03 13.72
N ASN B 151 13.16 19.31 12.57
CA ASN B 151 12.91 20.54 11.77
C ASN B 151 11.68 20.32 10.88
N GLU B 152 10.51 20.86 11.29
CA GLU B 152 9.21 20.68 10.61
C GLU B 152 9.21 21.38 9.25
N ALA B 153 9.84 22.56 9.15
CA ALA B 153 9.94 23.38 7.92
C ALA B 153 10.70 22.60 6.84
N LEU B 154 11.79 21.92 7.25
CA LEU B 154 12.62 21.07 6.36
C LEU B 154 11.79 19.87 5.89
N GLN B 155 11.23 19.10 6.84
CA GLN B 155 10.50 17.83 6.60
C GLN B 155 9.30 18.06 5.66
N ALA B 156 8.65 19.23 5.77
CA ALA B 156 7.45 19.61 5.00
C ALA B 156 7.71 19.48 3.49
N ARG B 157 8.95 19.73 3.06
CA ARG B 157 9.33 19.78 1.62
C ARG B 157 9.30 18.39 1.00
N PRO B 158 10.10 17.39 1.48
CA PRO B 158 9.98 16.02 0.99
C PRO B 158 8.57 15.44 1.20
N LYS B 159 7.89 15.81 2.29
CA LYS B 159 6.57 15.26 2.68
C LYS B 159 5.51 15.61 1.63
N ALA B 160 5.68 16.73 0.92
CA ALA B 160 4.78 17.22 -0.15
C ALA B 160 5.04 16.47 -1.47
N LEU B 161 6.27 16.00 -1.72
CA LEU B 161 6.68 15.40 -3.03
C LEU B 161 6.42 13.89 -3.03
N ILE B 162 6.77 13.21 -1.93
CA ILE B 162 6.73 11.72 -1.82
C ILE B 162 5.37 11.18 -2.24
N PRO B 163 4.22 11.75 -1.78
CA PRO B 163 2.91 11.24 -2.18
C PRO B 163 2.71 11.11 -3.70
N PHE B 164 3.32 11.98 -4.50
CA PHE B 164 3.27 11.91 -5.99
C PHE B 164 4.01 10.67 -6.48
N TYR B 165 5.05 10.21 -5.77
CA TYR B 165 5.88 9.03 -6.14
C TYR B 165 5.12 7.73 -5.81
N THR B 166 4.33 7.71 -4.73
CA THR B 166 3.63 6.51 -4.21
C THR B 166 2.21 6.41 -4.80
N ALA B 167 1.62 7.53 -5.25
CA ALA B 167 0.31 7.59 -5.93
C ALA B 167 0.42 7.02 -7.35
N ASP B 168 -0.68 7.04 -8.10
CA ASP B 168 -0.84 6.27 -9.37
C ASP B 168 -0.94 7.22 -10.58
N ASP B 169 -0.61 8.50 -10.44
CA ASP B 169 -0.59 9.49 -11.55
C ASP B 169 0.84 9.62 -12.06
N PRO B 170 1.22 8.92 -13.17
CA PRO B 170 2.59 8.94 -13.68
C PRO B 170 3.13 10.35 -14.00
N LEU B 171 2.30 11.23 -14.55
CA LEU B 171 2.70 12.59 -14.98
C LEU B 171 3.07 13.44 -13.76
N LYS B 172 2.29 13.37 -12.69
CA LYS B 172 2.55 14.10 -11.42
C LYS B 172 3.81 13.54 -10.75
N SER B 173 4.03 12.23 -10.83
CA SER B 173 5.26 11.56 -10.34
C SER B 173 6.47 12.09 -11.11
N LYS B 174 6.32 12.29 -12.42
CA LYS B 174 7.36 12.83 -13.33
C LYS B 174 7.67 14.28 -12.94
N ILE B 175 6.64 15.10 -12.74
CA ILE B 175 6.77 16.55 -12.37
C ILE B 175 7.61 16.63 -11.09
N ALA B 176 7.22 15.88 -10.06
CA ALA B 176 7.91 15.80 -8.76
C ALA B 176 9.37 15.38 -8.96
N ALA B 177 9.63 14.40 -9.83
CA ALA B 177 10.97 13.85 -10.11
C ALA B 177 11.86 14.91 -10.77
N ALA B 178 11.28 15.79 -11.60
CA ALA B 178 11.97 16.92 -12.26
C ALA B 178 12.20 18.04 -11.25
N LEU B 179 11.27 18.21 -10.30
CA LEU B 179 11.23 19.34 -9.33
C LEU B 179 12.33 19.18 -8.27
N MET B 180 12.67 17.95 -7.86
CA MET B 180 13.70 17.70 -6.81
C MET B 180 15.07 18.18 -7.27
N PRO B 181 15.66 17.68 -8.39
CA PRO B 181 16.96 18.15 -8.84
C PRO B 181 16.88 19.50 -9.58
N GLY B 182 15.68 19.95 -9.93
CA GLY B 182 15.44 21.20 -10.68
C GLY B 182 15.37 22.42 -9.77
N PHE B 183 14.97 22.26 -8.50
CA PHE B 183 14.58 23.39 -7.61
C PHE B 183 15.04 23.19 -6.15
N LEU B 184 14.68 22.07 -5.51
CA LEU B 184 14.60 21.93 -4.03
C LEU B 184 15.96 22.16 -3.33
N LEU B 185 17.08 21.77 -3.94
CA LEU B 185 18.39 21.74 -3.24
C LEU B 185 19.18 23.05 -3.43
N TYR B 186 18.73 23.96 -4.30
CA TYR B 186 19.53 25.13 -4.74
C TYR B 186 19.65 26.15 -3.61
N GLY B 187 18.60 26.33 -2.79
CA GLY B 187 18.63 27.14 -1.56
C GLY B 187 19.80 26.79 -0.66
N GLY B 188 20.12 25.50 -0.55
CA GLY B 188 21.25 24.97 0.23
C GLY B 188 22.56 25.02 -0.54
N PHE B 189 22.53 24.85 -1.87
CA PHE B 189 23.73 24.88 -2.75
C PHE B 189 24.31 26.30 -2.79
N TYR B 190 23.49 27.33 -2.53
CA TYR B 190 23.94 28.74 -2.44
C TYR B 190 25.06 28.87 -1.41
N LEU B 191 24.97 28.17 -0.28
CA LEU B 191 25.90 28.30 0.87
C LEU B 191 27.34 28.00 0.43
N PRO B 192 27.67 26.80 -0.08
CA PRO B 192 29.06 26.48 -0.45
C PRO B 192 29.69 27.42 -1.48
N PHE B 193 28.87 27.93 -2.43
CA PHE B 193 29.29 28.88 -3.49
C PHE B 193 29.54 30.26 -2.87
N TYR B 194 28.73 30.66 -1.87
CA TYR B 194 28.91 31.90 -1.08
C TYR B 194 30.30 31.85 -0.41
N LEU B 195 30.65 30.68 0.12
CA LEU B 195 31.92 30.46 0.87
C LEU B 195 33.11 30.47 -0.09
N SER B 196 33.09 29.63 -1.13
CA SER B 196 34.22 29.44 -2.10
C SER B 196 34.51 30.76 -2.83
N ALA B 197 33.50 31.63 -2.98
CA ALA B 197 33.63 33.00 -3.55
C ALA B 197 34.50 33.89 -2.66
N ARG B 198 34.80 33.45 -1.43
CA ARG B 198 35.70 34.14 -0.45
C ARG B 198 36.90 33.24 -0.14
N GLY B 199 37.25 32.31 -1.04
CA GLY B 199 38.37 31.37 -0.88
C GLY B 199 38.18 30.35 0.24
N LYS B 200 36.94 30.18 0.72
CA LYS B 200 36.60 29.29 1.86
C LYS B 200 36.00 27.98 1.33
N LEU B 201 36.55 26.82 1.75
CA LEU B 201 36.03 25.46 1.43
C LEU B 201 36.00 25.24 -0.08
N PRO B 202 37.09 25.55 -0.84
CA PRO B 202 37.06 25.46 -2.30
C PRO B 202 36.90 24.03 -2.85
N ASN B 203 37.46 23.02 -2.17
CA ASN B 203 37.44 21.59 -2.57
C ASN B 203 36.02 21.03 -2.40
N THR B 204 35.29 21.49 -1.38
CA THR B 204 33.86 21.15 -1.13
C THR B 204 33.04 21.59 -2.34
N SER B 205 33.29 22.80 -2.86
CA SER B 205 32.59 23.38 -4.03
C SER B 205 32.81 22.54 -5.30
N ASP B 206 33.95 21.87 -5.41
CA ASP B 206 34.26 20.95 -6.54
C ASP B 206 33.31 19.75 -6.51
N ILE B 207 33.02 19.21 -5.31
CA ILE B 207 32.02 18.12 -5.13
C ILE B 207 30.64 18.66 -5.52
N ILE B 208 30.29 19.87 -5.09
CA ILE B 208 28.96 20.52 -5.35
C ILE B 208 28.79 20.73 -6.86
N ARG B 209 29.87 21.03 -7.58
CA ARG B 209 29.83 21.25 -9.06
C ARG B 209 29.66 19.91 -9.78
N LEU B 210 30.26 18.83 -9.28
CA LEU B 210 30.10 17.46 -9.86
C LEU B 210 28.66 16.98 -9.65
N ILE B 211 28.06 17.32 -8.50
CA ILE B 211 26.64 17.01 -8.17
C ILE B 211 25.74 17.71 -9.21
N LEU B 212 25.96 19.02 -9.43
CA LEU B 212 25.09 19.87 -10.29
C LEU B 212 25.23 19.46 -11.76
N ARG B 213 26.38 18.91 -12.15
CA ARG B 213 26.66 18.43 -13.54
C ARG B 213 25.79 17.19 -13.82
N ASP B 214 25.46 16.42 -12.78
CA ASP B 214 24.52 15.27 -12.84
C ASP B 214 23.08 15.81 -12.81
N LYS B 215 22.77 16.69 -11.86
CA LYS B 215 21.38 17.13 -11.54
C LYS B 215 20.79 17.94 -12.71
N VAL B 216 21.62 18.65 -13.48
CA VAL B 216 21.16 19.43 -14.67
C VAL B 216 20.53 18.45 -15.68
N ILE B 217 21.16 17.28 -15.86
CA ILE B 217 20.73 16.25 -16.86
C ILE B 217 19.50 15.50 -16.33
N HIS B 218 19.44 15.24 -15.02
CA HIS B 218 18.26 14.61 -14.36
C HIS B 218 17.03 15.48 -14.61
N ASN B 219 17.15 16.78 -14.33
CA ASN B 219 16.06 17.78 -14.44
C ASN B 219 15.65 17.90 -15.92
N PHE B 220 16.63 17.90 -16.83
CA PHE B 220 16.39 17.99 -18.29
C PHE B 220 15.62 16.75 -18.76
N TYR B 221 16.12 15.57 -18.41
CA TYR B 221 15.60 14.26 -18.90
C TYR B 221 14.14 14.11 -18.46
N SER B 222 13.85 14.35 -17.18
CA SER B 222 12.49 14.24 -16.59
C SER B 222 11.56 15.28 -17.23
N GLY B 223 12.02 16.53 -17.35
CA GLY B 223 11.28 17.60 -18.05
C GLY B 223 10.95 17.22 -19.49
N TYR B 224 11.88 16.56 -20.19
CA TYR B 224 11.78 16.13 -21.60
C TYR B 224 10.74 15.03 -21.76
N LYS B 225 10.78 14.01 -20.88
CA LYS B 225 9.85 12.86 -20.93
C LYS B 225 8.45 13.31 -20.52
N TYR B 226 8.35 14.24 -19.56
CA TYR B 226 7.08 14.90 -19.18
C TYR B 226 6.43 15.50 -20.42
N GLN B 227 7.20 16.28 -21.20
CA GLN B 227 6.71 17.03 -22.39
C GLN B 227 6.23 16.08 -23.49
N LEU B 228 6.91 14.94 -23.68
CA LEU B 228 6.55 13.94 -24.72
C LEU B 228 5.20 13.30 -24.37
N LYS B 229 4.89 13.12 -23.08
CA LYS B 229 3.62 12.50 -22.61
C LYS B 229 2.48 13.54 -22.62
N VAL B 230 2.73 14.75 -22.12
CA VAL B 230 1.70 15.83 -22.00
C VAL B 230 1.23 16.25 -23.40
N ALA B 231 2.09 16.18 -24.42
CA ALA B 231 1.77 16.57 -25.81
C ALA B 231 0.72 15.64 -26.44
N LYS B 232 0.54 14.42 -25.91
CA LYS B 232 -0.38 13.39 -26.45
C LYS B 232 -1.76 13.47 -25.76
N LEU B 233 -1.93 14.32 -24.75
CA LEU B 233 -3.22 14.56 -24.07
C LEU B 233 -3.99 15.66 -24.82
N SER B 234 -5.29 15.81 -24.52
CA SER B 234 -6.18 16.84 -25.12
C SER B 234 -5.72 18.23 -24.66
N PRO B 235 -6.08 19.32 -25.37
CA PRO B 235 -5.75 20.67 -24.94
C PRO B 235 -6.24 20.99 -23.52
N GLU B 236 -7.43 20.48 -23.16
CA GLU B 236 -8.08 20.67 -21.83
C GLU B 236 -7.14 20.13 -20.74
N LYS B 237 -6.66 18.89 -20.89
CA LYS B 237 -5.81 18.19 -19.89
C LYS B 237 -4.40 18.81 -19.86
N GLN B 238 -3.92 19.32 -20.99
CA GLN B 238 -2.61 20.03 -21.09
C GLN B 238 -2.67 21.32 -20.26
N ALA B 239 -3.77 22.08 -20.40
CA ALA B 239 -4.06 23.30 -19.60
C ALA B 239 -4.17 22.93 -18.11
N GLU B 240 -4.71 21.75 -17.81
CA GLU B 240 -4.89 21.21 -16.43
C GLU B 240 -3.51 20.97 -15.80
N MET B 241 -2.66 20.18 -16.47
CA MET B 241 -1.31 19.78 -15.98
C MET B 241 -0.42 21.01 -15.81
N LYS B 242 -0.51 21.98 -16.73
CA LYS B 242 0.22 23.27 -16.63
C LYS B 242 -0.19 23.97 -15.33
N GLN B 243 -1.50 24.13 -15.09
CA GLN B 243 -2.05 24.79 -13.88
C GLN B 243 -1.60 24.02 -12.62
N PHE B 244 -1.45 22.70 -12.72
CA PHE B 244 -0.93 21.84 -11.61
C PHE B 244 0.56 22.13 -11.37
N VAL B 245 1.38 22.09 -12.43
CA VAL B 245 2.85 22.35 -12.37
C VAL B 245 3.10 23.68 -11.66
N PHE B 246 2.36 24.73 -12.03
CA PHE B 246 2.51 26.11 -11.49
C PHE B 246 2.01 26.17 -10.03
N ASP B 247 0.91 25.47 -9.72
CA ASP B 247 0.33 25.39 -8.34
C ASP B 247 1.30 24.65 -7.42
N LEU B 248 1.80 23.48 -7.85
CA LEU B 248 2.76 22.65 -7.07
C LEU B 248 4.05 23.45 -6.83
N LEU B 249 4.51 24.20 -7.84
CA LEU B 249 5.74 25.03 -7.72
C LEU B 249 5.51 26.13 -6.67
N ASP B 250 4.38 26.85 -6.75
CA ASP B 250 4.00 27.94 -5.82
C ASP B 250 4.03 27.42 -4.38
N LYS B 251 3.42 26.25 -4.14
CA LYS B 251 3.42 25.57 -2.81
C LYS B 251 4.86 25.35 -2.36
N MET B 252 5.68 24.72 -3.21
CA MET B 252 7.06 24.28 -2.89
C MET B 252 7.97 25.49 -2.68
N ILE B 253 7.74 26.59 -3.42
CA ILE B 253 8.44 27.89 -3.22
C ILE B 253 8.07 28.42 -1.83
N GLY B 254 6.80 28.26 -1.43
CA GLY B 254 6.29 28.61 -0.08
C GLY B 254 7.08 27.90 1.01
N LEU B 255 7.16 26.57 0.93
CA LEU B 255 7.80 25.70 1.96
C LEU B 255 9.31 25.98 1.99
N GLU B 256 9.93 26.19 0.81
CA GLU B 256 11.37 26.48 0.66
C GLU B 256 11.70 27.79 1.39
N LYS B 257 10.96 28.87 1.11
CA LYS B 257 11.14 30.21 1.72
C LYS B 257 11.10 30.10 3.25
N THR B 258 10.06 29.46 3.80
CA THR B 258 9.90 29.20 5.26
C THR B 258 11.18 28.53 5.80
N TYR B 259 11.60 27.42 5.18
CA TYR B 259 12.75 26.59 5.62
C TYR B 259 14.06 27.40 5.55
N LEU B 260 14.30 28.11 4.45
CA LEU B 260 15.58 28.86 4.21
C LEU B 260 15.70 30.03 5.19
N HIS B 261 14.59 30.72 5.48
CA HIS B 261 14.53 31.87 6.43
C HIS B 261 14.91 31.42 7.84
N GLN B 262 14.58 30.19 8.24
CA GLN B 262 14.99 29.57 9.54
C GLN B 262 16.47 29.17 9.47
N LEU B 263 16.83 28.38 8.46
CA LEU B 263 18.21 27.85 8.23
C LEU B 263 19.23 28.98 8.31
N TYR B 264 18.98 30.10 7.61
CA TYR B 264 19.93 31.23 7.44
C TYR B 264 19.60 32.38 8.41
N ASP B 265 18.85 32.11 9.47
CA ASP B 265 18.49 33.10 10.52
C ASP B 265 19.75 33.44 11.33
N GLY B 266 20.15 34.72 11.34
CA GLY B 266 21.35 35.22 12.02
C GLY B 266 22.56 35.29 11.11
N PHE B 267 22.43 34.81 9.87
CA PHE B 267 23.47 34.83 8.81
C PHE B 267 23.06 35.78 7.68
N GLY B 268 21.76 36.06 7.55
CA GLY B 268 21.19 37.03 6.59
C GLY B 268 21.41 36.63 5.14
N LEU B 269 21.50 35.32 4.86
CA LEU B 269 21.73 34.77 3.51
C LEU B 269 20.40 34.36 2.85
N ALA B 270 19.29 34.46 3.59
CA ALA B 270 17.97 33.96 3.19
C ALA B 270 17.47 34.67 1.91
N ASP B 271 17.68 35.99 1.82
CA ASP B 271 17.16 36.83 0.71
C ASP B 271 17.87 36.47 -0.60
N GLU B 272 19.18 36.19 -0.54
CA GLU B 272 20.05 35.89 -1.72
C GLU B 272 19.83 34.43 -2.14
N ALA B 273 19.79 33.51 -1.18
CA ALA B 273 19.57 32.06 -1.38
C ALA B 273 18.21 31.82 -2.05
N ILE B 274 17.20 32.63 -1.69
CA ILE B 274 15.81 32.54 -2.24
C ILE B 274 15.80 33.02 -3.69
N ARG B 275 16.57 34.08 -4.01
CA ARG B 275 16.70 34.61 -5.40
C ARG B 275 17.35 33.52 -6.28
N PHE B 276 18.42 32.89 -5.79
CA PHE B 276 19.13 31.78 -6.46
C PHE B 276 18.19 30.58 -6.62
N SER B 277 17.31 30.37 -5.64
CA SER B 277 16.28 29.28 -5.65
C SER B 277 15.23 29.58 -6.72
N LEU B 278 14.78 30.84 -6.83
CA LEU B 278 13.76 31.27 -7.83
C LEU B 278 14.36 31.22 -9.25
N TYR B 279 15.64 31.59 -9.39
CA TYR B 279 16.40 31.48 -10.66
C TYR B 279 16.31 30.04 -11.19
N ASN B 280 16.46 29.06 -10.29
CA ASN B 280 16.41 27.61 -10.63
C ASN B 280 14.95 27.17 -10.80
N ALA B 281 14.00 27.78 -10.08
CA ALA B 281 12.54 27.58 -10.28
C ALA B 281 12.15 27.97 -11.72
N GLY B 282 12.67 29.10 -12.20
CA GLY B 282 12.46 29.59 -13.58
C GLY B 282 12.99 28.61 -14.60
N LYS B 283 14.17 28.01 -14.34
CA LYS B 283 14.81 27.00 -15.22
C LYS B 283 14.03 25.68 -15.15
N PHE B 284 13.54 25.29 -13.97
CA PHE B 284 12.69 24.09 -13.77
C PHE B 284 11.49 24.16 -14.72
N LEU B 285 10.76 25.29 -14.68
CA LEU B 285 9.58 25.56 -15.54
C LEU B 285 9.96 25.41 -17.02
N GLN B 286 11.11 25.98 -17.41
CA GLN B 286 11.62 25.98 -18.81
C GLN B 286 11.90 24.54 -19.26
N ASN B 287 12.42 23.69 -18.36
CA ASN B 287 12.77 22.27 -18.66
C ASN B 287 11.49 21.46 -18.92
N LEU B 288 10.34 21.92 -18.42
CA LEU B 288 9.01 21.29 -18.64
C LEU B 288 8.31 21.96 -19.83
N GLY B 289 8.87 23.06 -20.35
CA GLY B 289 8.43 23.72 -21.58
C GLY B 289 7.49 24.89 -21.35
N TYR B 290 7.53 25.47 -20.14
CA TYR B 290 6.71 26.64 -19.72
C TYR B 290 7.63 27.85 -19.48
N GLU B 291 7.09 29.06 -19.61
CA GLU B 291 7.84 30.34 -19.48
C GLU B 291 7.99 30.70 -18.00
N SER B 292 9.21 31.09 -17.59
CA SER B 292 9.53 31.66 -16.26
C SER B 292 8.77 32.96 -16.08
N PRO B 293 7.89 33.07 -15.05
CA PRO B 293 7.17 34.31 -14.77
C PRO B 293 7.89 35.23 -13.76
N PHE B 294 9.15 34.92 -13.43
CA PHE B 294 9.98 35.65 -12.42
C PHE B 294 10.82 36.71 -13.13
N THR B 295 10.85 37.94 -12.58
CA THR B 295 11.62 39.10 -13.13
C THR B 295 13.11 38.77 -13.09
N LYS B 296 13.91 39.44 -13.92
CA LYS B 296 15.39 39.31 -13.91
C LYS B 296 15.92 39.73 -12.53
N GLU B 297 15.37 40.82 -11.97
CA GLU B 297 15.77 41.38 -10.65
C GLU B 297 15.43 40.38 -9.53
N GLU B 298 14.24 39.79 -9.56
CA GLU B 298 13.70 38.90 -8.49
C GLU B 298 14.55 37.64 -8.33
N THR B 299 15.39 37.32 -9.33
CA THR B 299 16.20 36.07 -9.42
C THR B 299 17.71 36.37 -9.53
N ARG B 300 18.13 37.62 -9.31
CA ARG B 300 19.55 38.06 -9.52
C ARG B 300 20.38 37.72 -8.29
N ILE B 301 21.61 37.23 -8.52
CA ILE B 301 22.58 36.76 -7.48
C ILE B 301 23.83 37.64 -7.57
N ALA B 302 24.58 37.74 -6.47
CA ALA B 302 25.89 38.44 -6.39
C ALA B 302 26.82 37.88 -7.46
N PRO B 303 27.27 38.70 -8.44
CA PRO B 303 28.09 38.21 -9.56
C PRO B 303 29.26 37.29 -9.17
N GLU B 304 29.92 37.55 -8.04
CA GLU B 304 31.11 36.80 -7.56
C GLU B 304 30.67 35.41 -7.06
N VAL B 305 29.42 35.27 -6.61
CA VAL B 305 28.83 33.99 -6.13
C VAL B 305 28.39 33.17 -7.34
N PHE B 306 27.74 33.81 -8.31
CA PHE B 306 27.26 33.19 -9.58
C PHE B 306 28.44 32.66 -10.40
N ALA B 307 29.62 33.27 -10.23
CA ALA B 307 30.87 32.91 -10.95
C ALA B 307 31.40 31.56 -10.46
N GLN B 308 31.11 31.19 -9.22
CA GLN B 308 31.54 29.91 -8.60
C GLN B 308 30.69 28.76 -9.18
N LEU B 309 29.48 29.07 -9.65
CA LEU B 309 28.62 28.13 -10.43
C LEU B 309 29.21 28.01 -11.85
N SER B 310 29.08 29.07 -12.66
CA SER B 310 29.64 29.19 -14.03
C SER B 310 30.37 30.53 -14.20
N ALA B 311 31.68 30.46 -14.53
CA ALA B 311 32.55 31.63 -14.82
C ALA B 311 32.30 32.16 -16.24
N ARG B 312 31.48 31.46 -17.03
CA ARG B 312 31.24 31.75 -18.47
C ARG B 312 30.05 32.71 -18.66
N ALA B 313 29.41 33.14 -17.57
CA ALA B 313 28.30 34.12 -17.56
C ALA B 313 28.71 35.34 -16.71
N LEU B 336 38.99 20.03 -29.14
CA LEU B 336 38.37 20.50 -30.40
C LEU B 336 38.05 19.29 -31.29
N ASP B 337 36.80 19.18 -31.76
CA ASP B 337 36.28 18.05 -32.59
C ASP B 337 37.17 17.90 -33.84
N GLU B 338 37.31 16.67 -34.35
CA GLU B 338 38.22 16.31 -35.47
C GLU B 338 37.56 16.62 -36.81
N ASP B 339 36.22 16.72 -36.84
CA ASP B 339 35.39 16.81 -38.06
C ASP B 339 35.45 18.23 -38.67
N TRP B 340 36.08 19.21 -38.03
CA TRP B 340 36.35 20.55 -38.61
C TRP B 340 37.27 20.39 -39.84
N ASP B 341 36.88 20.97 -40.98
CA ASP B 341 37.63 20.90 -42.27
C ASP B 341 38.50 22.16 -42.45
N PHE B 342 38.27 23.20 -41.65
CA PHE B 342 39.00 24.50 -41.71
C PHE B 342 39.49 24.87 -40.32
N ASN C 9 -7.71 -29.65 22.34
CA ASN C 9 -8.72 -28.56 22.13
C ASN C 9 -8.54 -27.97 20.73
N TYR C 10 -9.64 -27.80 19.99
CA TYR C 10 -9.64 -27.30 18.58
C TYR C 10 -9.07 -25.88 18.52
N TYR C 11 -9.34 -25.07 19.56
CA TYR C 11 -9.07 -23.61 19.61
C TYR C 11 -7.56 -23.34 19.49
N ASP C 12 -6.73 -24.18 20.12
CA ASP C 12 -5.27 -23.93 20.31
C ASP C 12 -4.46 -24.49 19.12
N ARG C 13 -5.10 -25.25 18.23
CA ARG C 13 -4.45 -25.87 17.04
C ARG C 13 -5.16 -25.37 15.76
N SER C 14 -5.79 -24.19 15.84
CA SER C 14 -6.55 -23.53 14.74
C SER C 14 -6.50 -22.01 14.92
N VAL C 15 -6.77 -21.26 13.86
CA VAL C 15 -6.75 -19.76 13.88
C VAL C 15 -8.08 -19.23 13.30
N SER C 16 -8.46 -18.02 13.69
CA SER C 16 -9.61 -17.29 13.09
C SER C 16 -9.26 -16.99 11.63
N PRO C 17 -10.26 -16.94 10.72
CA PRO C 17 -10.00 -16.62 9.32
C PRO C 17 -9.10 -15.40 9.08
N VAL C 18 -9.21 -14.36 9.91
CA VAL C 18 -8.46 -13.08 9.71
C VAL C 18 -7.00 -13.31 10.12
N GLU C 19 -6.74 -14.15 11.13
CA GLU C 19 -5.38 -14.64 11.46
C GLU C 19 -4.80 -15.39 10.24
N TYR C 20 -5.54 -16.34 9.69
CA TYR C 20 -5.13 -17.17 8.53
C TYR C 20 -4.76 -16.25 7.35
N ALA C 21 -5.55 -15.20 7.11
CA ALA C 21 -5.51 -14.38 5.88
C ALA C 21 -4.32 -13.42 5.88
N TYR C 22 -3.92 -12.89 7.04
CA TYR C 22 -2.96 -11.76 7.16
C TYR C 22 -1.68 -12.15 7.90
N PHE C 23 -1.62 -13.29 8.61
CA PHE C 23 -0.50 -13.63 9.51
C PHE C 23 0.05 -15.04 9.25
N ASP C 24 -0.78 -16.09 9.34
CA ASP C 24 -0.28 -17.49 9.36
C ASP C 24 -1.25 -18.43 8.64
N GLN C 25 -0.83 -18.98 7.50
CA GLN C 25 -1.59 -19.98 6.68
C GLN C 25 -1.20 -21.41 7.10
N SER C 26 -0.27 -21.56 8.04
CA SER C 26 0.34 -22.87 8.42
C SER C 26 -0.66 -23.72 9.23
N GLN C 27 -1.83 -23.19 9.57
CA GLN C 27 -2.83 -23.84 10.43
C GLN C 27 -4.21 -23.73 9.79
N ASN C 28 -5.20 -24.48 10.31
CA ASN C 28 -6.59 -24.54 9.79
C ASN C 28 -7.46 -23.51 10.51
N MET C 29 -8.53 -23.06 9.85
CA MET C 29 -9.43 -21.98 10.33
C MET C 29 -10.53 -22.57 11.22
N ARG C 30 -10.87 -21.87 12.30
CA ARG C 30 -12.01 -22.19 13.19
C ARG C 30 -13.11 -21.14 12.99
N ALA C 31 -14.37 -21.58 13.00
CA ALA C 31 -15.55 -20.70 13.05
C ALA C 31 -15.60 -20.02 14.42
N ILE C 32 -16.10 -18.77 14.45
CA ILE C 32 -16.38 -18.01 15.72
C ILE C 32 -17.24 -18.89 16.63
N ASN C 33 -16.88 -18.94 17.92
CA ASN C 33 -17.63 -19.68 18.98
C ASN C 33 -18.30 -18.66 19.90
N TRP C 34 -19.63 -18.53 19.80
CA TRP C 34 -20.46 -17.62 20.63
C TRP C 34 -20.96 -18.37 21.87
N ASN C 35 -20.77 -19.68 21.92
CA ASN C 35 -21.24 -20.56 23.02
C ASN C 35 -20.16 -20.65 24.11
N LYS C 36 -18.89 -20.54 23.71
CA LYS C 36 -17.71 -20.62 24.63
C LYS C 36 -16.90 -19.32 24.51
N ILE C 37 -17.34 -18.28 25.22
CA ILE C 37 -16.81 -16.89 25.13
C ILE C 37 -15.56 -16.77 26.01
N VAL C 38 -14.42 -16.35 25.42
CA VAL C 38 -13.12 -16.13 26.13
C VAL C 38 -13.26 -14.95 27.11
N ASP C 39 -13.97 -13.88 26.74
CA ASP C 39 -14.08 -12.63 27.54
C ASP C 39 -15.55 -12.17 27.55
N GLU C 40 -16.20 -12.19 28.73
CA GLU C 40 -17.62 -11.86 28.92
C GLU C 40 -17.85 -10.36 28.64
N LYS C 41 -16.81 -9.53 28.75
CA LYS C 41 -16.88 -8.08 28.45
C LYS C 41 -17.22 -7.89 26.96
N ASP C 42 -16.77 -8.78 26.08
CA ASP C 42 -17.08 -8.75 24.63
C ASP C 42 -18.59 -8.91 24.42
N LEU C 43 -19.20 -9.88 25.10
CA LEU C 43 -20.66 -10.19 24.97
C LEU C 43 -21.46 -8.99 25.48
N GLU C 44 -21.11 -8.46 26.64
CA GLU C 44 -21.74 -7.27 27.27
C GLU C 44 -21.73 -6.09 26.28
N VAL C 45 -20.59 -5.84 25.63
CA VAL C 45 -20.38 -4.69 24.71
C VAL C 45 -21.18 -4.92 23.41
N TRP C 46 -21.14 -6.15 22.87
CA TRP C 46 -21.89 -6.56 21.67
C TRP C 46 -23.39 -6.34 21.87
N ASN C 47 -23.91 -6.80 23.01
CA ASN C 47 -25.35 -6.66 23.38
C ASN C 47 -25.71 -5.18 23.45
N ARG C 48 -24.90 -4.38 24.16
CA ARG C 48 -25.17 -2.93 24.36
C ARG C 48 -25.26 -2.22 23.01
N VAL C 49 -24.25 -2.35 22.14
CA VAL C 49 -24.16 -1.59 20.85
C VAL C 49 -25.24 -2.08 19.87
N THR C 50 -25.52 -3.38 19.82
CA THR C 50 -26.56 -3.96 18.92
C THR C 50 -27.94 -3.52 19.39
N GLN C 51 -28.18 -3.50 20.71
CA GLN C 51 -29.50 -3.12 21.30
C GLN C 51 -29.68 -1.61 21.20
N ASN C 52 -28.60 -0.84 21.06
CA ASN C 52 -28.65 0.64 20.90
C ASN C 52 -28.71 1.04 19.43
N PHE C 53 -28.96 0.09 18.51
CA PHE C 53 -29.07 0.40 17.06
C PHE C 53 -30.09 1.52 16.84
N TRP C 54 -29.75 2.48 15.99
CA TRP C 54 -30.60 3.66 15.66
C TRP C 54 -30.24 4.21 14.27
N LEU C 55 -31.21 4.84 13.62
CA LEU C 55 -31.06 5.53 12.32
C LEU C 55 -31.50 6.98 12.48
N PRO C 56 -30.82 7.96 11.84
CA PRO C 56 -31.13 9.37 12.04
C PRO C 56 -32.54 9.79 11.61
N GLU C 57 -33.19 9.04 10.71
CA GLU C 57 -34.60 9.26 10.29
C GLU C 57 -35.54 9.11 11.50
N ASN C 58 -35.19 8.25 12.47
CA ASN C 58 -35.94 8.04 13.73
C ASN C 58 -36.27 9.39 14.38
N ILE C 59 -35.35 10.36 14.31
CA ILE C 59 -35.43 11.67 15.03
C ILE C 59 -36.10 12.71 14.13
N PRO C 60 -37.08 13.49 14.64
CA PRO C 60 -37.72 14.55 13.86
C PRO C 60 -36.92 15.86 13.91
N VAL C 61 -36.10 16.11 12.89
CA VAL C 61 -35.19 17.30 12.82
C VAL C 61 -35.98 18.52 12.31
N SER C 62 -37.13 18.32 11.67
CA SER C 62 -38.00 19.39 11.12
C SER C 62 -38.40 20.39 12.23
N ASN C 63 -38.61 19.90 13.45
CA ASN C 63 -39.01 20.70 14.64
C ASN C 63 -37.92 21.71 15.02
N ASP C 64 -36.73 21.63 14.42
CA ASP C 64 -35.60 22.58 14.66
C ASP C 64 -35.66 23.75 13.67
N LEU C 65 -36.52 23.71 12.66
CA LEU C 65 -36.62 24.77 11.61
C LEU C 65 -36.90 26.13 12.26
N PRO C 66 -37.89 26.27 13.16
CA PRO C 66 -38.16 27.56 13.81
C PRO C 66 -36.88 28.21 14.37
N SER C 67 -36.16 27.48 15.24
CA SER C 67 -34.94 27.96 15.94
C SER C 67 -33.79 28.13 14.94
N TRP C 68 -33.72 27.27 13.93
CA TRP C 68 -32.72 27.34 12.82
C TRP C 68 -32.92 28.65 12.05
N ASN C 69 -34.16 28.99 11.72
CA ASN C 69 -34.53 30.18 10.91
C ASN C 69 -34.24 31.47 11.69
N GLU C 70 -34.29 31.41 13.03
CA GLU C 70 -33.97 32.55 13.93
C GLU C 70 -32.46 32.87 13.87
N LEU C 71 -31.61 31.88 13.57
CA LEU C 71 -30.13 32.05 13.48
C LEU C 71 -29.80 32.80 12.18
N ASP C 72 -28.85 33.74 12.26
CA ASP C 72 -28.33 34.50 11.09
C ASP C 72 -27.42 33.58 10.26
N ASP C 73 -26.99 34.05 9.09
CA ASP C 73 -26.26 33.25 8.08
C ASP C 73 -24.88 32.85 8.60
N ASP C 74 -24.26 33.66 9.45
CA ASP C 74 -22.93 33.40 10.07
C ASP C 74 -23.02 32.11 10.90
N TRP C 75 -24.01 32.03 11.80
CA TRP C 75 -24.25 30.89 12.71
C TRP C 75 -24.66 29.64 11.92
N GLN C 76 -25.54 29.81 10.92
CA GLN C 76 -26.04 28.70 10.07
C GLN C 76 -24.85 28.06 9.33
N GLN C 77 -23.92 28.89 8.85
CA GLN C 77 -22.69 28.46 8.12
C GLN C 77 -21.74 27.74 9.09
N LEU C 78 -21.55 28.28 10.29
CA LEU C 78 -20.66 27.71 11.35
C LEU C 78 -21.08 26.26 11.65
N ILE C 79 -22.39 26.05 11.84
CA ILE C 79 -23.01 24.73 12.18
C ILE C 79 -22.73 23.74 11.04
N THR C 80 -23.04 24.13 9.80
CA THR C 80 -22.88 23.29 8.59
C THR C 80 -21.41 22.90 8.43
N ARG C 81 -20.49 23.85 8.67
CA ARG C 81 -19.02 23.63 8.55
C ARG C 81 -18.55 22.65 9.63
N THR C 82 -18.94 22.90 10.89
CA THR C 82 -18.58 22.08 12.08
C THR C 82 -19.00 20.63 11.80
N PHE C 83 -20.28 20.43 11.50
CA PHE C 83 -20.93 19.11 11.27
C PHE C 83 -20.27 18.40 10.08
N THR C 84 -19.92 19.15 9.03
CA THR C 84 -19.23 18.60 7.82
C THR C 84 -17.79 18.24 8.20
N GLY C 85 -17.19 19.00 9.11
CA GLY C 85 -15.90 18.64 9.75
C GLY C 85 -16.00 17.31 10.50
N LEU C 86 -17.04 17.15 11.34
CA LEU C 86 -17.29 15.92 12.14
C LEU C 86 -17.61 14.75 11.19
N THR C 87 -18.35 15.01 10.10
CA THR C 87 -18.68 14.01 9.05
C THR C 87 -17.38 13.43 8.47
N LEU C 88 -16.35 14.26 8.24
CA LEU C 88 -15.04 13.79 7.72
C LEU C 88 -14.44 12.80 8.71
N LEU C 89 -14.41 13.14 9.99
CA LEU C 89 -13.73 12.33 11.04
C LEU C 89 -14.45 10.98 11.16
N ASP C 90 -15.78 10.96 11.12
CA ASP C 90 -16.59 9.71 11.18
C ASP C 90 -16.36 8.87 9.91
N THR C 91 -16.16 9.51 8.76
CA THR C 91 -15.84 8.83 7.48
C THR C 91 -14.47 8.15 7.59
N VAL C 92 -13.48 8.83 8.17
CA VAL C 92 -12.12 8.26 8.43
C VAL C 92 -12.30 6.97 9.24
N GLN C 93 -12.98 7.07 10.39
CA GLN C 93 -13.11 5.98 11.39
C GLN C 93 -13.94 4.82 10.83
N SER C 94 -14.95 5.12 10.00
CA SER C 94 -15.87 4.09 9.43
C SER C 94 -15.19 3.31 8.30
N SER C 95 -14.38 3.97 7.46
CA SER C 95 -13.81 3.40 6.21
C SER C 95 -12.37 2.88 6.44
N ILE C 96 -11.67 3.35 7.48
CA ILE C 96 -10.25 3.01 7.77
C ILE C 96 -10.11 2.47 9.20
N GLY C 97 -10.41 3.31 10.19
CA GLY C 97 -9.94 3.18 11.59
C GLY C 97 -10.45 1.92 12.27
N ASP C 98 -11.76 1.66 12.22
CA ASP C 98 -12.41 0.58 13.00
C ASP C 98 -12.16 -0.76 12.30
N VAL C 99 -12.26 -0.83 10.98
CA VAL C 99 -12.06 -2.09 10.21
C VAL C 99 -10.58 -2.53 10.32
N ALA C 100 -9.64 -1.60 10.45
CA ALA C 100 -8.20 -1.86 10.63
C ALA C 100 -7.95 -2.64 11.94
N GLN C 101 -8.82 -2.48 12.94
CA GLN C 101 -8.67 -3.11 14.28
C GLN C 101 -9.03 -4.59 14.21
N ILE C 102 -9.77 -5.02 13.18
CA ILE C 102 -10.34 -6.38 13.09
C ILE C 102 -9.21 -7.43 13.13
N LYS C 103 -8.17 -7.28 12.30
CA LYS C 103 -7.08 -8.29 12.16
C LYS C 103 -6.24 -8.37 13.45
N ASN C 104 -6.23 -7.32 14.29
CA ASN C 104 -5.38 -7.23 15.51
C ASN C 104 -6.18 -7.58 16.77
N SER C 105 -7.33 -8.24 16.62
CA SER C 105 -8.27 -8.62 17.71
C SER C 105 -7.62 -9.66 18.62
N LEU C 106 -7.86 -9.57 19.93
CA LEU C 106 -7.46 -10.56 20.97
C LEU C 106 -8.41 -11.76 20.95
N THR C 107 -9.70 -11.53 20.66
CA THR C 107 -10.79 -12.54 20.71
C THR C 107 -11.61 -12.49 19.42
N GLU C 108 -12.37 -13.56 19.16
CA GLU C 108 -13.20 -13.74 17.95
C GLU C 108 -14.31 -12.69 17.92
N GLN C 109 -14.95 -12.45 19.07
CA GLN C 109 -16.11 -11.53 19.19
C GLN C 109 -15.65 -10.08 18.95
N GLU C 110 -14.41 -9.77 19.33
CA GLU C 110 -13.78 -8.44 19.11
C GLU C 110 -13.83 -8.11 17.61
N GLN C 111 -13.59 -9.12 16.76
CA GLN C 111 -13.51 -8.95 15.28
C GLN C 111 -14.85 -8.45 14.75
N VAL C 112 -15.96 -8.95 15.30
CA VAL C 112 -17.33 -8.65 14.79
C VAL C 112 -17.85 -7.38 15.47
N ILE C 113 -17.39 -7.08 16.69
CA ILE C 113 -17.75 -5.81 17.40
C ILE C 113 -17.17 -4.61 16.64
N TYR C 114 -15.96 -4.71 16.10
CA TYR C 114 -15.30 -3.61 15.33
C TYR C 114 -16.02 -3.41 13.98
N ALA C 115 -16.58 -4.49 13.41
CA ALA C 115 -17.49 -4.42 12.24
C ALA C 115 -18.73 -3.60 12.61
N ASN C 116 -19.31 -3.82 13.80
CA ASN C 116 -20.46 -3.02 14.29
C ASN C 116 -20.02 -1.55 14.39
N PHE C 117 -18.85 -1.30 14.99
CA PHE C 117 -18.30 0.07 15.20
C PHE C 117 -18.18 0.79 13.85
N ALA C 118 -17.62 0.15 12.83
CA ALA C 118 -17.41 0.73 11.48
C ALA C 118 -18.76 1.18 10.92
N PHE C 119 -19.76 0.30 11.01
CA PHE C 119 -21.14 0.53 10.52
C PHE C 119 -21.76 1.72 11.26
N MET C 120 -21.74 1.70 12.60
CA MET C 120 -22.45 2.71 13.44
C MET C 120 -21.80 4.09 13.26
N VAL C 121 -20.48 4.19 13.16
CA VAL C 121 -19.78 5.49 12.91
C VAL C 121 -20.14 5.96 11.49
N GLY C 122 -20.41 5.01 10.58
CA GLY C 122 -20.99 5.28 9.25
C GLY C 122 -22.37 5.91 9.37
N VAL C 123 -23.19 5.39 10.30
CA VAL C 123 -24.55 5.93 10.59
C VAL C 123 -24.41 7.34 11.19
N HIS C 124 -23.40 7.56 12.04
CA HIS C 124 -23.11 8.87 12.66
C HIS C 124 -22.86 9.91 11.56
N ALA C 125 -21.99 9.57 10.60
CA ALA C 125 -21.64 10.44 9.46
C ALA C 125 -22.91 10.76 8.66
N ARG C 126 -23.76 9.74 8.45
CA ARG C 126 -25.00 9.83 7.63
C ARG C 126 -25.99 10.80 8.32
N SER C 127 -26.00 10.83 9.66
CA SER C 127 -26.99 11.57 10.48
C SER C 127 -26.81 13.09 10.28
N TYR C 128 -25.58 13.55 10.05
CA TYR C 128 -25.28 14.97 9.71
C TYR C 128 -25.94 15.30 8.37
N GLY C 129 -25.87 14.36 7.41
CA GLY C 129 -26.56 14.44 6.11
C GLY C 129 -28.05 14.68 6.23
N THR C 130 -28.74 14.00 7.16
CA THR C 130 -30.22 14.07 7.30
C THR C 130 -30.62 15.39 7.97
N ILE C 131 -29.78 15.91 8.87
CA ILE C 131 -29.95 17.26 9.48
C ILE C 131 -29.86 18.31 8.37
N PHE C 132 -28.87 18.18 7.49
CA PHE C 132 -28.59 19.15 6.40
C PHE C 132 -29.76 19.20 5.41
N SER C 133 -30.31 18.05 5.03
CA SER C 133 -31.38 17.97 4.00
C SER C 133 -32.68 18.58 4.54
N THR C 134 -32.83 18.66 5.88
CA THR C 134 -33.98 19.28 6.56
C THR C 134 -33.80 20.80 6.66
N LEU C 135 -32.63 21.27 7.13
CA LEU C 135 -32.39 22.67 7.56
C LEU C 135 -31.69 23.48 6.45
N CYS C 136 -30.62 22.94 5.86
CA CYS C 136 -29.64 23.68 5.02
C CYS C 136 -30.13 23.79 3.57
N THR C 137 -29.61 24.77 2.84
CA THR C 137 -29.76 24.93 1.36
C THR C 137 -28.63 24.16 0.67
N SER C 138 -28.80 23.86 -0.63
CA SER C 138 -27.78 23.20 -1.49
C SER C 138 -26.47 24.01 -1.49
N GLU C 139 -26.55 25.34 -1.37
CA GLU C 139 -25.39 26.26 -1.40
C GLU C 139 -24.62 26.16 -0.07
N GLN C 140 -25.35 26.16 1.05
CA GLN C 140 -24.79 26.00 2.41
C GLN C 140 -24.05 24.66 2.51
N ILE C 141 -24.68 23.58 2.04
CA ILE C 141 -24.11 22.18 2.04
C ILE C 141 -22.80 22.18 1.25
N GLU C 142 -22.81 22.63 0.00
CA GLU C 142 -21.64 22.58 -0.91
C GLU C 142 -20.53 23.53 -0.42
N GLU C 143 -20.90 24.73 0.06
CA GLU C 143 -19.93 25.71 0.63
C GLU C 143 -19.12 25.01 1.74
N ALA C 144 -19.80 24.30 2.65
CA ALA C 144 -19.20 23.59 3.80
C ALA C 144 -18.23 22.50 3.31
N HIS C 145 -18.56 21.80 2.21
CA HIS C 145 -17.71 20.72 1.62
C HIS C 145 -16.42 21.33 1.05
N GLU C 146 -16.53 22.47 0.34
CA GLU C 146 -15.36 23.23 -0.19
C GLU C 146 -14.46 23.59 0.99
N TRP C 147 -15.06 24.18 2.03
CA TRP C 147 -14.38 24.71 3.25
C TRP C 147 -13.56 23.59 3.92
N VAL C 148 -14.16 22.41 4.13
CA VAL C 148 -13.49 21.23 4.76
C VAL C 148 -12.25 20.84 3.92
N VAL C 149 -12.38 20.81 2.59
CA VAL C 149 -11.30 20.36 1.66
C VAL C 149 -10.11 21.34 1.75
N ASP C 150 -10.38 22.64 1.89
CA ASP C 150 -9.36 23.72 1.78
C ASP C 150 -8.84 24.14 3.16
N ASN C 151 -9.44 23.62 4.25
CA ASN C 151 -9.05 23.96 5.64
C ASN C 151 -7.91 23.04 6.09
N GLU C 152 -6.68 23.52 6.03
CA GLU C 152 -5.45 22.71 6.29
C GLU C 152 -5.36 22.42 7.80
N ALA C 153 -5.88 23.30 8.65
CA ALA C 153 -5.96 23.13 10.11
C ALA C 153 -6.88 21.96 10.45
N LEU C 154 -7.99 21.83 9.72
CA LEU C 154 -8.95 20.69 9.84
C LEU C 154 -8.26 19.41 9.36
N GLN C 155 -7.71 19.43 8.14
CA GLN C 155 -7.15 18.23 7.43
C GLN C 155 -6.01 17.63 8.24
N ALA C 156 -5.24 18.45 8.98
CA ALA C 156 -4.02 18.04 9.71
C ALA C 156 -4.37 16.99 10.78
N ARG C 157 -5.59 17.00 11.32
CA ARG C 157 -6.03 16.13 12.44
C ARG C 157 -6.15 14.69 11.93
N PRO C 158 -7.07 14.36 10.99
CA PRO C 158 -7.15 13.00 10.45
C PRO C 158 -5.85 12.53 9.76
N LYS C 159 -5.14 13.45 9.11
CA LYS C 159 -3.85 13.19 8.40
C LYS C 159 -2.79 12.70 9.39
N ALA C 160 -2.86 13.13 10.66
CA ALA C 160 -1.92 12.74 11.74
C ALA C 160 -2.27 11.35 12.28
N LEU C 161 -3.54 10.94 12.25
CA LEU C 161 -4.03 9.66 12.84
C LEU C 161 -3.97 8.51 11.83
N ILE C 162 -4.35 8.76 10.57
CA ILE C 162 -4.49 7.72 9.50
C ILE C 162 -3.21 6.91 9.38
N PRO C 163 -2.00 7.52 9.37
CA PRO C 163 -0.75 6.77 9.38
C PRO C 163 -0.66 5.61 10.39
N PHE C 164 -1.24 5.79 11.59
CA PHE C 164 -1.23 4.75 12.66
C PHE C 164 -2.10 3.55 12.22
N TYR C 165 -3.19 3.79 11.48
CA TYR C 165 -4.09 2.74 10.96
C TYR C 165 -3.40 1.94 9.85
N THR C 166 -2.63 2.61 8.97
CA THR C 166 -2.07 2.04 7.72
C THR C 166 -0.70 1.41 7.99
N ALA C 167 0.04 1.89 9.01
CA ALA C 167 1.29 1.28 9.52
C ALA C 167 0.99 -0.08 10.13
N ASP C 168 2.00 -0.81 10.61
CA ASP C 168 1.84 -2.19 11.13
C ASP C 168 2.29 -2.25 12.60
N ASP C 169 1.98 -1.22 13.39
CA ASP C 169 2.11 -1.24 14.88
C ASP C 169 0.70 -1.34 15.48
N PRO C 170 0.25 -2.56 15.85
CA PRO C 170 -1.11 -2.78 16.32
C PRO C 170 -1.50 -1.91 17.53
N LEU C 171 -0.58 -1.71 18.48
CA LEU C 171 -0.82 -0.91 19.72
C LEU C 171 -1.07 0.56 19.37
N LYS C 172 -0.36 1.11 18.38
CA LYS C 172 -0.48 2.55 18.01
C LYS C 172 -1.78 2.76 17.23
N SER C 173 -2.11 1.80 16.36
CA SER C 173 -3.41 1.71 15.63
C SER C 173 -4.57 1.78 16.64
N LYS C 174 -4.44 1.03 17.74
CA LYS C 174 -5.48 0.89 18.80
C LYS C 174 -5.65 2.22 19.54
N ILE C 175 -4.53 2.88 19.89
CA ILE C 175 -4.49 4.20 20.59
C ILE C 175 -5.19 5.22 19.71
N ALA C 176 -4.85 5.26 18.41
CA ALA C 176 -5.47 6.13 17.39
C ALA C 176 -6.98 5.88 17.39
N ALA C 177 -7.39 4.61 17.37
CA ALA C 177 -8.81 4.17 17.31
C ALA C 177 -9.57 4.69 18.54
N ALA C 178 -8.93 4.70 19.71
CA ALA C 178 -9.47 5.21 20.98
C ALA C 178 -9.55 6.74 20.96
N LEU C 179 -8.56 7.41 20.35
CA LEU C 179 -8.40 8.88 20.36
C LEU C 179 -9.52 9.54 19.55
N MET C 180 -9.99 8.89 18.47
CA MET C 180 -10.99 9.48 17.56
C MET C 180 -12.33 9.66 18.28
N PRO C 181 -12.99 8.59 18.78
CA PRO C 181 -14.26 8.75 19.50
C PRO C 181 -14.09 9.34 20.92
N GLY C 182 -12.87 9.34 21.44
CA GLY C 182 -12.56 9.71 22.83
C GLY C 182 -12.20 11.18 23.00
N PHE C 183 -11.76 11.86 21.93
CA PHE C 183 -11.20 13.24 22.02
C PHE C 183 -11.62 14.11 20.82
N LEU C 184 -11.36 13.66 19.58
CA LEU C 184 -11.21 14.54 18.39
C LEU C 184 -12.49 15.31 18.02
N LEU C 185 -13.68 14.75 18.31
CA LEU C 185 -14.96 15.34 17.82
C LEU C 185 -15.56 16.30 18.85
N TYR C 186 -15.06 16.30 20.09
CA TYR C 186 -15.73 16.97 21.24
C TYR C 186 -15.63 18.50 21.08
N GLY C 187 -14.53 19.01 20.52
CA GLY C 187 -14.40 20.42 20.12
C GLY C 187 -15.60 20.89 19.31
N GLY C 188 -16.10 20.04 18.42
CA GLY C 188 -17.24 20.33 17.53
C GLY C 188 -18.58 20.12 18.22
N PHE C 189 -18.68 19.10 19.08
CA PHE C 189 -19.92 18.72 19.80
C PHE C 189 -20.32 19.81 20.80
N TYR C 190 -19.37 20.65 21.24
CA TYR C 190 -19.63 21.80 22.14
C TYR C 190 -20.74 22.66 21.52
N LEU C 191 -20.67 22.93 20.21
CA LEU C 191 -21.55 23.89 19.49
C LEU C 191 -23.01 23.49 19.66
N PRO C 192 -23.46 22.28 19.26
CA PRO C 192 -24.85 21.87 19.46
C PRO C 192 -25.30 21.93 20.93
N PHE C 193 -24.41 21.65 21.88
CA PHE C 193 -24.73 21.68 23.33
C PHE C 193 -24.78 23.14 23.81
N TYR C 194 -23.99 24.03 23.21
CA TYR C 194 -24.01 25.49 23.51
C TYR C 194 -25.36 26.06 23.03
N LEU C 195 -25.78 25.68 21.82
CA LEU C 195 -27.05 26.14 21.19
C LEU C 195 -28.25 25.61 21.98
N SER C 196 -28.29 24.31 22.26
CA SER C 196 -29.47 23.63 22.87
C SER C 196 -29.66 24.07 24.33
N ALA C 197 -28.60 24.54 24.99
CA ALA C 197 -28.66 25.17 26.34
C ALA C 197 -29.51 26.45 26.28
N ARG C 198 -29.52 27.12 25.11
CA ARG C 198 -30.30 28.37 24.84
C ARG C 198 -31.63 28.04 24.14
N GLY C 199 -32.06 26.77 24.18
CA GLY C 199 -33.33 26.29 23.58
C GLY C 199 -33.28 26.25 22.05
N LYS C 200 -32.10 26.38 21.46
CA LYS C 200 -31.89 26.51 19.98
C LYS C 200 -31.35 25.19 19.42
N LEU C 201 -32.04 24.62 18.42
CA LEU C 201 -31.72 23.32 17.74
C LEU C 201 -31.79 22.16 18.73
N PRO C 202 -32.94 21.96 19.43
CA PRO C 202 -33.07 20.89 20.43
C PRO C 202 -33.06 19.45 19.89
N ASN C 203 -33.64 19.21 18.71
CA ASN C 203 -33.80 17.85 18.12
C ASN C 203 -32.46 17.38 17.53
N THR C 204 -31.66 18.30 16.99
CA THR C 204 -30.27 18.06 16.52
C THR C 204 -29.45 17.46 17.68
N SER C 205 -29.63 18.00 18.90
CA SER C 205 -28.88 17.59 20.12
C SER C 205 -29.21 16.15 20.51
N ASP C 206 -30.42 15.67 20.24
CA ASP C 206 -30.85 14.28 20.53
C ASP C 206 -29.99 13.32 19.70
N ILE C 207 -29.75 13.64 18.42
CA ILE C 207 -28.86 12.87 17.49
C ILE C 207 -27.44 12.87 18.04
N ILE C 208 -26.92 14.04 18.47
CA ILE C 208 -25.56 14.17 19.05
C ILE C 208 -25.46 13.23 20.26
N ARG C 209 -26.50 13.20 21.10
CA ARG C 209 -26.54 12.38 22.34
C ARG C 209 -26.58 10.89 21.98
N LEU C 210 -27.35 10.52 20.95
CA LEU C 210 -27.37 9.14 20.40
C LEU C 210 -25.98 8.77 19.89
N ILE C 211 -25.28 9.69 19.21
CA ILE C 211 -23.90 9.51 18.69
C ILE C 211 -22.94 9.28 19.87
N LEU C 212 -23.00 10.13 20.91
CA LEU C 212 -22.10 10.04 22.09
C LEU C 212 -22.36 8.76 22.88
N ARG C 213 -23.61 8.25 22.86
CA ARG C 213 -23.99 6.97 23.52
C ARG C 213 -23.20 5.82 22.91
N ASP C 214 -22.84 5.93 21.63
CA ASP C 214 -21.98 4.95 20.89
C ASP C 214 -20.51 5.28 21.12
N LYS C 215 -20.13 6.55 21.00
CA LYS C 215 -18.70 7.00 21.06
C LYS C 215 -18.10 6.59 22.42
N VAL C 216 -18.86 6.72 23.51
CA VAL C 216 -18.43 6.37 24.90
C VAL C 216 -18.03 4.88 24.97
N ILE C 217 -18.78 4.00 24.32
CA ILE C 217 -18.52 2.52 24.32
C ILE C 217 -17.33 2.21 23.40
N HIS C 218 -17.22 2.91 22.26
CA HIS C 218 -16.10 2.79 21.31
C HIS C 218 -14.77 3.10 22.03
N ASN C 219 -14.73 4.24 22.73
CA ASN C 219 -13.53 4.74 23.44
C ASN C 219 -13.20 3.77 24.57
N PHE C 220 -14.23 3.27 25.27
CA PHE C 220 -14.08 2.29 26.38
C PHE C 220 -13.44 1.01 25.84
N TYR C 221 -14.02 0.45 24.77
CA TYR C 221 -13.68 -0.90 24.24
C TYR C 221 -12.22 -0.91 23.75
N SER C 222 -11.85 0.08 22.94
CA SER C 222 -10.48 0.20 22.38
C SER C 222 -9.49 0.44 23.54
N GLY C 223 -9.84 1.32 24.48
CA GLY C 223 -9.05 1.58 25.71
C GLY C 223 -8.83 0.30 26.52
N TYR C 224 -9.88 -0.51 26.66
CA TYR C 224 -9.88 -1.78 27.45
C TYR C 224 -9.00 -2.81 26.76
N LYS C 225 -9.11 -2.92 25.43
CA LYS C 225 -8.29 -3.85 24.60
C LYS C 225 -6.83 -3.37 24.59
N TYR C 226 -6.62 -2.05 24.54
CA TYR C 226 -5.27 -1.43 24.68
C TYR C 226 -4.62 -1.93 25.98
N GLN C 227 -5.32 -1.78 27.11
CA GLN C 227 -4.81 -2.09 28.48
C GLN C 227 -4.44 -3.58 28.59
N LEU C 228 -5.23 -4.48 28.01
CA LEU C 228 -4.97 -5.94 28.08
C LEU C 228 -3.67 -6.29 27.34
N LYS C 229 -3.30 -5.50 26.32
CA LYS C 229 -2.15 -5.81 25.42
C LYS C 229 -0.85 -5.24 26.00
N VAL C 230 -0.84 -3.98 26.47
CA VAL C 230 0.38 -3.37 27.07
C VAL C 230 0.72 -4.09 28.40
N ALA C 231 -0.28 -4.61 29.10
CA ALA C 231 -0.11 -5.32 30.39
C ALA C 231 0.78 -6.57 30.23
N LYS C 232 0.95 -7.05 29.00
CA LYS C 232 1.72 -8.28 28.67
C LYS C 232 3.14 -7.92 28.18
N LEU C 233 3.47 -6.63 28.10
CA LEU C 233 4.83 -6.14 27.70
C LEU C 233 5.71 -5.98 28.95
N SER C 234 7.02 -5.80 28.73
CA SER C 234 8.04 -5.52 29.78
C SER C 234 7.75 -4.16 30.43
N PRO C 235 8.20 -3.92 31.68
CA PRO C 235 8.03 -2.61 32.32
C PRO C 235 8.56 -1.43 31.50
N GLU C 236 9.69 -1.61 30.82
CA GLU C 236 10.38 -0.57 30.00
C GLU C 236 9.47 -0.14 28.84
N LYS C 237 8.90 -1.13 28.13
CA LYS C 237 8.03 -0.91 26.93
C LYS C 237 6.67 -0.34 27.32
N GLN C 238 6.18 -0.65 28.53
CA GLN C 238 4.91 -0.10 29.10
C GLN C 238 5.09 1.41 29.33
N ALA C 239 6.23 1.83 29.87
CA ALA C 239 6.60 3.24 30.10
C ALA C 239 6.80 3.95 28.76
N GLU C 240 7.41 3.24 27.80
CA GLU C 240 7.65 3.72 26.41
C GLU C 240 6.31 4.05 25.75
N MET C 241 5.36 3.11 25.78
CA MET C 241 4.01 3.23 25.17
C MET C 241 3.23 4.35 25.86
N LYS C 242 3.26 4.40 27.19
CA LYS C 242 2.61 5.48 27.99
C LYS C 242 3.14 6.85 27.51
N GLN C 243 4.44 6.99 27.31
CA GLN C 243 5.06 8.26 26.86
C GLN C 243 4.55 8.59 25.45
N PHE C 244 4.42 7.57 24.58
CA PHE C 244 3.91 7.74 23.20
C PHE C 244 2.46 8.26 23.24
N VAL C 245 1.65 7.72 24.15
CA VAL C 245 0.22 8.11 24.34
C VAL C 245 0.14 9.61 24.70
N PHE C 246 0.91 10.03 25.71
CA PHE C 246 0.95 11.44 26.19
C PHE C 246 1.56 12.35 25.12
N ASP C 247 2.53 11.86 24.33
CA ASP C 247 3.15 12.64 23.23
C ASP C 247 2.13 12.85 22.12
N LEU C 248 1.50 11.77 21.65
CA LEU C 248 0.49 11.80 20.55
C LEU C 248 -0.71 12.69 20.95
N LEU C 249 -1.15 12.62 22.21
CA LEU C 249 -2.30 13.42 22.72
C LEU C 249 -1.94 14.91 22.75
N ASP C 250 -0.71 15.25 23.12
CA ASP C 250 -0.19 16.65 23.11
C ASP C 250 -0.14 17.15 21.67
N LYS C 251 0.32 16.30 20.73
CA LYS C 251 0.36 16.60 19.29
C LYS C 251 -1.06 16.89 18.79
N MET C 252 -2.04 16.08 19.17
CA MET C 252 -3.44 16.18 18.68
C MET C 252 -4.14 17.38 19.34
N ILE C 253 -3.84 17.66 20.61
CA ILE C 253 -4.39 18.85 21.35
C ILE C 253 -3.87 20.12 20.66
N GLY C 254 -2.60 20.14 20.27
CA GLY C 254 -1.97 21.25 19.50
C GLY C 254 -2.74 21.54 18.21
N LEU C 255 -3.05 20.49 17.44
CA LEU C 255 -3.75 20.61 16.14
C LEU C 255 -5.22 20.97 16.36
N GLU C 256 -5.87 20.42 17.40
CA GLU C 256 -7.29 20.70 17.73
C GLU C 256 -7.45 22.17 18.12
N LYS C 257 -6.59 22.67 19.01
CA LYS C 257 -6.58 24.09 19.45
C LYS C 257 -6.55 25.02 18.22
N THR C 258 -5.56 24.84 17.33
CA THR C 258 -5.40 25.59 16.06
C THR C 258 -6.73 25.57 15.29
N TYR C 259 -7.31 24.38 15.11
CA TYR C 259 -8.55 24.16 14.31
C TYR C 259 -9.73 24.89 14.94
N LEU C 260 -9.92 24.75 16.25
CA LEU C 260 -11.08 25.29 17.01
C LEU C 260 -11.00 26.82 17.09
N HIS C 261 -9.78 27.38 17.24
CA HIS C 261 -9.54 28.85 17.26
C HIS C 261 -9.97 29.45 15.92
N GLN C 262 -9.70 28.74 14.81
CA GLN C 262 -10.04 29.16 13.43
C GLN C 262 -11.55 28.98 13.18
N LEU C 263 -12.08 27.79 13.49
CA LEU C 263 -13.51 27.41 13.29
C LEU C 263 -14.44 28.40 14.01
N TYR C 264 -14.09 28.80 15.25
CA TYR C 264 -14.93 29.66 16.13
C TYR C 264 -14.40 31.10 16.14
N ASP C 265 -13.61 31.50 15.13
CA ASP C 265 -13.09 32.88 14.98
C ASP C 265 -14.28 33.82 14.73
N GLY C 266 -14.49 34.78 15.63
CA GLY C 266 -15.56 35.80 15.54
C GLY C 266 -16.75 35.47 16.42
N PHE C 267 -16.83 34.23 16.93
CA PHE C 267 -17.95 33.73 17.76
C PHE C 267 -17.56 33.72 19.25
N GLY C 268 -16.27 33.61 19.55
CA GLY C 268 -15.71 33.68 20.92
C GLY C 268 -15.98 32.42 21.74
N LEU C 269 -16.26 31.29 21.07
CA LEU C 269 -16.54 29.97 21.71
C LEU C 269 -15.26 29.13 21.77
N ALA C 270 -14.19 29.55 21.08
CA ALA C 270 -12.90 28.82 20.94
C ALA C 270 -12.42 28.35 22.32
N ASP C 271 -12.43 29.23 23.32
CA ASP C 271 -11.87 28.98 24.68
C ASP C 271 -12.67 27.89 25.38
N GLU C 272 -13.99 28.08 25.52
CA GLU C 272 -14.93 27.12 26.17
C GLU C 272 -14.86 25.77 25.45
N ALA C 273 -14.80 25.79 24.12
CA ALA C 273 -14.78 24.59 23.23
C ALA C 273 -13.49 23.79 23.48
N ILE C 274 -12.37 24.48 23.71
CA ILE C 274 -11.04 23.84 23.98
C ILE C 274 -11.08 23.19 25.37
N ARG C 275 -11.82 23.76 26.33
CA ARG C 275 -11.93 23.23 27.72
C ARG C 275 -12.74 21.93 27.70
N PHE C 276 -13.88 21.91 27.00
CA PHE C 276 -14.74 20.71 26.81
C PHE C 276 -13.90 19.60 26.16
N SER C 277 -13.05 19.99 25.21
CA SER C 277 -12.10 19.10 24.48
C SER C 277 -11.11 18.46 25.47
N LEU C 278 -10.55 19.26 26.38
CA LEU C 278 -9.51 18.80 27.34
C LEU C 278 -10.16 17.97 28.46
N TYR C 279 -11.42 18.24 28.80
CA TYR C 279 -12.26 17.42 29.71
C TYR C 279 -12.31 15.98 29.18
N ASN C 280 -12.52 15.84 27.86
CA ASN C 280 -12.65 14.53 27.16
C ASN C 280 -11.26 13.93 26.90
N ALA C 281 -10.22 14.77 26.75
CA ALA C 281 -8.81 14.32 26.69
C ALA C 281 -8.45 13.60 28.00
N GLY C 282 -8.92 14.13 29.13
CA GLY C 282 -8.76 13.51 30.46
C GLY C 282 -9.42 12.14 30.54
N LYS C 283 -10.68 12.05 30.09
CA LYS C 283 -11.46 10.79 30.09
C LYS C 283 -10.80 9.77 29.14
N PHE C 284 -10.30 10.22 27.98
CA PHE C 284 -9.58 9.38 26.99
C PHE C 284 -8.39 8.69 27.65
N LEU C 285 -7.59 9.43 28.41
CA LEU C 285 -6.41 8.88 29.13
C LEU C 285 -6.90 7.82 30.13
N GLN C 286 -7.93 8.14 30.92
CA GLN C 286 -8.52 7.25 31.95
C GLN C 286 -9.05 5.98 31.30
N ASN C 287 -9.62 6.07 30.09
CA ASN C 287 -10.12 4.90 29.33
C ASN C 287 -8.94 4.00 28.95
N LEU C 288 -7.72 4.54 28.89
CA LEU C 288 -6.47 3.79 28.58
C LEU C 288 -5.71 3.42 29.87
N GLY C 289 -6.22 3.85 31.03
CA GLY C 289 -5.70 3.47 32.35
C GLY C 289 -4.60 4.38 32.85
N TYR C 290 -4.56 5.63 32.38
CA TYR C 290 -3.57 6.67 32.79
C TYR C 290 -4.30 7.81 33.50
N GLU C 291 -3.63 8.43 34.47
CA GLU C 291 -4.16 9.60 35.23
C GLU C 291 -4.28 10.80 34.30
N SER C 292 -5.36 11.57 34.43
CA SER C 292 -5.58 12.87 33.76
C SER C 292 -4.71 13.93 34.42
N PRO C 293 -3.78 14.60 33.69
CA PRO C 293 -2.98 15.68 34.25
C PRO C 293 -3.65 17.06 34.23
N PHE C 294 -4.84 17.16 33.61
CA PHE C 294 -5.53 18.44 33.33
C PHE C 294 -6.27 18.92 34.58
N THR C 295 -6.14 20.22 34.90
CA THR C 295 -6.70 20.89 36.10
C THR C 295 -8.22 21.08 35.91
N LYS C 296 -8.94 21.38 37.00
CA LYS C 296 -10.41 21.60 37.00
C LYS C 296 -10.75 22.90 36.27
N GLU C 297 -9.81 23.86 36.25
CA GLU C 297 -9.96 25.19 35.57
C GLU C 297 -9.65 25.04 34.07
N GLU C 298 -8.82 24.07 33.69
CA GLU C 298 -8.45 23.76 32.29
C GLU C 298 -9.62 23.09 31.55
N THR C 299 -10.52 22.43 32.30
CA THR C 299 -11.52 21.47 31.77
C THR C 299 -12.95 21.88 32.14
N ARG C 300 -13.15 23.01 32.84
CA ARG C 300 -14.47 23.43 33.35
C ARG C 300 -15.33 23.95 32.20
N ILE C 301 -16.58 23.50 32.14
CA ILE C 301 -17.61 23.91 31.14
C ILE C 301 -18.75 24.59 31.89
N ALA C 302 -19.37 25.61 31.28
CA ALA C 302 -20.59 26.29 31.77
C ALA C 302 -21.62 25.24 32.17
N PRO C 303 -22.19 25.28 33.41
CA PRO C 303 -23.12 24.25 33.88
C PRO C 303 -24.33 24.00 32.96
N GLU C 304 -24.83 25.03 32.28
CA GLU C 304 -26.02 24.95 31.38
C GLU C 304 -25.66 24.16 30.11
N VAL C 305 -24.41 24.28 29.63
CA VAL C 305 -23.87 23.50 28.47
C VAL C 305 -23.72 22.04 28.88
N PHE C 306 -23.07 21.81 30.03
CA PHE C 306 -22.73 20.46 30.57
C PHE C 306 -24.02 19.72 30.94
N ALA C 307 -25.11 20.44 31.20
CA ALA C 307 -26.45 19.90 31.55
C ALA C 307 -27.08 19.25 30.31
N GLN C 308 -26.68 19.67 29.11
CA GLN C 308 -27.16 19.13 27.81
C GLN C 308 -26.53 17.76 27.56
N LEU C 309 -25.26 17.59 27.96
CA LEU C 309 -24.54 16.28 27.89
C LEU C 309 -25.22 15.28 28.84
N SER C 310 -25.25 15.61 30.13
CA SER C 310 -25.89 14.80 31.21
C SER C 310 -26.56 15.73 32.24
N ALA C 311 -27.88 15.59 32.43
CA ALA C 311 -28.70 16.33 33.41
C ALA C 311 -28.42 15.86 34.84
N ARG C 312 -27.86 14.65 35.00
CA ARG C 312 -27.63 13.96 36.30
C ARG C 312 -26.36 14.46 37.00
N ALA C 313 -25.59 15.36 36.38
CA ALA C 313 -24.38 15.99 36.97
C ALA C 313 -24.73 17.42 37.42
N ASP C 339 -33.16 -8.21 40.08
CA ASP C 339 -33.88 -9.28 40.84
C ASP C 339 -33.97 -8.86 42.31
N TRP C 340 -34.52 -7.67 42.59
CA TRP C 340 -34.64 -7.09 43.95
C TRP C 340 -35.61 -7.92 44.80
N ASP C 341 -35.23 -8.25 46.04
CA ASP C 341 -36.03 -9.07 46.99
C ASP C 341 -36.84 -8.15 47.92
N PHE C 342 -36.52 -6.85 47.95
CA PHE C 342 -37.14 -5.84 48.86
C PHE C 342 -37.44 -4.56 48.07
N ASN D 9 -15.39 22.48 -8.55
CA ASN D 9 -16.19 21.57 -7.67
C ASN D 9 -15.24 20.73 -6.81
N TYR D 10 -15.45 20.75 -5.48
CA TYR D 10 -14.59 20.15 -4.44
C TYR D 10 -14.36 18.65 -4.69
N TYR D 11 -15.37 17.95 -5.19
CA TYR D 11 -15.39 16.47 -5.34
C TYR D 11 -14.26 16.03 -6.29
N ASP D 12 -14.07 16.75 -7.40
CA ASP D 12 -13.11 16.40 -8.48
C ASP D 12 -11.68 16.74 -8.05
N ARG D 13 -11.49 17.63 -7.07
CA ARG D 13 -10.15 18.04 -6.56
C ARG D 13 -9.99 17.61 -5.08
N SER D 14 -10.52 16.44 -4.72
CA SER D 14 -10.36 15.82 -3.37
C SER D 14 -10.64 14.32 -3.46
N VAL D 15 -10.24 13.58 -2.42
CA VAL D 15 -10.38 12.09 -2.32
C VAL D 15 -11.08 11.76 -1.01
N SER D 16 -11.83 10.64 -0.98
CA SER D 16 -12.40 10.07 0.27
C SER D 16 -11.24 9.67 1.17
N PRO D 17 -11.41 9.70 2.52
CA PRO D 17 -10.39 9.21 3.44
C PRO D 17 -9.72 7.88 3.08
N VAL D 18 -10.47 6.91 2.56
CA VAL D 18 -9.95 5.53 2.31
C VAL D 18 -9.05 5.55 1.06
N GLU D 19 -9.37 6.39 0.06
CA GLU D 19 -8.47 6.70 -1.10
C GLU D 19 -7.16 7.29 -0.56
N TYR D 20 -7.26 8.28 0.32
CA TYR D 20 -6.09 8.98 0.93
C TYR D 20 -5.21 7.96 1.65
N ALA D 21 -5.82 7.05 2.41
CA ALA D 21 -5.12 6.11 3.32
C ALA D 21 -4.27 5.11 2.52
N TYR D 22 -4.78 4.62 1.38
CA TYR D 22 -4.24 3.43 0.68
C TYR D 22 -3.71 3.74 -0.73
N PHE D 23 -4.07 4.86 -1.37
CA PHE D 23 -3.85 5.05 -2.83
C PHE D 23 -3.24 6.42 -3.19
N ASP D 24 -3.67 7.52 -2.58
CA ASP D 24 -3.28 8.89 -3.02
C ASP D 24 -3.30 9.86 -1.84
N GLN D 25 -2.13 10.11 -1.23
CA GLN D 25 -1.94 11.05 -0.09
C GLN D 25 -1.66 12.49 -0.61
N SER D 26 -1.75 12.73 -1.92
CA SER D 26 -1.30 13.99 -2.57
C SER D 26 -2.45 15.02 -2.63
N GLN D 27 -3.68 14.63 -2.29
CA GLN D 27 -4.87 15.53 -2.29
C GLN D 27 -5.45 15.61 -0.88
N ASN D 28 -6.29 16.63 -0.63
CA ASN D 28 -7.02 16.81 0.65
C ASN D 28 -8.26 15.90 0.65
N MET D 29 -8.77 15.59 1.84
CA MET D 29 -9.90 14.64 2.03
C MET D 29 -11.24 15.38 2.04
N ARG D 30 -12.26 14.77 1.43
CA ARG D 30 -13.68 15.25 1.49
C ARG D 30 -14.49 14.31 2.39
N ALA D 31 -15.37 14.89 3.21
CA ALA D 31 -16.41 14.19 3.99
C ALA D 31 -17.43 13.58 3.02
N ILE D 32 -17.97 12.40 3.36
CA ILE D 32 -19.09 11.77 2.59
C ILE D 32 -20.18 12.82 2.40
N ASN D 33 -20.80 12.82 1.21
CA ASN D 33 -21.93 13.72 0.85
C ASN D 33 -23.17 12.87 0.59
N TRP D 34 -24.09 12.85 1.56
CA TRP D 34 -25.39 12.13 1.49
C TRP D 34 -26.46 13.04 0.86
N ASN D 35 -26.14 14.32 0.66
CA ASN D 35 -27.08 15.34 0.11
C ASN D 35 -26.97 15.41 -1.42
N LYS D 36 -25.80 15.11 -1.98
CA LYS D 36 -25.54 15.06 -3.45
C LYS D 36 -24.97 13.67 -3.78
N ILE D 37 -25.84 12.74 -4.19
CA ILE D 37 -25.54 11.28 -4.31
C ILE D 37 -25.22 10.95 -5.77
N VAL D 38 -24.06 10.35 -6.03
CA VAL D 38 -23.57 9.99 -7.39
C VAL D 38 -24.45 8.87 -7.97
N ASP D 39 -24.83 7.89 -7.15
CA ASP D 39 -25.61 6.69 -7.58
C ASP D 39 -26.81 6.50 -6.64
N GLU D 40 -28.03 6.67 -7.16
CA GLU D 40 -29.30 6.55 -6.39
C GLU D 40 -29.51 5.09 -5.95
N LYS D 41 -28.89 4.12 -6.64
CA LYS D 41 -28.98 2.68 -6.31
C LYS D 41 -28.27 2.40 -4.97
N ASP D 42 -27.27 3.20 -4.61
CA ASP D 42 -26.56 3.13 -3.30
C ASP D 42 -27.54 3.50 -2.17
N LEU D 43 -28.29 4.60 -2.33
CA LEU D 43 -29.28 5.06 -1.33
C LEU D 43 -30.35 3.98 -1.14
N GLU D 44 -30.79 3.35 -2.24
CA GLU D 44 -31.86 2.32 -2.26
C GLU D 44 -31.43 1.10 -1.45
N VAL D 45 -30.19 0.62 -1.66
CA VAL D 45 -29.61 -0.59 -1.01
C VAL D 45 -29.33 -0.29 0.48
N TRP D 46 -28.68 0.86 0.75
CA TRP D 46 -28.47 1.37 2.13
C TRP D 46 -29.79 1.35 2.92
N ASN D 47 -30.83 1.97 2.35
CA ASN D 47 -32.17 2.10 2.99
C ASN D 47 -32.75 0.71 3.27
N ARG D 48 -32.60 -0.23 2.36
CA ARG D 48 -33.20 -1.58 2.52
C ARG D 48 -32.47 -2.34 3.64
N VAL D 49 -31.14 -2.39 3.61
CA VAL D 49 -30.32 -3.23 4.53
C VAL D 49 -30.40 -2.70 5.96
N THR D 50 -30.55 -1.39 6.14
CA THR D 50 -30.69 -0.73 7.47
C THR D 50 -32.11 -0.90 8.01
N GLN D 51 -33.13 -0.89 7.14
CA GLN D 51 -34.56 -1.11 7.51
C GLN D 51 -34.77 -2.60 7.83
N ASN D 52 -33.94 -3.48 7.27
CA ASN D 52 -33.98 -4.95 7.44
C ASN D 52 -33.07 -5.39 8.60
N PHE D 53 -32.57 -4.46 9.42
CA PHE D 53 -31.79 -4.79 10.64
C PHE D 53 -32.59 -5.73 11.54
N TRP D 54 -31.99 -6.85 11.94
CA TRP D 54 -32.56 -7.87 12.85
C TRP D 54 -31.44 -8.45 13.72
N LEU D 55 -31.81 -9.03 14.86
CA LEU D 55 -30.92 -9.80 15.77
C LEU D 55 -31.54 -11.18 16.01
N PRO D 56 -30.73 -12.24 16.14
CA PRO D 56 -31.27 -13.59 16.38
C PRO D 56 -32.08 -13.79 17.67
N GLU D 57 -31.95 -12.93 18.68
CA GLU D 57 -32.75 -13.02 19.95
C GLU D 57 -34.18 -12.53 19.70
N ASN D 58 -34.44 -11.83 18.58
CA ASN D 58 -35.80 -11.45 18.13
C ASN D 58 -36.61 -12.70 17.76
N ILE D 59 -35.94 -13.81 17.41
CA ILE D 59 -36.58 -15.05 16.88
C ILE D 59 -36.49 -16.15 17.96
N PRO D 60 -37.63 -16.72 18.40
CA PRO D 60 -37.64 -17.72 19.47
C PRO D 60 -37.43 -19.14 18.95
N VAL D 61 -36.20 -19.66 19.07
CA VAL D 61 -35.83 -21.02 18.58
C VAL D 61 -36.22 -22.09 19.61
N SER D 62 -36.66 -21.70 20.82
CA SER D 62 -37.04 -22.64 21.91
C SER D 62 -38.28 -23.47 21.53
N ASN D 63 -39.08 -23.01 20.55
CA ASN D 63 -40.25 -23.78 20.01
C ASN D 63 -39.77 -24.85 19.02
N ASP D 64 -38.47 -24.94 18.74
CA ASP D 64 -37.86 -26.02 17.92
C ASP D 64 -37.46 -27.22 18.80
N LEU D 65 -37.52 -27.08 20.13
CA LEU D 65 -37.09 -28.14 21.08
C LEU D 65 -37.84 -29.45 20.80
N PRO D 66 -39.19 -29.46 20.77
CA PRO D 66 -39.95 -30.69 20.49
C PRO D 66 -39.43 -31.44 19.26
N SER D 67 -39.43 -30.78 18.09
CA SER D 67 -39.04 -31.36 16.78
C SER D 67 -37.57 -31.82 16.82
N TRP D 68 -36.69 -31.01 17.43
CA TRP D 68 -35.24 -31.27 17.59
C TRP D 68 -35.01 -32.50 18.47
N ASN D 69 -35.73 -32.61 19.59
CA ASN D 69 -35.64 -33.72 20.57
C ASN D 69 -36.06 -35.04 19.91
N GLU D 70 -36.90 -34.99 18.87
CA GLU D 70 -37.37 -36.20 18.11
C GLU D 70 -36.30 -36.63 17.10
N LEU D 71 -35.38 -35.76 16.70
CA LEU D 71 -34.23 -36.10 15.81
C LEU D 71 -33.24 -36.97 16.57
N ASP D 72 -32.68 -37.99 15.92
CA ASP D 72 -31.63 -38.86 16.52
C ASP D 72 -30.29 -38.11 16.48
N ASP D 73 -29.27 -38.66 17.14
CA ASP D 73 -27.99 -37.96 17.44
C ASP D 73 -27.18 -37.74 16.15
N ASP D 74 -27.34 -38.62 15.14
CA ASP D 74 -26.60 -38.54 13.86
C ASP D 74 -27.16 -37.39 12.99
N TRP D 75 -28.43 -37.02 13.22
CA TRP D 75 -29.12 -35.88 12.55
C TRP D 75 -28.83 -34.58 13.31
N GLN D 76 -28.95 -34.61 14.65
CA GLN D 76 -28.61 -33.47 15.55
C GLN D 76 -27.16 -33.05 15.28
N GLN D 77 -26.26 -34.02 15.08
CA GLN D 77 -24.82 -33.80 14.79
C GLN D 77 -24.65 -33.19 13.39
N LEU D 78 -25.39 -33.67 12.40
CA LEU D 78 -25.29 -33.17 10.98
C LEU D 78 -25.64 -31.68 10.96
N ILE D 79 -26.73 -31.31 11.62
CA ILE D 79 -27.21 -29.90 11.74
C ILE D 79 -26.08 -29.04 12.32
N THR D 80 -25.59 -29.40 13.51
CA THR D 80 -24.55 -28.66 14.28
C THR D 80 -23.28 -28.50 13.43
N ARG D 81 -22.88 -29.54 12.71
CA ARG D 81 -21.68 -29.56 11.82
C ARG D 81 -21.89 -28.61 10.63
N THR D 82 -23.00 -28.79 9.90
CA THR D 82 -23.40 -27.98 8.71
C THR D 82 -23.37 -26.50 9.10
N PHE D 83 -24.04 -26.15 10.20
CA PHE D 83 -24.26 -24.77 10.68
C PHE D 83 -22.92 -24.15 11.11
N THR D 84 -22.10 -24.91 11.84
CA THR D 84 -20.74 -24.49 12.27
C THR D 84 -19.87 -24.26 11.03
N GLY D 85 -20.11 -25.00 9.95
CA GLY D 85 -19.46 -24.80 8.63
C GLY D 85 -19.90 -23.50 7.98
N LEU D 86 -21.18 -23.14 8.10
CA LEU D 86 -21.74 -21.85 7.59
C LEU D 86 -21.21 -20.71 8.46
N THR D 87 -21.09 -20.93 9.78
CA THR D 87 -20.50 -19.98 10.77
C THR D 87 -19.10 -19.59 10.30
N LEU D 88 -18.30 -20.55 9.83
CA LEU D 88 -16.92 -20.30 9.33
C LEU D 88 -16.99 -19.31 8.16
N LEU D 89 -17.76 -19.64 7.12
CA LEU D 89 -17.88 -18.84 5.88
C LEU D 89 -18.32 -17.41 6.23
N ASP D 90 -19.28 -17.26 7.14
CA ASP D 90 -19.76 -15.93 7.59
C ASP D 90 -18.63 -15.19 8.33
N THR D 91 -17.82 -15.91 9.11
CA THR D 91 -16.67 -15.35 9.86
C THR D 91 -15.63 -14.84 8.85
N VAL D 92 -15.41 -15.57 7.75
CA VAL D 92 -14.48 -15.20 6.65
C VAL D 92 -14.94 -13.87 6.04
N GLN D 93 -16.22 -13.78 5.71
CA GLN D 93 -16.81 -12.65 4.93
C GLN D 93 -16.91 -11.39 5.80
N SER D 94 -17.27 -11.55 7.08
CA SER D 94 -17.42 -10.47 8.08
C SER D 94 -16.04 -9.89 8.43
N SER D 95 -15.04 -10.74 8.65
CA SER D 95 -13.71 -10.37 9.18
C SER D 95 -12.73 -9.97 8.06
N ILE D 96 -12.90 -10.48 6.83
CA ILE D 96 -11.94 -10.26 5.69
C ILE D 96 -12.68 -9.67 4.47
N GLY D 97 -13.63 -10.42 3.90
CA GLY D 97 -14.18 -10.21 2.54
C GLY D 97 -14.81 -8.85 2.35
N ASP D 98 -15.88 -8.55 3.11
CA ASP D 98 -16.71 -7.34 2.91
C ASP D 98 -15.92 -6.08 3.30
N VAL D 99 -15.08 -6.16 4.34
CA VAL D 99 -14.26 -4.99 4.79
C VAL D 99 -13.24 -4.63 3.71
N ALA D 100 -12.66 -5.63 3.04
CA ALA D 100 -11.66 -5.47 1.95
C ALA D 100 -12.26 -4.71 0.76
N GLN D 101 -13.59 -4.76 0.60
CA GLN D 101 -14.32 -4.08 -0.52
C GLN D 101 -14.33 -2.56 -0.31
N ILE D 102 -14.29 -2.10 0.95
CA ILE D 102 -14.48 -0.67 1.30
C ILE D 102 -13.51 0.20 0.49
N LYS D 103 -12.21 -0.13 0.49
CA LYS D 103 -11.12 0.69 -0.13
C LYS D 103 -11.24 0.71 -1.66
N ASN D 104 -11.92 -0.28 -2.26
CA ASN D 104 -12.02 -0.45 -3.74
C ASN D 104 -13.37 0.07 -4.26
N SER D 105 -14.03 0.95 -3.52
CA SER D 105 -15.42 1.42 -3.80
C SER D 105 -15.41 2.48 -4.93
N LEU D 106 -16.49 2.54 -5.71
CA LEU D 106 -16.72 3.54 -6.78
C LEU D 106 -17.30 4.83 -6.19
N THR D 107 -18.15 4.70 -5.16
CA THR D 107 -18.88 5.82 -4.50
C THR D 107 -18.58 5.84 -3.00
N GLU D 108 -18.82 7.00 -2.35
CA GLU D 108 -18.65 7.20 -0.89
C GLU D 108 -19.63 6.30 -0.13
N GLN D 109 -20.89 6.23 -0.58
CA GLN D 109 -21.98 5.49 0.11
C GLN D 109 -21.65 3.99 0.11
N GLU D 110 -21.01 3.50 -0.95
CA GLU D 110 -20.59 2.08 -1.11
C GLU D 110 -19.63 1.69 0.02
N GLN D 111 -18.77 2.62 0.45
CA GLN D 111 -17.82 2.43 1.58
C GLN D 111 -18.63 2.07 2.83
N VAL D 112 -19.72 2.80 3.08
CA VAL D 112 -20.56 2.69 4.32
C VAL D 112 -21.43 1.44 4.20
N ILE D 113 -21.87 1.09 2.99
CA ILE D 113 -22.74 -0.09 2.73
C ILE D 113 -21.93 -1.37 2.99
N TYR D 114 -20.64 -1.40 2.66
CA TYR D 114 -19.78 -2.60 2.83
C TYR D 114 -19.44 -2.80 4.32
N ALA D 115 -19.40 -1.71 5.12
CA ALA D 115 -19.30 -1.76 6.59
C ALA D 115 -20.54 -2.47 7.15
N ASN D 116 -21.73 -2.04 6.73
CA ASN D 116 -23.03 -2.67 7.12
C ASN D 116 -22.98 -4.16 6.81
N PHE D 117 -22.57 -4.54 5.59
CA PHE D 117 -22.50 -5.95 5.13
C PHE D 117 -21.65 -6.77 6.09
N ALA D 118 -20.47 -6.25 6.46
CA ALA D 118 -19.50 -6.91 7.35
C ALA D 118 -20.15 -7.16 8.71
N PHE D 119 -20.87 -6.16 9.22
CA PHE D 119 -21.58 -6.21 10.52
C PHE D 119 -22.69 -7.27 10.45
N MET D 120 -23.53 -7.21 9.41
CA MET D 120 -24.75 -8.05 9.30
C MET D 120 -24.37 -9.51 9.06
N VAL D 121 -23.31 -9.78 8.29
CA VAL D 121 -22.78 -11.17 8.09
C VAL D 121 -22.20 -11.68 9.42
N GLY D 122 -21.68 -10.76 10.25
CA GLY D 122 -21.33 -11.04 11.66
C GLY D 122 -22.54 -11.52 12.46
N VAL D 123 -23.69 -10.87 12.27
CA VAL D 123 -24.99 -11.22 12.92
C VAL D 123 -25.44 -12.59 12.40
N HIS D 124 -25.26 -12.86 11.11
CA HIS D 124 -25.55 -14.19 10.51
C HIS D 124 -24.74 -15.26 11.26
N ALA D 125 -23.42 -15.07 11.35
CA ALA D 125 -22.50 -15.98 12.07
C ALA D 125 -22.99 -16.16 13.52
N ARG D 126 -23.42 -15.08 14.16
CA ARG D 126 -23.82 -15.05 15.60
C ARG D 126 -25.12 -15.84 15.82
N SER D 127 -26.07 -15.76 14.88
CA SER D 127 -27.43 -16.35 15.00
C SER D 127 -27.35 -17.87 15.15
N TYR D 128 -26.42 -18.53 14.45
CA TYR D 128 -26.14 -19.98 14.60
C TYR D 128 -25.83 -20.31 16.07
N GLY D 129 -25.09 -19.42 16.74
CA GLY D 129 -24.75 -19.53 18.17
C GLY D 129 -25.98 -19.54 19.07
N THR D 130 -27.00 -18.73 18.76
CA THR D 130 -28.25 -18.64 19.56
C THR D 130 -29.09 -19.91 19.32
N ILE D 131 -29.04 -20.47 18.11
CA ILE D 131 -29.67 -21.79 17.77
C ILE D 131 -29.01 -22.87 18.64
N PHE D 132 -27.66 -22.96 18.60
CA PHE D 132 -26.86 -23.95 19.36
C PHE D 132 -27.07 -23.76 20.87
N SER D 133 -27.13 -22.52 21.32
CA SER D 133 -27.30 -22.14 22.75
C SER D 133 -28.63 -22.69 23.28
N THR D 134 -29.64 -22.85 22.41
CA THR D 134 -31.02 -23.26 22.77
C THR D 134 -31.17 -24.78 22.65
N LEU D 135 -30.56 -25.41 21.64
CA LEU D 135 -30.84 -26.81 21.22
C LEU D 135 -29.73 -27.78 21.63
N CYS D 136 -28.47 -27.41 21.37
CA CYS D 136 -27.29 -28.31 21.42
C CYS D 136 -26.75 -28.44 22.85
N THR D 137 -25.95 -29.49 23.08
CA THR D 137 -25.08 -29.70 24.27
C THR D 137 -23.69 -29.13 23.97
N SER D 138 -22.91 -28.85 25.02
CA SER D 138 -21.48 -28.45 24.96
C SER D 138 -20.69 -29.38 24.04
N GLU D 139 -20.91 -30.71 24.16
CA GLU D 139 -20.15 -31.78 23.45
C GLU D 139 -20.44 -31.70 21.94
N GLN D 140 -21.71 -31.47 21.57
CA GLN D 140 -22.16 -31.33 20.17
C GLN D 140 -21.48 -30.10 19.56
N ILE D 141 -21.52 -28.97 20.28
CA ILE D 141 -20.93 -27.66 19.86
C ILE D 141 -19.41 -27.83 19.74
N GLU D 142 -18.77 -28.34 20.80
CA GLU D 142 -17.31 -28.62 20.88
C GLU D 142 -16.90 -29.52 19.70
N GLU D 143 -17.60 -30.64 19.50
CA GLU D 143 -17.29 -31.65 18.45
C GLU D 143 -17.43 -31.02 17.06
N ALA D 144 -18.47 -30.21 16.84
CA ALA D 144 -18.76 -29.51 15.56
C ALA D 144 -17.58 -28.62 15.18
N HIS D 145 -17.02 -27.89 16.14
CA HIS D 145 -15.84 -27.00 15.96
C HIS D 145 -14.60 -27.83 15.58
N GLU D 146 -14.34 -28.93 16.29
CA GLU D 146 -13.22 -29.87 15.99
C GLU D 146 -13.34 -30.37 14.55
N TRP D 147 -14.55 -30.81 14.16
CA TRP D 147 -14.88 -31.36 12.81
C TRP D 147 -14.56 -30.32 11.72
N VAL D 148 -14.98 -29.07 11.93
CA VAL D 148 -14.80 -27.96 10.94
C VAL D 148 -13.30 -27.73 10.73
N VAL D 149 -12.53 -27.70 11.82
CA VAL D 149 -11.05 -27.47 11.83
C VAL D 149 -10.36 -28.58 11.02
N ASP D 150 -10.77 -29.83 11.21
CA ASP D 150 -10.05 -31.04 10.70
C ASP D 150 -10.64 -31.52 9.36
N ASN D 151 -11.76 -30.94 8.90
CA ASN D 151 -12.41 -31.28 7.62
C ASN D 151 -11.75 -30.49 6.48
N GLU D 152 -10.90 -31.14 5.69
CA GLU D 152 -10.04 -30.51 4.65
C GLU D 152 -10.90 -30.02 3.47
N ALA D 153 -11.93 -30.78 3.09
CA ALA D 153 -12.84 -30.48 1.96
C ALA D 153 -13.64 -29.19 2.26
N LEU D 154 -14.01 -28.98 3.52
CA LEU D 154 -14.65 -27.74 4.02
C LEU D 154 -13.67 -26.57 3.87
N GLN D 155 -12.47 -26.71 4.44
CA GLN D 155 -11.43 -25.64 4.55
C GLN D 155 -10.97 -25.16 3.18
N ALA D 156 -10.96 -26.04 2.17
CA ALA D 156 -10.47 -25.76 0.79
C ALA D 156 -11.28 -24.63 0.15
N ARG D 157 -12.56 -24.48 0.51
CA ARG D 157 -13.50 -23.51 -0.09
C ARG D 157 -13.10 -22.08 0.30
N PRO D 158 -13.08 -21.69 1.60
CA PRO D 158 -12.60 -20.36 1.99
C PRO D 158 -11.14 -20.09 1.59
N LYS D 159 -10.27 -21.10 1.68
CA LYS D 159 -8.82 -21.00 1.34
C LYS D 159 -8.64 -20.63 -0.14
N ALA D 160 -9.58 -21.03 -1.00
CA ALA D 160 -9.58 -20.71 -2.45
C ALA D 160 -9.97 -19.24 -2.68
N LEU D 161 -10.77 -18.65 -1.79
CA LEU D 161 -11.34 -17.28 -1.96
C LEU D 161 -10.49 -16.22 -1.24
N ILE D 162 -9.95 -16.53 -0.05
CA ILE D 162 -9.26 -15.54 0.83
C ILE D 162 -8.10 -14.87 0.10
N PRO D 163 -7.25 -15.60 -0.67
CA PRO D 163 -6.13 -14.97 -1.39
C PRO D 163 -6.54 -13.78 -2.28
N PHE D 164 -7.74 -13.80 -2.85
CA PHE D 164 -8.28 -12.73 -3.72
C PHE D 164 -8.60 -11.49 -2.88
N TYR D 165 -9.00 -11.68 -1.62
CA TYR D 165 -9.33 -10.59 -0.67
C TYR D 165 -8.05 -9.83 -0.27
N THR D 166 -6.92 -10.55 -0.12
CA THR D 166 -5.64 -10.00 0.39
C THR D 166 -4.72 -9.55 -0.76
N ALA D 167 -4.99 -9.97 -2.00
CA ALA D 167 -4.23 -9.59 -3.22
C ALA D 167 -4.59 -8.16 -3.64
N ASP D 168 -4.03 -7.70 -4.77
CA ASP D 168 -4.06 -6.28 -5.22
C ASP D 168 -5.04 -6.09 -6.38
N ASP D 169 -5.72 -7.15 -6.83
CA ASP D 169 -6.72 -7.10 -7.93
C ASP D 169 -8.10 -6.81 -7.35
N PRO D 170 -8.64 -5.58 -7.49
CA PRO D 170 -9.92 -5.23 -6.87
C PRO D 170 -11.14 -5.91 -7.52
N LEU D 171 -11.03 -6.29 -8.81
CA LEU D 171 -12.14 -6.96 -9.56
C LEU D 171 -12.27 -8.42 -9.12
N LYS D 172 -11.14 -9.10 -8.89
CA LYS D 172 -11.11 -10.54 -8.48
C LYS D 172 -11.57 -10.67 -7.03
N SER D 173 -11.31 -9.64 -6.21
CA SER D 173 -11.78 -9.52 -4.80
C SER D 173 -13.32 -9.39 -4.81
N LYS D 174 -13.85 -8.52 -5.67
CA LYS D 174 -15.30 -8.26 -5.82
C LYS D 174 -16.01 -9.57 -6.20
N ILE D 175 -15.46 -10.30 -7.18
CA ILE D 175 -16.05 -11.59 -7.67
C ILE D 175 -16.15 -12.56 -6.50
N ALA D 176 -15.07 -12.68 -5.72
CA ALA D 176 -14.99 -13.53 -4.50
C ALA D 176 -16.05 -13.07 -3.50
N ALA D 177 -16.18 -11.75 -3.30
CA ALA D 177 -17.14 -11.11 -2.35
C ALA D 177 -18.58 -11.41 -2.78
N ALA D 178 -18.83 -11.55 -4.08
CA ALA D 178 -20.16 -11.85 -4.67
C ALA D 178 -20.48 -13.35 -4.51
N LEU D 179 -19.46 -14.21 -4.61
CA LEU D 179 -19.59 -15.68 -4.68
C LEU D 179 -19.94 -16.25 -3.30
N MET D 180 -19.45 -15.63 -2.22
CA MET D 180 -19.70 -16.09 -0.82
C MET D 180 -21.19 -16.06 -0.51
N PRO D 181 -21.89 -14.91 -0.61
CA PRO D 181 -23.35 -14.88 -0.40
C PRO D 181 -24.18 -15.45 -1.55
N GLY D 182 -23.60 -15.56 -2.75
CA GLY D 182 -24.32 -15.91 -3.99
C GLY D 182 -24.42 -17.41 -4.22
N PHE D 183 -23.51 -18.21 -3.65
CA PHE D 183 -23.33 -19.64 -4.03
C PHE D 183 -22.98 -20.53 -2.82
N LEU D 184 -21.96 -20.16 -2.05
CA LEU D 184 -21.15 -21.13 -1.27
C LEU D 184 -21.91 -21.67 -0.05
N LEU D 185 -22.94 -20.96 0.45
CA LEU D 185 -23.66 -21.36 1.70
C LEU D 185 -24.95 -22.12 1.38
N TYR D 186 -25.39 -22.14 0.12
CA TYR D 186 -26.75 -22.62 -0.28
C TYR D 186 -26.85 -24.15 -0.14
N GLY D 187 -25.76 -24.88 -0.39
CA GLY D 187 -25.66 -26.33 -0.14
C GLY D 187 -26.02 -26.67 1.30
N GLY D 188 -25.54 -25.88 2.25
CA GLY D 188 -25.85 -26.01 3.69
C GLY D 188 -27.27 -25.59 4.01
N PHE D 189 -27.75 -24.49 3.42
CA PHE D 189 -29.10 -23.92 3.66
C PHE D 189 -30.20 -24.91 3.26
N TYR D 190 -29.92 -25.81 2.31
CA TYR D 190 -30.84 -26.90 1.89
C TYR D 190 -31.38 -27.64 3.12
N LEU D 191 -30.49 -27.95 4.08
CA LEU D 191 -30.77 -28.82 5.24
C LEU D 191 -31.92 -28.23 6.07
N PRO D 192 -31.81 -27.01 6.65
CA PRO D 192 -32.91 -26.46 7.44
C PRO D 192 -34.24 -26.40 6.67
N PHE D 193 -34.19 -26.14 5.36
CA PHE D 193 -35.38 -26.06 4.47
C PHE D 193 -35.96 -27.47 4.27
N TYR D 194 -35.10 -28.48 4.09
CA TYR D 194 -35.51 -29.91 3.97
C TYR D 194 -36.32 -30.30 5.21
N LEU D 195 -35.89 -29.85 6.39
CA LEU D 195 -36.46 -30.25 7.70
C LEU D 195 -37.79 -29.52 7.94
N SER D 196 -37.84 -28.20 7.66
CA SER D 196 -39.01 -27.33 7.94
C SER D 196 -40.15 -27.64 6.96
N ALA D 197 -39.85 -28.29 5.82
CA ALA D 197 -40.84 -28.81 4.85
C ALA D 197 -41.65 -29.93 5.50
N ARG D 198 -41.07 -30.62 6.50
CA ARG D 198 -41.70 -31.73 7.27
C ARG D 198 -41.99 -31.25 8.70
N GLY D 199 -42.04 -29.94 8.93
CA GLY D 199 -42.43 -29.31 10.21
C GLY D 199 -41.37 -29.46 11.30
N LYS D 200 -40.12 -29.76 10.94
CA LYS D 200 -38.99 -29.91 11.89
C LYS D 200 -38.12 -28.63 11.88
N LEU D 201 -37.81 -28.09 13.06
CA LEU D 201 -36.95 -26.89 13.26
C LEU D 201 -37.53 -25.71 12.49
N PRO D 202 -38.85 -25.43 12.59
CA PRO D 202 -39.49 -24.41 11.76
C PRO D 202 -38.93 -23.00 12.02
N ASN D 203 -38.63 -22.67 13.28
CA ASN D 203 -38.17 -21.33 13.73
C ASN D 203 -36.73 -21.10 13.25
N THR D 204 -35.90 -22.14 13.28
CA THR D 204 -34.54 -22.15 12.68
C THR D 204 -34.64 -21.62 11.24
N SER D 205 -35.62 -22.10 10.45
CA SER D 205 -35.80 -21.73 9.02
C SER D 205 -36.17 -20.25 8.87
N ASP D 206 -36.89 -19.66 9.84
CA ASP D 206 -37.22 -18.21 9.87
C ASP D 206 -35.92 -17.39 9.97
N ILE D 207 -34.95 -17.86 10.76
CA ILE D 207 -33.61 -17.23 10.90
C ILE D 207 -32.87 -17.36 9.57
N ILE D 208 -32.98 -18.50 8.89
CA ILE D 208 -32.31 -18.75 7.57
C ILE D 208 -32.91 -17.80 6.53
N ARG D 209 -34.22 -17.50 6.62
CA ARG D 209 -34.91 -16.61 5.65
C ARG D 209 -34.51 -15.15 5.89
N LEU D 210 -34.25 -14.74 7.14
CA LEU D 210 -33.73 -13.39 7.47
C LEU D 210 -32.29 -13.26 6.96
N ILE D 211 -31.50 -14.33 7.06
CA ILE D 211 -30.10 -14.39 6.53
C ILE D 211 -30.16 -14.21 5.01
N LEU D 212 -31.02 -14.97 4.33
CA LEU D 212 -31.12 -14.98 2.85
C LEU D 212 -31.76 -13.69 2.34
N ARG D 213 -32.48 -12.96 3.20
CA ARG D 213 -33.08 -11.63 2.86
C ARG D 213 -31.96 -10.59 2.75
N ASP D 214 -30.87 -10.77 3.52
CA ASP D 214 -29.64 -9.93 3.49
C ASP D 214 -28.72 -10.40 2.34
N LYS D 215 -28.52 -11.70 2.20
CA LYS D 215 -27.53 -12.32 1.26
C LYS D 215 -27.90 -11.95 -0.20
N VAL D 216 -29.18 -11.94 -0.56
CA VAL D 216 -29.65 -11.64 -1.95
C VAL D 216 -29.15 -10.25 -2.35
N ILE D 217 -29.26 -9.27 -1.44
CA ILE D 217 -28.87 -7.85 -1.67
C ILE D 217 -27.34 -7.74 -1.69
N HIS D 218 -26.64 -8.50 -0.84
CA HIS D 218 -25.15 -8.55 -0.81
C HIS D 218 -24.64 -9.01 -2.18
N ASN D 219 -25.16 -10.14 -2.69
CA ASN D 219 -24.78 -10.72 -4.00
C ASN D 219 -25.12 -9.73 -5.11
N PHE D 220 -26.32 -9.12 -5.06
CA PHE D 220 -26.80 -8.16 -6.07
C PHE D 220 -25.84 -6.97 -6.17
N TYR D 221 -25.47 -6.39 -5.03
CA TYR D 221 -24.71 -5.12 -4.91
C TYR D 221 -23.27 -5.34 -5.37
N SER D 222 -22.62 -6.39 -4.87
CA SER D 222 -21.25 -6.79 -5.28
C SER D 222 -21.24 -7.10 -6.78
N GLY D 223 -22.29 -7.76 -7.26
CA GLY D 223 -22.49 -8.07 -8.69
C GLY D 223 -22.66 -6.80 -9.53
N TYR D 224 -23.50 -5.88 -9.07
CA TYR D 224 -23.82 -4.57 -9.70
C TYR D 224 -22.54 -3.72 -9.81
N LYS D 225 -21.77 -3.60 -8.73
CA LYS D 225 -20.52 -2.79 -8.68
C LYS D 225 -19.44 -3.46 -9.54
N TYR D 226 -19.37 -4.79 -9.57
CA TYR D 226 -18.45 -5.55 -10.46
C TYR D 226 -18.69 -5.11 -11.90
N GLN D 227 -19.96 -5.17 -12.33
CA GLN D 227 -20.39 -4.87 -13.73
C GLN D 227 -19.99 -3.44 -14.11
N LEU D 228 -20.07 -2.49 -13.17
CA LEU D 228 -19.76 -1.06 -13.43
C LEU D 228 -18.25 -0.86 -13.64
N LYS D 229 -17.40 -1.71 -13.04
CA LYS D 229 -15.92 -1.61 -13.19
C LYS D 229 -15.48 -2.29 -14.50
N VAL D 230 -15.97 -3.49 -14.80
CA VAL D 230 -15.57 -4.27 -16.01
C VAL D 230 -16.02 -3.54 -17.28
N ALA D 231 -17.15 -2.83 -17.24
CA ALA D 231 -17.78 -2.15 -18.39
C ALA D 231 -16.88 -1.02 -18.92
N LYS D 232 -15.84 -0.64 -18.17
CA LYS D 232 -14.91 0.47 -18.51
C LYS D 232 -13.58 -0.08 -19.05
N LEU D 233 -13.37 -1.40 -19.00
CA LEU D 233 -12.16 -2.09 -19.53
C LEU D 233 -12.30 -2.33 -21.03
N SER D 234 -11.20 -2.67 -21.70
CA SER D 234 -11.14 -3.03 -23.15
C SER D 234 -11.85 -4.37 -23.36
N PRO D 235 -12.42 -4.63 -24.56
CA PRO D 235 -13.13 -5.89 -24.81
C PRO D 235 -12.28 -7.15 -24.54
N GLU D 236 -10.96 -7.04 -24.73
CA GLU D 236 -9.97 -8.13 -24.50
C GLU D 236 -9.95 -8.47 -22.99
N LYS D 237 -9.75 -7.46 -22.12
CA LYS D 237 -9.66 -7.64 -20.65
C LYS D 237 -11.06 -7.87 -20.05
N GLN D 238 -12.12 -7.42 -20.74
CA GLN D 238 -13.55 -7.70 -20.39
C GLN D 238 -13.82 -9.19 -20.62
N ALA D 239 -13.22 -9.78 -21.66
CA ALA D 239 -13.33 -11.21 -22.04
C ALA D 239 -12.54 -12.08 -21.05
N GLU D 240 -11.32 -11.66 -20.71
CA GLU D 240 -10.42 -12.38 -19.75
C GLU D 240 -11.13 -12.50 -18.39
N MET D 241 -11.80 -11.43 -17.95
CA MET D 241 -12.52 -11.37 -16.65
C MET D 241 -13.70 -12.35 -16.65
N LYS D 242 -14.49 -12.37 -17.74
CA LYS D 242 -15.61 -13.32 -17.93
C LYS D 242 -15.11 -14.76 -17.74
N GLN D 243 -14.02 -15.12 -18.42
CA GLN D 243 -13.42 -16.49 -18.42
C GLN D 243 -13.04 -16.87 -16.98
N PHE D 244 -12.38 -15.94 -16.25
CA PHE D 244 -11.93 -16.12 -14.85
C PHE D 244 -13.13 -16.46 -13.96
N VAL D 245 -14.22 -15.71 -14.09
CA VAL D 245 -15.47 -15.88 -13.30
C VAL D 245 -15.97 -17.31 -13.48
N PHE D 246 -16.03 -17.77 -14.74
CA PHE D 246 -16.50 -19.13 -15.13
C PHE D 246 -15.49 -20.18 -14.65
N ASP D 247 -14.19 -19.90 -14.77
CA ASP D 247 -13.10 -20.80 -14.30
C ASP D 247 -13.23 -20.97 -12.78
N LEU D 248 -13.25 -19.85 -12.05
CA LEU D 248 -13.34 -19.81 -10.57
C LEU D 248 -14.62 -20.51 -10.10
N LEU D 249 -15.75 -20.25 -10.74
CA LEU D 249 -17.05 -20.86 -10.36
C LEU D 249 -16.98 -22.38 -10.53
N ASP D 250 -16.41 -22.86 -11.65
CA ASP D 250 -16.25 -24.31 -11.95
C ASP D 250 -15.41 -24.97 -10.86
N LYS D 251 -14.28 -24.35 -10.48
CA LYS D 251 -13.39 -24.84 -9.39
C LYS D 251 -14.18 -24.91 -8.08
N MET D 252 -14.90 -23.85 -7.74
CA MET D 252 -15.65 -23.71 -6.46
C MET D 252 -16.82 -24.71 -6.42
N ILE D 253 -17.47 -24.94 -7.58
CA ILE D 253 -18.50 -26.01 -7.73
C ILE D 253 -17.84 -27.37 -7.43
N GLY D 254 -16.66 -27.60 -7.99
CA GLY D 254 -15.85 -28.81 -7.76
C GLY D 254 -15.62 -29.09 -6.28
N LEU D 255 -15.16 -28.07 -5.54
CA LEU D 255 -14.80 -28.16 -4.09
C LEU D 255 -16.07 -28.34 -3.25
N GLU D 256 -17.17 -27.67 -3.62
CA GLU D 256 -18.48 -27.72 -2.91
C GLU D 256 -19.03 -29.15 -2.98
N LYS D 257 -19.07 -29.74 -4.17
CA LYS D 257 -19.61 -31.11 -4.41
C LYS D 257 -18.85 -32.11 -3.52
N THR D 258 -17.52 -32.09 -3.57
CA THR D 258 -16.63 -32.92 -2.71
C THR D 258 -17.07 -32.79 -1.25
N TYR D 259 -17.31 -31.55 -0.79
CA TYR D 259 -17.70 -31.22 0.61
C TYR D 259 -19.10 -31.77 0.94
N LEU D 260 -20.08 -31.54 0.06
CA LEU D 260 -21.50 -31.89 0.30
C LEU D 260 -21.66 -33.42 0.28
N HIS D 261 -21.02 -34.11 -0.67
CA HIS D 261 -21.00 -35.60 -0.75
C HIS D 261 -20.51 -36.15 0.60
N GLN D 262 -19.42 -35.59 1.16
CA GLN D 262 -18.84 -35.99 2.47
C GLN D 262 -19.80 -35.61 3.61
N LEU D 263 -20.32 -34.38 3.59
CA LEU D 263 -21.19 -33.82 4.65
C LEU D 263 -22.46 -34.66 4.79
N TYR D 264 -23.12 -34.95 3.66
CA TYR D 264 -24.44 -35.62 3.62
C TYR D 264 -24.29 -37.13 3.38
N ASP D 265 -23.07 -37.67 3.50
CA ASP D 265 -22.77 -39.12 3.35
C ASP D 265 -23.55 -39.91 4.41
N GLY D 266 -24.53 -40.70 3.96
CA GLY D 266 -25.35 -41.58 4.82
C GLY D 266 -26.72 -40.98 5.13
N PHE D 267 -27.04 -39.81 4.55
CA PHE D 267 -28.32 -39.08 4.77
C PHE D 267 -29.10 -38.93 3.46
N GLY D 268 -28.43 -39.09 2.30
CA GLY D 268 -29.03 -39.07 0.95
C GLY D 268 -29.57 -37.71 0.56
N LEU D 269 -28.96 -36.63 1.05
CA LEU D 269 -29.35 -35.23 0.76
C LEU D 269 -28.40 -34.60 -0.29
N ALA D 270 -27.25 -35.24 -0.53
CA ALA D 270 -26.12 -34.69 -1.33
C ALA D 270 -26.60 -34.25 -2.70
N ASP D 271 -27.32 -35.11 -3.42
CA ASP D 271 -27.73 -34.91 -4.84
C ASP D 271 -28.62 -33.66 -4.94
N GLU D 272 -29.63 -33.56 -4.07
CA GLU D 272 -30.63 -32.44 -4.06
C GLU D 272 -29.92 -31.14 -3.67
N ALA D 273 -29.23 -31.14 -2.52
CA ALA D 273 -28.47 -30.00 -1.98
C ALA D 273 -27.55 -29.42 -3.06
N ILE D 274 -26.91 -30.30 -3.84
CA ILE D 274 -25.98 -29.94 -4.96
C ILE D 274 -26.78 -29.25 -6.08
N ARG D 275 -27.97 -29.76 -6.41
CA ARG D 275 -28.85 -29.18 -7.46
C ARG D 275 -29.28 -27.77 -7.02
N PHE D 276 -29.62 -27.59 -5.75
CA PHE D 276 -29.95 -26.29 -5.11
C PHE D 276 -28.75 -25.35 -5.20
N SER D 277 -27.54 -25.90 -4.99
CA SER D 277 -26.25 -25.17 -5.07
C SER D 277 -26.04 -24.63 -6.49
N LEU D 278 -26.38 -25.42 -7.51
CA LEU D 278 -26.20 -25.03 -8.95
C LEU D 278 -27.26 -24.02 -9.38
N TYR D 279 -28.46 -24.07 -8.79
CA TYR D 279 -29.55 -23.07 -8.98
C TYR D 279 -29.03 -21.69 -8.60
N ASN D 280 -28.36 -21.60 -7.44
CA ASN D 280 -27.81 -20.35 -6.87
C ASN D 280 -26.49 -20.01 -7.58
N ALA D 281 -25.73 -21.01 -8.03
CA ALA D 281 -24.55 -20.82 -8.90
C ALA D 281 -24.98 -20.06 -10.15
N GLY D 282 -26.11 -20.45 -10.75
CA GLY D 282 -26.70 -19.82 -11.95
C GLY D 282 -27.15 -18.40 -11.68
N LYS D 283 -27.78 -18.16 -10.53
CA LYS D 283 -28.23 -16.80 -10.08
C LYS D 283 -27.00 -15.91 -9.83
N PHE D 284 -25.95 -16.46 -9.23
CA PHE D 284 -24.67 -15.74 -8.97
C PHE D 284 -24.14 -15.16 -10.29
N LEU D 285 -24.13 -15.96 -11.36
CA LEU D 285 -23.64 -15.57 -12.70
C LEU D 285 -24.51 -14.43 -13.27
N GLN D 286 -25.83 -14.50 -13.05
CA GLN D 286 -26.80 -13.50 -13.55
C GLN D 286 -26.57 -12.17 -12.85
N ASN D 287 -26.29 -12.20 -11.53
CA ASN D 287 -26.02 -11.01 -10.69
C ASN D 287 -24.75 -10.29 -11.16
N LEU D 288 -23.84 -11.00 -11.85
CA LEU D 288 -22.58 -10.43 -12.43
C LEU D 288 -22.78 -10.11 -13.92
N GLY D 289 -23.91 -10.52 -14.49
CA GLY D 289 -24.38 -10.13 -15.83
C GLY D 289 -24.08 -11.17 -16.90
N TYR D 290 -23.84 -12.43 -16.51
CA TYR D 290 -23.50 -13.55 -17.43
C TYR D 290 -24.67 -14.54 -17.47
N GLU D 291 -24.81 -15.25 -18.60
CA GLU D 291 -25.88 -16.26 -18.83
C GLU D 291 -25.58 -17.50 -18.00
N SER D 292 -26.63 -18.09 -17.40
CA SER D 292 -26.57 -19.34 -16.61
C SER D 292 -26.53 -20.53 -17.56
N PRO D 293 -25.47 -21.37 -17.53
CA PRO D 293 -25.40 -22.55 -18.40
C PRO D 293 -26.23 -23.73 -17.87
N PHE D 294 -26.83 -23.58 -16.68
CA PHE D 294 -27.60 -24.64 -15.99
C PHE D 294 -29.05 -24.61 -16.47
N THR D 295 -29.58 -25.77 -16.89
CA THR D 295 -31.00 -25.96 -17.29
C THR D 295 -31.85 -26.07 -16.02
N LYS D 296 -33.18 -26.00 -16.17
CA LYS D 296 -34.16 -26.12 -15.05
C LYS D 296 -34.13 -27.55 -14.50
N GLU D 297 -33.84 -28.55 -15.36
CA GLU D 297 -33.86 -30.00 -15.01
C GLU D 297 -32.76 -30.32 -13.99
N GLU D 298 -31.54 -29.81 -14.20
CA GLU D 298 -30.34 -30.20 -13.40
C GLU D 298 -30.17 -29.27 -12.18
N THR D 299 -31.08 -28.31 -11.97
CA THR D 299 -31.12 -27.43 -10.78
C THR D 299 -32.43 -27.62 -9.99
N ARG D 300 -33.33 -28.49 -10.47
CA ARG D 300 -34.66 -28.75 -9.86
C ARG D 300 -34.45 -29.47 -8.52
N ILE D 301 -35.13 -28.99 -7.46
CA ILE D 301 -35.28 -29.71 -6.17
C ILE D 301 -36.78 -29.94 -5.93
N ALA D 302 -37.11 -30.66 -4.86
CA ALA D 302 -38.50 -30.96 -4.43
C ALA D 302 -39.25 -29.65 -4.19
N PRO D 303 -40.47 -29.48 -4.75
CA PRO D 303 -41.21 -28.22 -4.63
C PRO D 303 -41.51 -27.82 -3.18
N GLU D 304 -41.66 -28.78 -2.26
CA GLU D 304 -41.99 -28.52 -0.83
C GLU D 304 -40.77 -27.91 -0.12
N VAL D 305 -39.55 -28.25 -0.56
CA VAL D 305 -38.27 -27.70 -0.02
C VAL D 305 -38.10 -26.27 -0.55
N PHE D 306 -38.27 -26.09 -1.86
CA PHE D 306 -38.13 -24.77 -2.57
C PHE D 306 -39.17 -23.79 -2.02
N ALA D 307 -40.34 -24.29 -1.60
CA ALA D 307 -41.47 -23.52 -1.02
C ALA D 307 -41.04 -22.81 0.28
N GLN D 308 -40.07 -23.39 1.01
CA GLN D 308 -39.52 -22.80 2.26
C GLN D 308 -38.74 -21.53 1.91
N LEU D 309 -38.07 -21.51 0.76
CA LEU D 309 -37.40 -20.30 0.21
C LEU D 309 -38.47 -19.30 -0.25
N SER D 310 -39.36 -19.73 -1.16
CA SER D 310 -40.50 -18.90 -1.67
C SER D 310 -41.71 -19.77 -2.01
N ALA D 311 -42.87 -19.42 -1.43
CA ALA D 311 -44.18 -20.06 -1.64
C ALA D 311 -44.85 -19.52 -2.91
N ARG D 312 -44.25 -18.50 -3.55
CA ARG D 312 -44.76 -17.85 -4.78
C ARG D 312 -44.15 -18.50 -6.03
N ALA D 313 -43.18 -19.41 -5.87
CA ALA D 313 -42.42 -20.02 -6.98
C ALA D 313 -43.26 -21.09 -7.67
N ASP D 314 -43.26 -21.08 -9.01
CA ASP D 314 -43.91 -22.10 -9.89
C ASP D 314 -45.36 -22.35 -9.45
N GLU D 315 -46.09 -21.30 -9.03
CA GLU D 315 -47.50 -21.40 -8.58
C GLU D 315 -48.41 -21.50 -9.82
N ASN D 316 -49.49 -22.28 -9.72
CA ASN D 316 -50.53 -22.43 -10.77
C ASN D 316 -51.29 -21.09 -10.89
N HIS D 317 -51.06 -20.36 -11.98
CA HIS D 317 -51.64 -19.00 -12.24
C HIS D 317 -53.13 -19.12 -12.53
N ASP D 318 -53.54 -20.22 -13.17
CA ASP D 318 -54.96 -20.51 -13.55
C ASP D 318 -55.79 -20.70 -12.27
N PHE D 319 -55.22 -21.29 -11.22
CA PHE D 319 -55.91 -21.51 -9.90
C PHE D 319 -56.22 -20.16 -9.26
N PHE D 320 -55.23 -19.27 -9.17
CA PHE D 320 -55.32 -17.93 -8.52
C PHE D 320 -56.22 -16.99 -9.36
N SER D 321 -56.51 -17.36 -10.61
CA SER D 321 -57.36 -16.58 -11.56
C SER D 321 -58.80 -17.13 -11.57
N GLY D 322 -59.06 -18.25 -10.87
CA GLY D 322 -60.35 -18.97 -10.94
C GLY D 322 -60.62 -19.50 -12.35
N SER D 323 -59.56 -19.97 -13.03
CA SER D 323 -59.52 -20.39 -14.46
C SER D 323 -59.90 -19.21 -15.37
N GLY D 324 -59.73 -17.97 -14.87
CA GLY D 324 -60.19 -16.73 -15.53
C GLY D 324 -59.06 -16.02 -16.26
N SER D 325 -59.25 -14.73 -16.55
CA SER D 325 -58.34 -13.89 -17.37
C SER D 325 -57.45 -13.00 -16.47
N SER D 326 -57.60 -13.07 -15.14
CA SER D 326 -56.84 -12.26 -14.15
C SER D 326 -56.90 -12.90 -12.75
N TYR D 327 -55.93 -12.58 -11.89
CA TYR D 327 -55.88 -13.01 -10.46
C TYR D 327 -57.13 -12.49 -9.73
N ILE D 328 -57.73 -13.30 -8.86
CA ILE D 328 -58.93 -12.94 -8.06
C ILE D 328 -58.63 -13.02 -6.55
N ILE D 329 -57.50 -13.62 -6.14
CA ILE D 329 -57.11 -13.80 -4.70
C ILE D 329 -55.65 -13.36 -4.50
N LEU D 336 -51.79 -1.80 -3.37
CA LEU D 336 -50.96 -1.51 -2.16
C LEU D 336 -50.68 -0.01 -2.10
N ASP D 337 -49.94 0.51 -3.10
CA ASP D 337 -49.34 1.87 -3.12
C ASP D 337 -50.44 2.94 -3.08
N GLU D 338 -50.12 4.13 -2.57
CA GLU D 338 -51.05 5.29 -2.44
C GLU D 338 -51.13 6.07 -3.76
N ASP D 339 -50.23 5.78 -4.71
CA ASP D 339 -50.10 6.51 -6.01
C ASP D 339 -51.15 5.99 -7.01
N TRP D 340 -51.64 4.75 -6.83
CA TRP D 340 -52.71 4.14 -7.67
C TRP D 340 -53.90 5.10 -7.76
N ASP D 341 -54.24 5.53 -8.99
CA ASP D 341 -55.33 6.51 -9.28
C ASP D 341 -56.68 5.78 -9.37
N PHE D 342 -56.69 4.57 -9.92
CA PHE D 342 -57.90 3.76 -10.21
C PHE D 342 -57.93 2.54 -9.29
N LYS E 7 45.56 -32.39 19.76
CA LYS E 7 46.71 -31.48 19.46
C LYS E 7 46.56 -30.86 18.06
N GLU E 8 45.72 -31.45 17.20
CA GLU E 8 45.23 -30.82 15.93
C GLU E 8 44.51 -29.51 16.29
N LEU E 9 45.01 -28.37 15.78
CA LEU E 9 44.45 -27.02 16.04
C LEU E 9 44.30 -26.25 14.73
N ILE E 10 43.20 -25.51 14.58
CA ILE E 10 42.94 -24.54 13.48
C ILE E 10 42.91 -23.13 14.07
N VAL E 11 43.61 -22.18 13.46
CA VAL E 11 43.38 -20.72 13.62
C VAL E 11 42.70 -20.22 12.35
N TYR E 12 41.58 -19.52 12.48
CA TYR E 12 40.77 -19.01 11.33
C TYR E 12 40.36 -17.55 11.57
N PHE E 13 40.08 -16.86 10.46
CA PHE E 13 39.39 -15.54 10.43
C PHE E 13 38.09 -15.70 9.62
N SER E 14 37.07 -14.94 10.02
CA SER E 14 35.75 -14.87 9.34
C SER E 14 35.14 -13.50 9.63
N THR E 15 34.58 -12.86 8.61
CA THR E 15 33.90 -11.54 8.74
C THR E 15 32.49 -11.77 9.30
N GLN E 16 31.67 -10.73 9.32
CA GLN E 16 30.29 -10.71 9.85
C GLN E 16 29.43 -11.76 9.13
N SER E 17 29.76 -12.13 7.88
CA SER E 17 29.00 -13.08 7.03
C SER E 17 29.20 -14.54 7.47
N ASN E 18 30.30 -14.86 8.15
CA ASN E 18 30.51 -16.13 8.93
C ASN E 18 30.58 -17.37 8.02
N ASN E 19 31.00 -17.23 6.76
CA ASN E 19 31.11 -18.38 5.82
C ASN E 19 32.25 -19.29 6.29
N THR E 20 33.43 -18.72 6.57
CA THR E 20 34.64 -19.47 6.99
C THR E 20 34.39 -20.07 8.37
N HIS E 21 33.79 -19.30 9.27
CA HIS E 21 33.40 -19.75 10.63
C HIS E 21 32.62 -21.07 10.51
N ARG E 22 31.55 -21.08 9.71
CA ARG E 22 30.61 -22.22 9.57
C ARG E 22 31.32 -23.42 8.94
N PHE E 23 32.24 -23.20 8.00
CA PHE E 23 33.04 -24.29 7.38
C PHE E 23 33.88 -24.95 8.47
N VAL E 24 34.59 -24.13 9.24
CA VAL E 24 35.55 -24.59 10.29
C VAL E 24 34.81 -25.41 11.34
N GLN E 25 33.56 -25.05 11.67
CA GLN E 25 32.72 -25.75 12.68
C GLN E 25 32.32 -27.15 12.18
N LYS E 26 32.36 -27.39 10.87
CA LYS E 26 32.05 -28.72 10.26
C LYS E 26 33.27 -29.63 10.33
N LEU E 27 34.47 -29.09 10.58
CA LEU E 27 35.74 -29.85 10.73
C LEU E 27 35.82 -30.46 12.12
N ASP E 28 36.71 -31.45 12.31
CA ASP E 28 36.89 -32.21 13.57
C ASP E 28 37.84 -31.44 14.51
N ALA E 29 38.94 -30.91 13.96
CA ALA E 29 40.01 -30.20 14.71
C ALA E 29 39.40 -29.02 15.49
N GLU E 30 39.87 -28.82 16.73
CA GLU E 30 39.57 -27.65 17.58
C GLU E 30 40.00 -26.37 16.83
N SER E 31 39.30 -25.26 17.04
CA SER E 31 39.49 -23.99 16.29
C SER E 31 39.54 -22.79 17.25
N ILE E 32 40.36 -21.79 16.91
CA ILE E 32 40.46 -20.46 17.60
C ILE E 32 40.22 -19.36 16.56
N ARG E 33 39.34 -18.42 16.86
CA ARG E 33 38.91 -17.34 15.93
C ARG E 33 39.77 -16.08 16.16
N ILE E 34 40.33 -15.52 15.09
CA ILE E 34 41.00 -14.18 15.10
C ILE E 34 39.91 -13.13 15.21
N PRO E 35 39.99 -12.16 16.17
CA PRO E 35 38.94 -11.17 16.35
C PRO E 35 38.75 -10.24 15.15
N ILE E 36 37.49 -9.93 14.83
CA ILE E 36 37.09 -8.93 13.79
C ILE E 36 37.52 -7.54 14.27
N ASP E 37 37.19 -7.19 15.51
CA ASP E 37 37.56 -5.92 16.18
C ASP E 37 39.09 -5.75 16.11
N GLU E 38 39.57 -4.74 15.39
CA GLU E 38 41.02 -4.49 15.17
C GLU E 38 41.68 -3.97 16.45
N GLU E 39 40.90 -3.64 17.49
CA GLU E 39 41.39 -3.22 18.82
C GLU E 39 41.80 -4.46 19.63
N GLU E 40 41.52 -5.67 19.14
CA GLU E 40 41.73 -6.94 19.87
C GLU E 40 42.72 -7.83 19.10
N ARG E 41 43.50 -8.62 19.83
CA ARG E 41 44.53 -9.54 19.28
C ARG E 41 44.46 -10.86 20.07
N ILE E 42 45.04 -11.92 19.53
CA ILE E 42 45.17 -13.22 20.25
C ILE E 42 46.63 -13.67 20.22
N LYS E 43 47.01 -14.48 21.21
CA LYS E 43 48.31 -15.21 21.29
C LYS E 43 48.02 -16.70 21.19
N VAL E 44 48.70 -17.39 20.27
CA VAL E 44 48.56 -18.85 20.05
C VAL E 44 49.92 -19.50 20.36
N ASP E 45 49.94 -20.47 21.29
CA ASP E 45 51.17 -21.08 21.87
C ASP E 45 51.37 -22.51 21.34
N GLU E 46 50.48 -23.00 20.46
CA GLU E 46 50.55 -24.35 19.83
C GLU E 46 50.61 -24.21 18.31
N ASP E 47 51.13 -25.24 17.62
CA ASP E 47 51.13 -25.32 16.13
C ASP E 47 49.68 -25.37 15.63
N TYR E 48 49.42 -24.84 14.44
CA TYR E 48 48.05 -24.70 13.86
C TYR E 48 48.10 -24.67 12.32
N VAL E 49 46.99 -25.04 11.69
CA VAL E 49 46.66 -24.74 10.27
C VAL E 49 45.82 -23.46 10.23
N LEU E 50 46.21 -22.49 9.40
CA LEU E 50 45.51 -21.19 9.22
C LEU E 50 44.45 -21.34 8.11
N ILE E 51 43.20 -20.93 8.37
CA ILE E 51 42.09 -20.98 7.36
C ILE E 51 41.46 -19.59 7.26
N VAL E 52 41.59 -18.92 6.11
CA VAL E 52 41.19 -17.49 5.93
C VAL E 52 40.48 -17.31 4.58
N PRO E 53 39.49 -16.39 4.51
CA PRO E 53 38.90 -15.96 3.24
C PRO E 53 39.75 -14.88 2.56
N THR E 54 39.32 -14.45 1.37
CA THR E 54 40.04 -13.51 0.48
C THR E 54 39.15 -12.29 0.19
N TYR E 55 39.73 -11.10 0.21
CA TYR E 55 39.04 -9.79 0.02
C TYR E 55 39.98 -8.80 -0.69
N SER E 56 40.06 -8.86 -2.03
CA SER E 56 40.84 -7.91 -2.88
C SER E 56 39.90 -7.11 -3.78
N GLY E 70 45.37 -5.87 -1.17
CA GLY E 70 44.93 -6.19 0.20
C GLY E 70 44.11 -7.47 0.25
N ALA E 71 44.64 -8.56 -0.33
CA ALA E 71 43.97 -9.87 -0.49
C ALA E 71 43.76 -10.54 0.88
N VAL E 72 44.72 -10.40 1.79
CA VAL E 72 44.65 -10.96 3.18
C VAL E 72 43.90 -9.95 4.05
N PRO E 73 42.85 -10.37 4.79
CA PRO E 73 42.19 -9.49 5.76
C PRO E 73 43.22 -8.88 6.72
N LYS E 74 43.03 -7.60 7.06
CA LYS E 74 43.95 -6.78 7.90
C LYS E 74 44.16 -7.46 9.26
N GLN E 75 43.11 -8.07 9.81
CA GLN E 75 43.13 -8.74 11.15
C GLN E 75 44.06 -9.95 11.12
N VAL E 76 44.18 -10.62 9.97
CA VAL E 76 45.08 -11.80 9.78
C VAL E 76 46.53 -11.30 9.68
N ILE E 77 46.76 -10.18 9.00
CA ILE E 77 48.10 -9.52 8.92
C ILE E 77 48.55 -9.20 10.34
N HIS E 78 47.70 -8.53 11.12
CA HIS E 78 47.95 -8.16 12.55
C HIS E 78 48.31 -9.42 13.36
N PHE E 79 47.58 -10.51 13.17
CA PHE E 79 47.83 -11.81 13.85
C PHE E 79 49.24 -12.30 13.50
N LEU E 80 49.56 -12.39 12.21
CA LEU E 80 50.83 -12.96 11.68
C LEU E 80 51.99 -11.99 11.89
N ASN E 81 51.71 -10.70 12.09
CA ASN E 81 52.74 -9.66 12.39
C ASN E 81 53.37 -9.90 13.77
N ASP E 82 52.75 -10.73 14.62
CA ASP E 82 53.33 -11.17 15.92
C ASP E 82 54.22 -12.38 15.63
N PRO E 83 55.57 -12.26 15.74
CA PRO E 83 56.47 -13.37 15.45
C PRO E 83 56.16 -14.65 16.25
N ASP E 84 55.64 -14.48 17.48
CA ASP E 84 55.26 -15.60 18.38
C ASP E 84 54.12 -16.41 17.77
N ASN E 85 53.23 -15.77 17.01
CA ASN E 85 52.03 -16.41 16.39
C ASN E 85 52.42 -17.09 15.07
N ARG E 86 53.18 -16.39 14.22
CA ARG E 86 53.45 -16.82 12.82
C ARG E 86 54.49 -17.95 12.79
N LYS E 87 55.23 -18.18 13.88
CA LYS E 87 56.25 -19.26 13.98
C LYS E 87 55.53 -20.61 14.11
N HIS E 88 54.26 -20.62 14.53
CA HIS E 88 53.47 -21.84 14.84
C HIS E 88 52.59 -22.26 13.64
N CYS E 89 52.66 -21.55 12.52
CA CYS E 89 51.84 -21.86 11.31
C CYS E 89 52.44 -23.07 10.57
N LEU E 90 51.64 -24.13 10.39
CA LEU E 90 52.01 -25.39 9.69
C LEU E 90 51.50 -25.37 8.25
N GLY E 91 51.11 -24.19 7.73
CA GLY E 91 50.53 -24.02 6.38
C GLY E 91 49.21 -23.27 6.43
N VAL E 92 48.64 -22.99 5.26
CA VAL E 92 47.42 -22.15 5.10
C VAL E 92 46.42 -22.86 4.18
N ILE E 93 45.13 -22.73 4.50
CA ILE E 93 43.97 -23.02 3.61
C ILE E 93 43.28 -21.68 3.34
N SER E 94 42.90 -21.41 2.10
CA SER E 94 42.25 -20.13 1.70
C SER E 94 40.90 -20.41 1.03
N SER E 95 39.92 -19.55 1.29
CA SER E 95 38.56 -19.62 0.71
C SER E 95 38.29 -18.36 -0.11
N GLY E 96 37.20 -18.39 -0.88
CA GLY E 96 36.71 -17.27 -1.69
C GLY E 96 35.64 -17.71 -2.65
N ASN E 97 35.69 -17.21 -3.89
CA ASN E 97 34.70 -17.50 -4.95
C ASN E 97 35.43 -17.45 -6.29
N THR E 98 35.25 -18.47 -7.12
CA THR E 98 35.93 -18.65 -8.43
C THR E 98 35.53 -17.52 -9.40
N ASN E 99 34.41 -16.83 -9.15
CA ASN E 99 33.90 -15.73 -10.00
C ASN E 99 34.86 -14.53 -10.00
N PHE E 100 35.85 -14.52 -9.09
CA PHE E 100 36.90 -13.47 -8.98
C PHE E 100 38.08 -13.79 -9.91
N GLY E 101 38.06 -14.96 -10.57
CA GLY E 101 39.03 -15.35 -11.62
C GLY E 101 40.45 -15.50 -11.09
N ASP E 102 41.34 -14.60 -11.51
CA ASP E 102 42.78 -14.57 -11.10
C ASP E 102 42.91 -14.25 -9.61
N SER E 103 41.86 -13.69 -8.99
CA SER E 103 41.82 -13.28 -7.56
C SER E 103 41.23 -14.39 -6.67
N PHE E 104 40.79 -15.52 -7.24
CA PHE E 104 40.16 -16.61 -6.46
C PHE E 104 41.16 -17.12 -5.40
N ALA E 105 40.84 -16.88 -4.13
CA ALA E 105 41.47 -17.50 -2.93
C ALA E 105 42.96 -17.11 -2.80
N ILE E 106 43.37 -15.96 -3.37
CA ILE E 106 44.80 -15.54 -3.47
C ILE E 106 45.37 -15.18 -2.08
N ALA E 107 44.53 -15.13 -1.04
CA ALA E 107 44.98 -14.97 0.38
C ALA E 107 45.93 -16.12 0.75
N GLY E 108 45.58 -17.35 0.34
CA GLY E 108 46.40 -18.55 0.59
C GLY E 108 47.80 -18.41 0.01
N PRO E 109 47.93 -18.23 -1.32
CA PRO E 109 49.23 -17.97 -1.95
C PRO E 109 50.03 -16.84 -1.28
N VAL E 110 49.41 -15.68 -1.04
CA VAL E 110 50.09 -14.49 -0.45
C VAL E 110 50.68 -14.87 0.91
N ILE E 111 49.90 -15.54 1.76
CA ILE E 111 50.33 -16.01 3.11
C ILE E 111 51.46 -17.05 2.94
N SER E 112 51.31 -17.98 2.00
CA SER E 112 52.31 -19.03 1.66
C SER E 112 53.68 -18.41 1.42
N TYR E 113 53.74 -17.36 0.57
CA TYR E 113 54.98 -16.65 0.16
C TYR E 113 55.59 -15.90 1.35
N LYS E 114 54.78 -15.24 2.17
CA LYS E 114 55.24 -14.39 3.31
C LYS E 114 55.81 -15.28 4.42
N LEU E 115 55.10 -16.35 4.79
CA LEU E 115 55.45 -17.24 5.93
C LEU E 115 56.45 -18.32 5.49
N LYS E 116 56.57 -18.58 4.18
CA LYS E 116 57.34 -19.71 3.59
C LYS E 116 56.77 -21.02 4.15
N VAL E 117 55.45 -21.21 4.01
CA VAL E 117 54.69 -22.42 4.49
C VAL E 117 53.80 -22.89 3.34
N PRO E 118 53.41 -24.19 3.32
CA PRO E 118 52.64 -24.74 2.20
C PRO E 118 51.17 -24.28 2.14
N LEU E 119 50.69 -23.95 0.95
CA LEU E 119 49.25 -23.76 0.63
C LEU E 119 48.61 -25.13 0.48
N LEU E 120 47.80 -25.55 1.47
CA LEU E 120 47.34 -26.95 1.65
C LEU E 120 46.03 -27.21 0.88
N TYR E 121 45.13 -26.22 0.80
CA TYR E 121 43.79 -26.39 0.17
C TYR E 121 43.17 -25.03 -0.18
N GLN E 122 42.22 -25.05 -1.11
CA GLN E 122 41.37 -23.89 -1.52
C GLN E 122 39.92 -24.35 -1.60
N PHE E 123 38.96 -23.55 -1.12
CA PHE E 123 37.52 -23.90 -1.08
C PHE E 123 36.66 -22.63 -1.22
N GLU E 124 35.33 -22.82 -1.27
CA GLU E 124 34.32 -21.79 -1.60
C GLU E 124 33.28 -21.66 -0.48
N LEU E 125 33.00 -20.43 -0.06
CA LEU E 125 31.90 -20.05 0.88
C LEU E 125 31.98 -20.93 2.14
N ILE E 126 30.97 -21.78 2.38
CA ILE E 126 30.82 -22.58 3.63
C ILE E 126 31.31 -24.01 3.35
N GLY E 127 31.87 -24.27 2.17
CA GLY E 127 32.42 -25.58 1.78
C GLY E 127 31.34 -26.62 1.48
N THR E 128 31.70 -27.63 0.69
CA THR E 128 30.83 -28.77 0.30
C THR E 128 31.14 -29.96 1.22
N LYS E 129 30.46 -31.10 1.01
CA LYS E 129 30.70 -32.36 1.75
C LYS E 129 32.12 -32.86 1.46
N GLU E 130 32.55 -32.76 0.19
CA GLU E 130 33.90 -33.16 -0.29
C GLU E 130 34.99 -32.37 0.43
N ASP E 131 34.85 -31.04 0.53
CA ASP E 131 35.85 -30.11 1.12
C ASP E 131 36.13 -30.50 2.58
N VAL E 132 35.10 -30.85 3.34
CA VAL E 132 35.18 -31.20 4.79
C VAL E 132 36.02 -32.48 4.95
N GLU E 133 35.79 -33.47 4.09
CA GLU E 133 36.50 -34.78 4.08
C GLU E 133 37.99 -34.55 3.79
N GLU E 134 38.30 -33.73 2.77
CA GLU E 134 39.69 -33.48 2.27
C GLU E 134 40.49 -32.66 3.29
N VAL E 135 39.87 -31.63 3.89
CA VAL E 135 40.54 -30.72 4.87
C VAL E 135 40.78 -31.50 6.18
N ASN E 136 39.80 -32.27 6.65
CA ASN E 136 39.94 -33.17 7.83
C ASN E 136 41.15 -34.08 7.62
N ARG E 137 41.25 -34.69 6.43
CA ARG E 137 42.37 -35.60 6.04
C ARG E 137 43.68 -34.81 5.99
N ILE E 138 43.69 -33.66 5.31
CA ILE E 138 44.92 -32.84 5.06
C ILE E 138 45.45 -32.26 6.38
N ILE E 139 44.57 -31.98 7.35
CA ILE E 139 44.97 -31.47 8.70
C ILE E 139 45.63 -32.62 9.47
N SER E 140 45.04 -33.83 9.43
CA SER E 140 45.61 -35.06 10.03
C SER E 140 47.01 -35.32 9.47
N GLU E 141 47.16 -35.31 8.14
CA GLU E 141 48.42 -35.63 7.42
C GLU E 141 49.46 -34.51 7.61
N THR E 142 49.02 -33.27 7.87
CA THR E 142 49.91 -32.09 8.06
C THR E 142 50.56 -32.13 9.45
N PHE E 143 49.85 -32.69 10.45
CA PHE E 143 50.28 -32.73 11.87
C PHE E 143 51.10 -34.00 12.16
N ASN E 144 51.10 -34.96 11.23
CA ASN E 144 51.89 -36.22 11.30
C ASN E 144 53.15 -36.10 10.42
N ALA E 145 53.17 -35.15 9.48
CA ALA E 145 54.29 -34.90 8.52
C ALA E 145 55.21 -33.80 9.09
N LYS F 7 -11.94 1.24 61.27
CA LYS F 7 -13.23 1.97 61.45
C LYS F 7 -13.86 2.21 60.07
N GLU F 8 -13.29 3.15 59.29
CA GLU F 8 -13.75 3.48 57.90
C GLU F 8 -13.60 2.24 57.02
N LEU F 9 -14.70 1.81 56.39
CA LEU F 9 -14.74 0.64 55.48
C LEU F 9 -15.47 1.01 54.18
N ILE F 10 -14.94 0.53 53.04
CA ILE F 10 -15.59 0.59 51.69
C ILE F 10 -15.95 -0.85 51.27
N VAL F 11 -17.20 -1.06 50.85
CA VAL F 11 -17.61 -2.21 49.99
C VAL F 11 -17.79 -1.67 48.57
N TYR F 12 -17.17 -2.30 47.58
CA TYR F 12 -17.25 -1.86 46.16
C TYR F 12 -17.49 -3.07 45.24
N PHE F 13 -18.05 -2.80 44.07
CA PHE F 13 -18.14 -3.74 42.93
C PHE F 13 -17.36 -3.14 41.75
N SER F 14 -16.78 -4.02 40.93
CA SER F 14 -15.99 -3.65 39.73
C SER F 14 -16.00 -4.87 38.79
N THR F 15 -16.20 -4.65 37.49
CA THR F 15 -16.16 -5.71 36.44
C THR F 15 -14.71 -5.97 36.03
N GLN F 16 -14.50 -6.85 35.05
CA GLN F 16 -13.18 -7.18 34.43
C GLN F 16 -12.37 -5.92 34.11
N SER F 17 -13.01 -4.81 33.71
CA SER F 17 -12.34 -3.55 33.30
C SER F 17 -11.70 -2.84 34.51
N ASN F 18 -12.14 -3.14 35.74
CA ASN F 18 -11.46 -2.75 37.00
C ASN F 18 -11.26 -1.22 37.11
N ASN F 19 -12.19 -0.42 36.56
CA ASN F 19 -12.15 1.06 36.70
C ASN F 19 -12.44 1.44 38.15
N THR F 20 -13.59 0.98 38.66
CA THR F 20 -14.07 1.22 40.06
C THR F 20 -13.02 0.68 41.05
N HIS F 21 -12.50 -0.52 40.79
CA HIS F 21 -11.41 -1.15 41.58
C HIS F 21 -10.26 -0.16 41.74
N ARG F 22 -9.73 0.36 40.62
CA ARG F 22 -8.50 1.19 40.59
C ARG F 22 -8.76 2.50 41.35
N PHE F 23 -9.97 3.06 41.27
CA PHE F 23 -10.37 4.27 42.03
C PHE F 23 -10.30 3.98 43.54
N VAL F 24 -10.91 2.88 43.97
CA VAL F 24 -11.02 2.48 45.40
C VAL F 24 -9.61 2.27 45.99
N GLN F 25 -8.67 1.72 45.22
CA GLN F 25 -7.29 1.41 45.70
C GLN F 25 -6.48 2.70 45.88
N LYS F 26 -6.97 3.83 45.35
CA LYS F 26 -6.35 5.17 45.49
C LYS F 26 -6.90 5.89 46.73
N LEU F 27 -7.93 5.34 47.38
CA LEU F 27 -8.58 5.93 48.60
C LEU F 27 -7.85 5.44 49.85
N ASP F 28 -8.05 6.13 50.99
CA ASP F 28 -7.37 5.86 52.28
C ASP F 28 -8.01 4.64 52.96
N ALA F 29 -9.35 4.61 53.00
CA ALA F 29 -10.16 3.62 53.75
C ALA F 29 -9.95 2.20 53.19
N GLU F 30 -9.95 1.21 54.08
CA GLU F 30 -9.96 -0.25 53.74
C GLU F 30 -11.18 -0.53 52.86
N SER F 31 -11.08 -1.52 51.96
CA SER F 31 -12.13 -1.88 50.98
C SER F 31 -12.32 -3.40 50.90
N ILE F 32 -13.56 -3.83 50.63
CA ILE F 32 -13.95 -5.24 50.39
C ILE F 32 -14.67 -5.28 49.03
N ARG F 33 -14.30 -6.25 48.18
CA ARG F 33 -14.79 -6.36 46.78
C ARG F 33 -15.94 -7.38 46.71
N ILE F 34 -17.11 -6.96 46.24
CA ILE F 34 -18.26 -7.88 45.93
C ILE F 34 -17.83 -8.75 44.74
N PRO F 35 -17.93 -10.10 44.85
CA PRO F 35 -17.42 -11.00 43.81
C PRO F 35 -18.13 -10.80 42.45
N ILE F 36 -17.37 -10.88 41.37
CA ILE F 36 -17.88 -10.87 39.96
C ILE F 36 -18.63 -12.19 39.73
N ASP F 37 -18.06 -13.30 40.18
CA ASP F 37 -18.65 -14.67 40.05
C ASP F 37 -20.05 -14.61 40.67
N GLU F 38 -21.08 -14.85 39.83
CA GLU F 38 -22.52 -14.79 40.21
C GLU F 38 -22.84 -15.88 41.24
N GLU F 39 -21.99 -16.92 41.33
CA GLU F 39 -22.19 -18.09 42.22
C GLU F 39 -21.45 -17.88 43.55
N GLU F 40 -20.92 -16.68 43.80
CA GLU F 40 -20.15 -16.33 45.02
C GLU F 40 -20.76 -15.10 45.70
N ARG F 41 -20.86 -15.13 47.03
CA ARG F 41 -21.47 -14.05 47.86
C ARG F 41 -20.50 -13.71 48.99
N ILE F 42 -20.73 -12.57 49.67
CA ILE F 42 -19.92 -12.15 50.85
C ILE F 42 -20.87 -11.67 51.97
N LYS F 43 -20.38 -11.76 53.21
CA LYS F 43 -21.06 -11.29 54.44
C LYS F 43 -20.23 -10.14 55.02
N VAL F 44 -20.88 -9.00 55.29
CA VAL F 44 -20.27 -7.78 55.90
C VAL F 44 -21.02 -7.48 57.21
N ASP F 45 -20.29 -7.47 58.33
CA ASP F 45 -20.86 -7.34 59.71
C ASP F 45 -20.71 -5.90 60.21
N GLU F 46 -19.86 -5.09 59.57
CA GLU F 46 -19.51 -3.71 60.01
C GLU F 46 -20.09 -2.71 59.00
N ASP F 47 -20.12 -1.43 59.39
CA ASP F 47 -20.71 -0.32 58.60
C ASP F 47 -19.74 0.07 57.47
N TYR F 48 -20.27 0.33 56.27
CA TYR F 48 -19.49 0.61 55.03
C TYR F 48 -20.17 1.71 54.20
N VAL F 49 -19.38 2.34 53.34
CA VAL F 49 -19.84 3.16 52.17
C VAL F 49 -19.77 2.27 50.92
N LEU F 50 -20.86 2.17 50.16
CA LEU F 50 -20.94 1.34 48.92
C LEU F 50 -20.49 2.19 47.71
N ILE F 51 -19.54 1.70 46.91
CA ILE F 51 -19.08 2.34 45.64
C ILE F 51 -19.31 1.36 44.49
N VAL F 52 -20.19 1.70 43.54
CA VAL F 52 -20.59 0.80 42.40
C VAL F 52 -20.64 1.59 41.09
N PRO F 53 -20.33 0.94 39.95
CA PRO F 53 -20.57 1.53 38.63
C PRO F 53 -21.99 1.28 38.11
N THR F 54 -22.36 1.97 37.02
CA THR F 54 -23.70 1.93 36.38
C THR F 54 -23.60 1.17 35.06
N TYR F 55 -24.58 0.30 34.79
CA TYR F 55 -24.68 -0.50 33.53
C TYR F 55 -26.15 -0.63 33.11
N SER F 56 -26.48 -0.20 31.89
CA SER F 56 -27.83 -0.24 31.28
C SER F 56 -27.76 0.14 29.79
N ALA F 71 -29.76 -0.87 35.94
CA ALA F 71 -28.75 0.18 36.28
C ALA F 71 -27.73 -0.39 37.28
N VAL F 72 -28.22 -1.05 38.34
CA VAL F 72 -27.39 -1.70 39.39
C VAL F 72 -26.95 -3.07 38.87
N PRO F 73 -25.65 -3.41 38.90
CA PRO F 73 -25.18 -4.76 38.56
C PRO F 73 -25.82 -5.84 39.45
N LYS F 74 -26.10 -7.02 38.88
CA LYS F 74 -26.80 -8.14 39.55
C LYS F 74 -26.07 -8.53 40.84
N GLN F 75 -24.73 -8.52 40.81
CA GLN F 75 -23.86 -8.87 41.97
C GLN F 75 -24.16 -7.94 43.15
N VAL F 76 -24.43 -6.66 42.88
CA VAL F 76 -24.71 -5.60 43.90
C VAL F 76 -26.11 -5.82 44.46
N ILE F 77 -27.09 -6.13 43.60
CA ILE F 77 -28.47 -6.49 44.01
C ILE F 77 -28.38 -7.68 44.97
N HIS F 78 -27.78 -8.79 44.52
CA HIS F 78 -27.56 -10.04 45.31
C HIS F 78 -26.95 -9.70 46.67
N PHE F 79 -25.99 -8.77 46.71
CA PHE F 79 -25.28 -8.39 47.96
C PHE F 79 -26.23 -7.69 48.93
N LEU F 80 -27.00 -6.70 48.44
CA LEU F 80 -27.93 -5.88 49.27
C LEU F 80 -29.20 -6.69 49.59
N ASN F 81 -29.50 -7.73 48.81
CA ASN F 81 -30.68 -8.62 49.00
C ASN F 81 -30.57 -9.34 50.36
N ASP F 82 -29.35 -9.55 50.87
CA ASP F 82 -29.09 -10.04 52.25
C ASP F 82 -29.39 -8.91 53.23
N PRO F 83 -30.41 -9.05 54.13
CA PRO F 83 -30.72 -8.01 55.11
C PRO F 83 -29.56 -7.69 56.06
N ASP F 84 -28.71 -8.70 56.34
CA ASP F 84 -27.55 -8.59 57.26
C ASP F 84 -26.48 -7.68 56.64
N ASN F 85 -26.29 -7.71 55.32
CA ASN F 85 -25.36 -6.82 54.56
C ASN F 85 -25.99 -5.42 54.43
N ARG F 86 -27.23 -5.38 53.93
CA ARG F 86 -28.04 -4.17 53.63
C ARG F 86 -27.96 -3.14 54.77
N LYS F 87 -28.20 -3.58 56.02
CA LYS F 87 -28.47 -2.71 57.19
C LYS F 87 -27.20 -1.94 57.62
N HIS F 88 -26.03 -2.26 57.04
CA HIS F 88 -24.72 -1.66 57.40
C HIS F 88 -24.30 -0.58 56.40
N CYS F 89 -25.12 -0.29 55.39
CA CYS F 89 -24.84 0.78 54.39
C CYS F 89 -25.11 2.15 55.00
N LEU F 90 -24.07 2.97 55.16
CA LEU F 90 -24.14 4.37 55.65
C LEU F 90 -24.44 5.32 54.48
N GLY F 91 -24.10 4.93 53.25
CA GLY F 91 -24.35 5.73 52.03
C GLY F 91 -23.82 5.05 50.77
N VAL F 92 -24.12 5.63 49.61
CA VAL F 92 -23.78 5.05 48.27
C VAL F 92 -23.04 6.10 47.43
N ILE F 93 -21.93 5.70 46.81
CA ILE F 93 -21.20 6.45 45.75
C ILE F 93 -21.35 5.67 44.43
N SER F 94 -21.81 6.33 43.36
CA SER F 94 -21.98 5.73 42.03
C SER F 94 -20.95 6.32 41.05
N SER F 95 -20.52 5.52 40.08
CA SER F 95 -19.65 5.95 38.97
C SER F 95 -20.34 5.67 37.64
N GLY F 96 -19.79 6.20 36.55
CA GLY F 96 -20.27 5.98 35.18
C GLY F 96 -19.53 6.88 34.19
N ASN F 97 -20.26 7.38 33.21
CA ASN F 97 -19.75 8.29 32.14
C ASN F 97 -20.89 9.23 31.75
N THR F 98 -20.60 10.54 31.71
CA THR F 98 -21.59 11.61 31.45
C THR F 98 -22.23 11.42 30.07
N ASN F 99 -21.56 10.72 29.15
CA ASN F 99 -22.05 10.46 27.76
C ASN F 99 -23.31 9.59 27.75
N PHE F 100 -23.66 8.94 28.87
CA PHE F 100 -24.91 8.15 29.00
C PHE F 100 -26.07 9.08 29.40
N GLY F 101 -25.79 10.37 29.59
CA GLY F 101 -26.78 11.45 29.75
C GLY F 101 -27.66 11.25 30.97
N ASP F 102 -28.94 10.93 30.77
CA ASP F 102 -29.95 10.79 31.85
C ASP F 102 -29.67 9.52 32.66
N SER F 103 -28.89 8.58 32.09
CA SER F 103 -28.48 7.30 32.72
C SER F 103 -27.13 7.42 33.46
N PHE F 104 -26.49 8.59 33.43
CA PHE F 104 -25.16 8.79 34.07
C PHE F 104 -25.23 8.48 35.57
N ALA F 105 -24.46 7.47 36.00
CA ALA F 105 -24.19 7.09 37.41
C ALA F 105 -25.50 6.84 38.18
N ILE F 106 -26.57 6.42 37.51
CA ILE F 106 -27.95 6.34 38.10
C ILE F 106 -28.07 5.11 39.00
N ALA F 107 -27.08 4.21 39.01
CA ALA F 107 -26.99 3.10 39.99
C ALA F 107 -27.09 3.68 41.41
N GLY F 108 -26.49 4.85 41.64
CA GLY F 108 -26.42 5.52 42.96
C GLY F 108 -27.79 5.97 43.46
N PRO F 109 -28.47 6.90 42.75
CA PRO F 109 -29.86 7.27 43.07
C PRO F 109 -30.81 6.08 43.23
N VAL F 110 -30.67 5.04 42.39
CA VAL F 110 -31.49 3.79 42.43
C VAL F 110 -31.25 3.09 43.79
N ILE F 111 -29.99 2.99 44.21
CA ILE F 111 -29.58 2.39 45.51
C ILE F 111 -30.00 3.34 46.64
N SER F 112 -29.74 4.65 46.47
CA SER F 112 -30.06 5.73 47.45
C SER F 112 -31.52 5.66 47.87
N TYR F 113 -32.42 5.44 46.91
CA TYR F 113 -33.90 5.34 47.11
C TYR F 113 -34.26 4.01 47.76
N LYS F 114 -33.70 2.91 47.23
CA LYS F 114 -34.04 1.51 47.60
C LYS F 114 -33.68 1.24 49.08
N LEU F 115 -32.53 1.73 49.53
CA LEU F 115 -31.99 1.53 50.90
C LEU F 115 -32.41 2.69 51.82
N LYS F 116 -32.94 3.78 51.25
CA LYS F 116 -33.22 5.07 51.95
C LYS F 116 -31.94 5.52 52.68
N VAL F 117 -30.81 5.57 51.95
CA VAL F 117 -29.49 6.07 52.42
C VAL F 117 -29.08 7.21 51.49
N PRO F 118 -28.20 8.14 51.93
CA PRO F 118 -27.82 9.30 51.11
C PRO F 118 -26.92 8.93 49.92
N LEU F 119 -27.01 9.71 48.84
CA LEU F 119 -26.12 9.66 47.65
C LEU F 119 -24.97 10.64 47.87
N LEU F 120 -23.79 10.13 48.22
CA LEU F 120 -22.67 10.91 48.80
C LEU F 120 -21.82 11.59 47.71
N TYR F 121 -21.68 10.95 46.54
CA TYR F 121 -20.81 11.45 45.43
C TYR F 121 -21.12 10.70 44.13
N GLN F 122 -20.81 11.34 42.99
CA GLN F 122 -20.81 10.75 41.63
C GLN F 122 -19.47 11.06 40.96
N PHE F 123 -18.88 10.10 40.25
CA PHE F 123 -17.59 10.26 39.53
C PHE F 123 -17.58 9.39 38.26
N GLU F 124 -16.49 9.51 37.49
CA GLU F 124 -16.31 8.84 36.17
C GLU F 124 -15.07 7.93 36.20
N LEU F 125 -15.16 6.78 35.53
CA LEU F 125 -14.02 5.90 35.16
C LEU F 125 -13.18 5.59 36.41
N ILE F 126 -11.90 5.98 36.43
CA ILE F 126 -10.93 5.66 37.51
C ILE F 126 -10.81 6.86 38.45
N GLY F 127 -11.53 7.95 38.17
CA GLY F 127 -11.59 9.18 38.99
C GLY F 127 -10.36 10.04 38.84
N THR F 128 -10.49 11.34 39.15
CA THR F 128 -9.41 12.35 39.16
C THR F 128 -8.86 12.49 40.57
N LYS F 129 -7.83 13.32 40.76
CA LYS F 129 -7.26 13.66 42.09
C LYS F 129 -8.33 14.39 42.93
N GLU F 130 -9.16 15.21 42.30
CA GLU F 130 -10.28 15.95 42.94
C GLU F 130 -11.24 14.94 43.59
N ASP F 131 -11.59 13.89 42.85
CA ASP F 131 -12.52 12.80 43.28
C ASP F 131 -11.91 12.02 44.45
N VAL F 132 -10.63 11.63 44.37
CA VAL F 132 -9.90 10.88 45.42
C VAL F 132 -9.90 11.70 46.71
N GLU F 133 -9.67 13.02 46.59
CA GLU F 133 -9.62 13.99 47.72
C GLU F 133 -11.03 14.16 48.32
N GLU F 134 -12.03 14.43 47.47
CA GLU F 134 -13.44 14.71 47.90
C GLU F 134 -14.04 13.47 48.57
N VAL F 135 -13.87 12.28 47.97
CA VAL F 135 -14.46 11.01 48.46
C VAL F 135 -13.79 10.60 49.79
N ASN F 136 -12.49 10.85 49.94
CA ASN F 136 -11.76 10.64 51.23
C ASN F 136 -12.47 11.43 52.33
N ARG F 137 -12.69 12.73 52.09
CA ARG F 137 -13.34 13.68 53.04
C ARG F 137 -14.79 13.23 53.30
N ILE F 138 -15.55 12.96 52.23
CA ILE F 138 -17.01 12.62 52.30
C ILE F 138 -17.21 11.30 53.07
N ILE F 139 -16.30 10.34 52.89
CA ILE F 139 -16.33 9.03 53.60
C ILE F 139 -16.07 9.27 55.09
N SER F 140 -15.13 10.16 55.43
CA SER F 140 -14.71 10.48 56.82
C SER F 140 -15.86 11.17 57.58
N GLU F 141 -16.58 12.07 56.91
CA GLU F 141 -17.73 12.83 57.48
C GLU F 141 -18.88 11.88 57.82
N THR F 142 -19.09 10.85 57.00
CA THR F 142 -20.20 9.86 57.12
C THR F 142 -19.95 8.95 58.35
N PHE F 143 -18.69 8.63 58.64
CA PHE F 143 -18.27 7.69 59.73
C PHE F 143 -18.07 8.45 61.05
N ASN F 144 -17.82 9.77 60.98
CA ASN F 144 -17.54 10.65 62.14
C ASN F 144 -16.30 10.13 62.89
N GLU G 8 17.24 40.29 -42.77
CA GLU G 8 17.32 39.70 -41.38
C GLU G 8 16.98 38.20 -41.44
N LEU G 9 17.91 37.34 -41.03
CA LEU G 9 17.80 35.86 -41.13
C LEU G 9 18.55 35.18 -39.98
N ILE G 10 17.97 34.11 -39.44
CA ILE G 10 18.60 33.20 -38.43
C ILE G 10 18.79 31.83 -39.07
N VAL G 11 20.01 31.29 -38.99
CA VAL G 11 20.28 29.83 -39.15
C VAL G 11 20.48 29.26 -37.74
N TYR G 12 19.72 28.22 -37.38
CA TYR G 12 19.78 27.61 -36.03
C TYR G 12 19.82 26.09 -36.13
N PHE G 13 20.34 25.46 -35.07
CA PHE G 13 20.29 24.01 -34.83
C PHE G 13 19.58 23.74 -33.50
N SER G 14 18.87 22.62 -33.43
CA SER G 14 18.10 22.16 -32.25
C SER G 14 17.96 20.63 -32.34
N THR G 15 18.29 19.91 -31.27
CA THR G 15 18.10 18.45 -31.19
C THR G 15 16.59 18.17 -31.01
N GLN G 16 16.25 16.92 -30.69
CA GLN G 16 14.85 16.43 -30.53
C GLN G 16 14.17 17.16 -29.35
N SER G 17 14.92 17.69 -28.38
CA SER G 17 14.36 18.39 -27.18
C SER G 17 13.76 19.75 -27.57
N ASN G 18 14.23 20.35 -28.67
CA ASN G 18 13.60 21.53 -29.34
C ASN G 18 13.65 22.78 -28.45
N ASN G 19 14.59 22.86 -27.49
CA ASN G 19 14.75 24.08 -26.64
C ASN G 19 15.10 25.27 -27.54
N THR G 20 16.15 25.13 -28.36
CA THR G 20 16.70 26.21 -29.23
C THR G 20 15.64 26.58 -30.28
N HIS G 21 14.94 25.58 -30.82
CA HIS G 21 13.82 25.75 -31.80
C HIS G 21 12.77 26.70 -31.21
N ARG G 22 12.30 26.44 -29.99
CA ARG G 22 11.21 27.24 -29.34
C ARG G 22 11.68 28.67 -29.09
N PHE G 23 12.95 28.88 -28.74
CA PHE G 23 13.54 30.23 -28.54
C PHE G 23 13.50 31.01 -29.86
N VAL G 24 13.94 30.37 -30.94
CA VAL G 24 14.10 31.00 -32.28
C VAL G 24 12.71 31.37 -32.84
N GLN G 25 11.67 30.59 -32.53
CA GLN G 25 10.28 30.83 -33.02
C GLN G 25 9.63 31.99 -32.24
N LYS G 26 10.23 32.42 -31.12
CA LYS G 26 9.79 33.59 -30.32
C LYS G 26 10.47 34.87 -30.84
N LEU G 27 11.52 34.74 -31.66
CA LEU G 27 12.25 35.87 -32.29
C LEU G 27 11.46 36.38 -33.51
N ASP G 28 11.68 37.64 -33.91
CA ASP G 28 10.97 38.29 -35.04
C ASP G 28 11.56 37.83 -36.38
N ALA G 29 12.89 37.72 -36.46
CA ALA G 29 13.64 37.41 -37.70
C ALA G 29 13.22 36.03 -38.24
N GLU G 30 13.31 35.86 -39.57
CA GLU G 30 13.08 34.58 -40.27
C GLU G 30 14.16 33.59 -39.84
N SER G 31 13.85 32.30 -39.77
CA SER G 31 14.80 31.25 -39.32
C SER G 31 14.84 30.08 -40.33
N ILE G 32 16.01 29.45 -40.45
CA ILE G 32 16.25 28.18 -41.21
C ILE G 32 16.95 27.18 -40.27
N ARG G 33 16.45 25.95 -40.22
CA ARG G 33 16.92 24.90 -39.28
C ARG G 33 17.96 24.01 -39.97
N ILE G 34 19.15 23.87 -39.39
CA ILE G 34 20.16 22.84 -39.80
C ILE G 34 19.56 21.48 -39.46
N PRO G 35 19.53 20.50 -40.40
CA PRO G 35 18.82 19.23 -40.16
C PRO G 35 19.51 18.36 -39.12
N ILE G 36 18.73 17.66 -38.28
CA ILE G 36 19.21 16.67 -37.27
C ILE G 36 19.87 15.50 -38.01
N ASP G 37 19.20 14.98 -39.04
CA ASP G 37 19.67 13.81 -39.86
C ASP G 37 21.03 14.18 -40.47
N GLU G 38 22.04 13.35 -40.20
CA GLU G 38 23.46 13.61 -40.57
C GLU G 38 23.66 13.36 -42.07
N GLU G 39 22.69 12.72 -42.75
CA GLU G 39 22.76 12.40 -44.20
C GLU G 39 22.08 13.52 -45.00
N GLU G 40 21.57 14.56 -44.33
CA GLU G 40 20.91 15.75 -44.94
C GLU G 40 21.77 16.99 -44.67
N ARG G 41 21.87 17.89 -45.64
CA ARG G 41 22.61 19.18 -45.52
C ARG G 41 21.72 20.29 -46.07
N ILE G 42 22.11 21.56 -45.85
CA ILE G 42 21.39 22.74 -46.40
C ILE G 42 22.42 23.71 -46.99
N LYS G 43 21.98 24.49 -47.98
CA LYS G 43 22.72 25.63 -48.58
C LYS G 43 22.01 26.91 -48.17
N VAL G 44 22.75 27.91 -47.68
CA VAL G 44 22.23 29.26 -47.34
C VAL G 44 23.05 30.28 -48.14
N ASP G 45 22.37 31.13 -48.91
CA ASP G 45 22.97 32.05 -49.92
C ASP G 45 22.71 33.51 -49.51
N GLU G 46 22.55 33.76 -48.21
CA GLU G 46 22.16 35.06 -47.62
C GLU G 46 22.74 35.17 -46.20
N ASP G 47 23.09 36.38 -45.76
CA ASP G 47 23.73 36.64 -44.45
C ASP G 47 22.78 36.21 -43.32
N TYR G 48 23.35 35.72 -42.22
CA TYR G 48 22.59 35.17 -41.06
C TYR G 48 23.40 35.32 -39.75
N VAL G 49 22.67 35.32 -38.63
CA VAL G 49 23.20 35.03 -37.27
C VAL G 49 22.99 33.52 -37.01
N LEU G 50 23.98 32.85 -36.43
CA LEU G 50 23.93 31.42 -36.05
C LEU G 50 23.55 31.30 -34.57
N ILE G 51 22.52 30.50 -34.26
CA ILE G 51 22.05 30.22 -32.87
C ILE G 51 22.12 28.70 -32.66
N VAL G 52 22.98 28.22 -31.76
CA VAL G 52 23.22 26.76 -31.55
C VAL G 52 23.31 26.45 -30.06
N PRO G 53 22.86 25.25 -29.62
CA PRO G 53 23.07 24.76 -28.26
C PRO G 53 24.44 24.10 -28.10
N THR G 54 24.82 23.82 -26.85
CA THR G 54 26.14 23.26 -26.48
C THR G 54 25.96 21.83 -25.97
N TYR G 55 26.88 20.93 -26.35
CA TYR G 55 26.88 19.49 -26.00
C TYR G 55 28.32 18.97 -25.92
N SER G 56 28.98 19.07 -24.76
CA SER G 56 30.34 18.49 -24.51
C SER G 56 30.27 17.48 -23.35
N GLY G 70 33.92 17.78 -27.97
CA GLY G 70 33.26 18.54 -29.06
C GLY G 70 31.98 19.21 -28.59
N ALA G 71 32.02 20.52 -28.33
CA ALA G 71 30.93 21.32 -27.72
C ALA G 71 29.93 21.81 -28.79
N VAL G 72 30.33 21.78 -30.06
CA VAL G 72 29.47 22.17 -31.22
C VAL G 72 28.84 20.90 -31.77
N PRO G 73 27.50 20.83 -31.90
CA PRO G 73 26.85 19.67 -32.51
C PRO G 73 27.43 19.39 -33.90
N LYS G 74 27.62 18.11 -34.23
CA LYS G 74 28.31 17.65 -35.47
C LYS G 74 27.60 18.20 -36.73
N GLN G 75 26.28 18.41 -36.66
CA GLN G 75 25.45 18.91 -37.79
C GLN G 75 25.81 20.37 -38.09
N VAL G 76 26.11 21.15 -37.05
CA VAL G 76 26.53 22.59 -37.17
C VAL G 76 27.92 22.65 -37.81
N ILE G 77 28.79 21.67 -37.52
CA ILE G 77 30.17 21.61 -38.08
C ILE G 77 30.07 21.30 -39.58
N HIS G 78 29.31 20.26 -39.96
CA HIS G 78 29.03 19.88 -41.36
C HIS G 78 28.52 21.10 -42.13
N PHE G 79 27.56 21.83 -41.56
CA PHE G 79 26.98 23.07 -42.13
C PHE G 79 28.12 24.08 -42.41
N LEU G 80 28.94 24.37 -41.39
CA LEU G 80 30.00 25.43 -41.43
C LEU G 80 31.22 24.97 -42.25
N ASN G 81 31.40 23.67 -42.45
CA ASN G 81 32.51 23.08 -43.26
C ASN G 81 32.36 23.50 -44.73
N ASP G 82 31.13 23.75 -45.18
CA ASP G 82 30.80 24.28 -46.53
C ASP G 82 31.19 25.77 -46.58
N PRO G 83 32.20 26.16 -47.40
CA PRO G 83 32.65 27.56 -47.47
C PRO G 83 31.55 28.56 -47.85
N ASP G 84 30.60 28.12 -48.70
CA ASP G 84 29.47 28.96 -49.19
C ASP G 84 28.51 29.27 -48.04
N ASN G 85 28.33 28.33 -47.12
CA ASN G 85 27.56 28.53 -45.86
C ASN G 85 28.37 29.43 -44.92
N ARG G 86 29.63 29.05 -44.68
CA ARG G 86 30.57 29.65 -43.69
C ARG G 86 30.66 31.18 -43.86
N LYS G 87 30.76 31.67 -45.09
CA LYS G 87 31.08 33.08 -45.42
C LYS G 87 29.89 34.00 -45.07
N HIS G 88 28.69 33.45 -44.89
CA HIS G 88 27.43 34.22 -44.69
C HIS G 88 27.14 34.42 -43.20
N CYS G 89 27.96 33.87 -42.30
CA CYS G 89 27.78 34.01 -40.83
C CYS G 89 28.28 35.39 -40.38
N LEU G 90 27.38 36.23 -39.86
CA LEU G 90 27.66 37.60 -39.34
C LEU G 90 27.99 37.55 -37.84
N GLY G 91 27.65 36.45 -37.17
CA GLY G 91 27.87 36.30 -35.71
C GLY G 91 27.20 35.04 -35.18
N VAL G 92 27.59 34.64 -33.98
CA VAL G 92 27.10 33.40 -33.31
C VAL G 92 26.47 33.78 -31.95
N ILE G 93 25.29 33.23 -31.67
CA ILE G 93 24.66 33.19 -30.33
C ILE G 93 24.62 31.73 -29.89
N SER G 94 24.96 31.45 -28.64
CA SER G 94 25.05 30.07 -28.08
C SER G 94 24.16 29.94 -26.86
N SER G 95 23.59 28.74 -26.67
CA SER G 95 22.73 28.39 -25.51
C SER G 95 23.35 27.23 -24.76
N GLY G 96 22.81 26.93 -23.58
CA GLY G 96 23.26 25.84 -22.72
C GLY G 96 22.63 25.96 -21.34
N ASN G 97 23.41 25.62 -20.31
CA ASN G 97 22.97 25.62 -18.89
C ASN G 97 24.21 25.90 -18.02
N THR G 98 24.10 26.87 -17.11
CA THR G 98 25.20 27.38 -16.27
C THR G 98 25.73 26.28 -15.34
N ASN G 99 24.92 25.24 -15.08
CA ASN G 99 25.29 24.11 -14.19
C ASN G 99 26.45 23.30 -14.77
N PHE G 100 26.77 23.49 -16.06
CA PHE G 100 27.95 22.87 -16.73
C PHE G 100 29.21 23.71 -16.46
N GLY G 101 29.07 24.83 -15.73
CA GLY G 101 30.16 25.65 -15.20
C GLY G 101 31.05 26.22 -16.29
N ASP G 102 32.30 25.75 -16.38
CA ASP G 102 33.33 26.20 -17.34
C ASP G 102 32.91 25.88 -18.77
N SER G 103 32.01 24.90 -18.96
CA SER G 103 31.55 24.42 -20.27
C SER G 103 30.22 25.06 -20.67
N PHE G 104 29.69 26.01 -19.88
CA PHE G 104 28.41 26.71 -20.17
C PHE G 104 28.51 27.43 -21.52
N ALA G 105 27.67 27.03 -22.47
CA ALA G 105 27.37 27.73 -23.75
C ALA G 105 28.64 27.92 -24.60
N ILE G 106 29.66 27.08 -24.43
CA ILE G 106 31.01 27.26 -25.05
C ILE G 106 30.99 26.96 -26.56
N ALA G 107 29.90 26.41 -27.10
CA ALA G 107 29.68 26.24 -28.56
C ALA G 107 29.91 27.58 -29.27
N GLY G 108 29.43 28.68 -28.69
CA GLY G 108 29.59 30.05 -29.21
C GLY G 108 31.06 30.46 -29.28
N PRO G 109 31.77 30.55 -28.13
CA PRO G 109 33.22 30.76 -28.12
C PRO G 109 34.01 29.91 -29.14
N VAL G 110 33.71 28.62 -29.25
CA VAL G 110 34.38 27.70 -30.22
C VAL G 110 34.09 28.21 -31.64
N ILE G 111 32.82 28.45 -31.98
CA ILE G 111 32.39 28.92 -33.33
C ILE G 111 32.99 30.31 -33.59
N SER G 112 32.82 31.23 -32.64
CA SER G 112 33.36 32.62 -32.71
C SER G 112 34.81 32.62 -33.19
N TYR G 113 35.64 31.77 -32.55
CA TYR G 113 37.09 31.60 -32.84
C TYR G 113 37.29 30.98 -34.22
N LYS G 114 36.58 29.90 -34.54
CA LYS G 114 36.71 29.13 -35.81
C LYS G 114 36.43 30.05 -37.01
N LEU G 115 35.40 30.88 -36.93
CA LEU G 115 34.88 31.74 -38.04
C LEU G 115 35.51 33.15 -37.99
N LYS G 116 36.02 33.57 -36.83
CA LYS G 116 36.44 34.96 -36.52
C LYS G 116 35.23 35.89 -36.70
N VAL G 117 34.12 35.53 -36.06
CA VAL G 117 32.87 36.34 -35.97
C VAL G 117 32.59 36.59 -34.50
N PRO G 118 31.88 37.68 -34.14
CA PRO G 118 31.57 37.95 -32.73
C PRO G 118 30.64 36.90 -32.10
N LEU G 119 30.93 36.54 -30.86
CA LEU G 119 29.94 35.96 -29.91
C LEU G 119 28.99 37.07 -29.49
N LEU G 120 27.76 37.07 -30.00
CA LEU G 120 26.78 38.18 -29.84
C LEU G 120 26.00 38.06 -28.51
N TYR G 121 25.76 36.85 -28.01
CA TYR G 121 24.89 36.59 -26.83
C TYR G 121 25.01 35.14 -26.36
N GLN G 122 24.71 34.91 -25.08
CA GLN G 122 24.58 33.55 -24.45
C GLN G 122 23.25 33.49 -23.71
N PHE G 123 22.54 32.36 -23.77
CA PHE G 123 21.23 32.16 -23.09
C PHE G 123 21.07 30.69 -22.66
N GLU G 124 19.98 30.38 -21.96
CA GLU G 124 19.69 29.04 -21.39
C GLU G 124 18.35 28.52 -21.90
N LEU G 125 18.32 27.24 -22.28
CA LEU G 125 17.08 26.44 -22.53
C LEU G 125 16.21 27.14 -23.58
N ILE G 126 14.95 27.47 -23.26
CA ILE G 126 13.97 28.06 -24.22
C ILE G 126 14.06 29.59 -24.16
N GLY G 127 14.92 30.12 -23.28
CA GLY G 127 15.18 31.57 -23.13
C GLY G 127 14.07 32.30 -22.39
N THR G 128 14.42 33.33 -21.63
CA THR G 128 13.48 34.18 -20.85
C THR G 128 12.94 35.30 -21.76
N LYS G 129 11.96 36.06 -21.25
CA LYS G 129 11.33 37.22 -21.94
C LYS G 129 12.41 38.25 -22.30
N GLU G 130 13.40 38.43 -21.42
CA GLU G 130 14.55 39.37 -21.58
C GLU G 130 15.39 38.94 -22.78
N ASP G 131 15.83 37.67 -22.81
CA ASP G 131 16.65 37.06 -23.89
C ASP G 131 16.02 37.38 -25.25
N VAL G 132 14.71 37.20 -25.38
CA VAL G 132 13.94 37.40 -26.65
C VAL G 132 14.09 38.85 -27.09
N GLU G 133 13.95 39.80 -26.17
CA GLU G 133 14.01 41.26 -26.45
C GLU G 133 15.44 41.66 -26.79
N GLU G 134 16.41 41.17 -26.01
CA GLU G 134 17.85 41.53 -26.14
C GLU G 134 18.41 40.98 -27.46
N VAL G 135 17.98 39.78 -27.87
CA VAL G 135 18.46 39.10 -29.11
C VAL G 135 17.81 39.75 -30.35
N ASN G 136 16.54 40.16 -30.26
CA ASN G 136 15.85 40.92 -31.34
C ASN G 136 16.65 42.19 -31.65
N ARG G 137 17.00 42.95 -30.60
CA ARG G 137 17.86 44.17 -30.68
C ARG G 137 19.21 43.81 -31.31
N ILE G 138 19.91 42.81 -30.77
CA ILE G 138 21.31 42.45 -31.16
C ILE G 138 21.34 41.99 -32.63
N ILE G 139 20.35 41.20 -33.06
CA ILE G 139 20.21 40.77 -34.48
C ILE G 139 20.04 42.01 -35.35
N SER G 140 19.11 42.92 -34.99
CA SER G 140 18.79 44.17 -35.71
C SER G 140 20.05 45.03 -35.87
N GLU G 141 20.85 45.17 -34.82
CA GLU G 141 22.13 45.94 -34.80
C GLU G 141 23.16 45.27 -35.71
N THR G 142 23.26 43.93 -35.66
CA THR G 142 24.30 43.12 -36.36
C THR G 142 24.12 43.24 -37.88
N PHE G 143 22.89 43.46 -38.35
CA PHE G 143 22.54 43.59 -39.80
C PHE G 143 22.68 45.06 -40.26
N ASN G 144 22.57 46.02 -39.33
CA ASN G 144 22.79 47.48 -39.56
C ASN G 144 24.17 47.88 -39.01
N GLU H 8 -46.74 -7.30 -32.37
CA GLU H 8 -46.11 -7.71 -31.07
C GLU H 8 -45.31 -6.53 -30.49
N LEU H 9 -45.59 -6.19 -29.22
CA LEU H 9 -44.97 -5.03 -28.51
C LEU H 9 -44.85 -5.35 -27.01
N ILE H 10 -43.73 -4.94 -26.41
CA ILE H 10 -43.46 -5.06 -24.94
C ILE H 10 -43.27 -3.66 -24.37
N VAL H 11 -44.05 -3.30 -23.34
CA VAL H 11 -43.72 -2.17 -22.42
C VAL H 11 -43.08 -2.80 -21.18
N TYR H 12 -41.97 -2.22 -20.72
CA TYR H 12 -41.18 -2.75 -19.58
C TYR H 12 -40.58 -1.60 -18.78
N PHE H 13 -40.31 -1.86 -17.49
CA PHE H 13 -39.54 -0.97 -16.59
C PHE H 13 -38.30 -1.71 -16.09
N SER H 14 -37.22 -0.96 -15.88
CA SER H 14 -35.93 -1.46 -15.36
C SER H 14 -35.22 -0.30 -14.65
N THR H 15 -34.67 -0.53 -13.46
CA THR H 15 -33.89 0.49 -12.70
C THR H 15 -32.49 0.58 -13.34
N GLN H 16 -31.55 1.27 -12.68
CA GLN H 16 -30.16 1.49 -13.16
C GLN H 16 -29.43 0.15 -13.32
N SER H 17 -29.82 -0.91 -12.60
CA SER H 17 -29.14 -2.24 -12.64
C SER H 17 -29.49 -2.98 -13.95
N ASN H 18 -30.57 -2.58 -14.63
CA ASN H 18 -30.89 -2.97 -16.03
C ASN H 18 -31.11 -4.50 -16.17
N ASN H 19 -31.50 -5.21 -15.12
CA ASN H 19 -31.72 -6.69 -15.20
C ASN H 19 -32.86 -6.98 -16.18
N THR H 20 -34.03 -6.40 -15.93
CA THR H 20 -35.24 -6.56 -16.76
C THR H 20 -34.92 -6.10 -18.20
N HIS H 21 -34.26 -4.94 -18.32
CA HIS H 21 -33.82 -4.36 -19.62
C HIS H 21 -33.13 -5.44 -20.46
N ARG H 22 -32.11 -6.09 -19.91
CA ARG H 22 -31.27 -7.08 -20.63
C ARG H 22 -32.09 -8.31 -21.00
N PHE H 23 -33.04 -8.73 -20.17
CA PHE H 23 -33.95 -9.87 -20.45
C PHE H 23 -34.83 -9.53 -21.66
N VAL H 24 -35.46 -8.35 -21.63
CA VAL H 24 -36.40 -7.87 -22.68
C VAL H 24 -35.67 -7.79 -24.03
N GLN H 25 -34.39 -7.40 -24.04
CA GLN H 25 -33.58 -7.24 -25.28
C GLN H 25 -33.21 -8.61 -25.86
N LYS H 26 -33.29 -9.68 -25.06
CA LYS H 26 -33.09 -11.09 -25.51
C LYS H 26 -34.36 -11.63 -26.17
N LEU H 27 -35.52 -11.02 -25.88
CA LEU H 27 -36.84 -11.43 -26.45
C LEU H 27 -36.89 -11.02 -27.93
N ASP H 28 -37.75 -11.68 -28.70
CA ASP H 28 -37.89 -11.49 -30.17
C ASP H 28 -38.73 -10.24 -30.47
N ALA H 29 -39.62 -9.84 -29.55
CA ALA H 29 -40.59 -8.74 -29.76
C ALA H 29 -39.91 -7.38 -29.52
N GLU H 30 -40.34 -6.35 -30.28
CA GLU H 30 -39.99 -4.92 -30.07
C GLU H 30 -40.46 -4.53 -28.67
N SER H 31 -39.76 -3.60 -28.01
CA SER H 31 -40.06 -3.13 -26.63
C SER H 31 -39.95 -1.61 -26.53
N ILE H 32 -40.64 -1.02 -25.55
CA ILE H 32 -40.57 0.42 -25.16
C ILE H 32 -40.34 0.49 -23.64
N ARG H 33 -39.39 1.31 -23.20
CA ARG H 33 -38.95 1.41 -21.78
C ARG H 33 -39.71 2.54 -21.09
N ILE H 34 -40.32 2.26 -19.93
CA ILE H 34 -40.89 3.31 -19.03
C ILE H 34 -39.73 4.04 -18.38
N PRO H 35 -39.70 5.40 -18.41
CA PRO H 35 -38.55 6.16 -17.92
C PRO H 35 -38.31 6.03 -16.40
N ILE H 36 -37.06 5.87 -16.01
CA ILE H 36 -36.61 5.88 -14.58
C ILE H 36 -36.94 7.25 -13.98
N ASP H 37 -36.69 8.31 -14.74
CA ASP H 37 -36.94 9.73 -14.33
C ASP H 37 -38.43 9.88 -14.04
N GLU H 38 -38.78 10.27 -12.81
CA GLU H 38 -40.19 10.45 -12.35
C GLU H 38 -40.71 11.80 -12.86
N GLU H 39 -39.84 12.62 -13.46
CA GLU H 39 -40.20 13.88 -14.17
C GLU H 39 -40.72 13.56 -15.58
N GLU H 40 -40.47 12.35 -16.09
CA GLU H 40 -40.77 11.95 -17.50
C GLU H 40 -41.87 10.88 -17.54
N ARG H 41 -42.81 11.03 -18.49
CA ARG H 41 -43.94 10.09 -18.77
C ARG H 41 -43.86 9.66 -20.25
N ILE H 42 -44.51 8.55 -20.60
CA ILE H 42 -44.65 8.07 -22.00
C ILE H 42 -46.13 7.80 -22.32
N LYS H 43 -46.47 7.82 -23.61
CA LYS H 43 -47.81 7.53 -24.17
C LYS H 43 -47.66 6.36 -25.16
N VAL H 44 -48.40 5.27 -24.94
CA VAL H 44 -48.42 4.08 -25.83
C VAL H 44 -49.84 3.96 -26.40
N ASP H 45 -49.96 3.76 -27.73
CA ASP H 45 -51.24 3.73 -28.47
C ASP H 45 -51.44 2.38 -29.17
N GLU H 46 -50.59 1.38 -28.87
CA GLU H 46 -50.67 -0.01 -29.40
C GLU H 46 -50.78 -0.99 -28.22
N ASP H 47 -51.37 -2.17 -28.46
CA ASP H 47 -51.50 -3.24 -27.45
C ASP H 47 -50.11 -3.78 -27.11
N TYR H 48 -49.86 -4.04 -25.82
CA TYR H 48 -48.53 -4.44 -25.28
C TYR H 48 -48.69 -5.47 -24.15
N VAL H 49 -47.65 -6.27 -23.95
CA VAL H 49 -47.41 -7.07 -22.72
C VAL H 49 -46.50 -6.24 -21.81
N LEU H 50 -46.85 -6.14 -20.52
CA LEU H 50 -46.09 -5.37 -19.50
C LEU H 50 -45.10 -6.30 -18.80
N ILE H 51 -43.83 -5.90 -18.70
CA ILE H 51 -42.74 -6.68 -18.02
C ILE H 51 -42.04 -5.77 -17.00
N VAL H 52 -42.12 -6.11 -15.72
CA VAL H 52 -41.69 -5.21 -14.60
C VAL H 52 -41.06 -6.04 -13.48
N PRO H 53 -40.03 -5.51 -12.78
CA PRO H 53 -39.51 -6.13 -11.57
C PRO H 53 -40.33 -5.71 -10.34
N THR H 54 -40.08 -6.37 -9.20
CA THR H 54 -40.76 -6.14 -7.90
C THR H 54 -39.80 -5.41 -6.96
N TYR H 55 -40.31 -4.42 -6.21
CA TYR H 55 -39.57 -3.64 -5.18
C TYR H 55 -40.51 -3.36 -4.00
N SER H 56 -40.91 -4.41 -3.27
CA SER H 56 -41.66 -4.34 -1.99
C SER H 56 -40.67 -4.37 -0.82
N GLY H 57 -41.11 -3.90 0.36
CA GLY H 57 -40.34 -3.99 1.63
C GLY H 57 -40.32 -2.69 2.40
N GLY H 58 -40.55 -1.56 1.74
CA GLY H 58 -40.60 -0.22 2.36
C GLY H 58 -41.32 0.79 1.48
N GLY H 70 -45.62 -0.48 -1.39
CA GLY H 70 -46.04 -0.94 -2.73
C GLY H 70 -44.97 -1.81 -3.38
N ALA H 71 -45.39 -2.88 -4.07
CA ALA H 71 -44.52 -3.86 -4.75
C ALA H 71 -44.21 -3.39 -6.18
N VAL H 72 -45.12 -2.65 -6.81
CA VAL H 72 -45.01 -2.15 -8.22
C VAL H 72 -44.20 -0.85 -8.21
N PRO H 73 -43.07 -0.77 -8.95
CA PRO H 73 -42.31 0.48 -9.05
C PRO H 73 -43.23 1.66 -9.40
N LYS H 74 -42.98 2.82 -8.79
CA LYS H 74 -43.83 4.04 -8.90
C LYS H 74 -43.97 4.48 -10.36
N GLN H 75 -42.90 4.35 -11.15
CA GLN H 75 -42.85 4.78 -12.58
C GLN H 75 -43.87 3.94 -13.38
N VAL H 76 -44.11 2.70 -12.96
CA VAL H 76 -45.11 1.79 -13.59
C VAL H 76 -46.52 2.22 -13.17
N ILE H 77 -46.70 2.60 -11.90
CA ILE H 77 -48.00 3.11 -11.37
C ILE H 77 -48.37 4.38 -12.15
N HIS H 78 -47.42 5.30 -12.31
CA HIS H 78 -47.60 6.57 -13.07
C HIS H 78 -48.03 6.25 -14.51
N PHE H 79 -47.38 5.26 -15.14
CA PHE H 79 -47.64 4.82 -16.53
C PHE H 79 -49.07 4.27 -16.66
N LEU H 80 -49.48 3.36 -15.78
CA LEU H 80 -50.79 2.65 -15.84
C LEU H 80 -51.92 3.56 -15.33
N ASN H 81 -51.60 4.61 -14.56
CA ASN H 81 -52.58 5.60 -14.02
C ASN H 81 -53.21 6.40 -15.16
N ASP H 82 -52.52 6.53 -16.29
CA ASP H 82 -53.06 7.15 -17.54
C ASP H 82 -53.95 6.11 -18.22
N PRO H 83 -55.29 6.34 -18.32
CA PRO H 83 -56.21 5.34 -18.83
C PRO H 83 -55.94 4.92 -20.28
N ASP H 84 -55.27 5.79 -21.05
CA ASP H 84 -54.95 5.57 -22.49
C ASP H 84 -53.88 4.49 -22.63
N ASN H 85 -52.89 4.46 -21.72
CA ASN H 85 -51.83 3.41 -21.64
C ASN H 85 -52.44 2.11 -21.09
N ARG H 86 -53.16 2.22 -19.97
CA ARG H 86 -53.78 1.11 -19.20
C ARG H 86 -54.53 0.14 -20.14
N LYS H 87 -55.48 0.65 -20.91
CA LYS H 87 -56.46 -0.12 -21.72
C LYS H 87 -55.76 -0.94 -22.82
N HIS H 88 -54.48 -0.67 -23.12
CA HIS H 88 -53.68 -1.37 -24.16
C HIS H 88 -52.96 -2.59 -23.59
N CYS H 89 -53.02 -2.81 -22.27
CA CYS H 89 -52.31 -3.93 -21.58
C CYS H 89 -53.05 -5.25 -21.82
N LEU H 90 -52.37 -6.24 -22.43
CA LEU H 90 -52.93 -7.58 -22.75
C LEU H 90 -52.52 -8.61 -21.69
N GLY H 91 -51.76 -8.20 -20.67
CA GLY H 91 -51.19 -9.10 -19.65
C GLY H 91 -49.89 -8.58 -19.10
N VAL H 92 -49.41 -9.18 -18.00
CA VAL H 92 -48.20 -8.72 -17.26
C VAL H 92 -47.30 -9.93 -16.96
N ILE H 93 -45.98 -9.72 -17.06
CA ILE H 93 -44.91 -10.66 -16.64
C ILE H 93 -44.10 -9.93 -15.55
N SER H 94 -43.90 -10.55 -14.39
CA SER H 94 -43.17 -9.96 -13.23
C SER H 94 -41.85 -10.70 -13.01
N SER H 95 -40.82 -9.98 -12.57
CA SER H 95 -39.51 -10.54 -12.17
C SER H 95 -39.26 -10.26 -10.69
N GLY H 96 -38.14 -10.76 -10.19
CA GLY H 96 -37.72 -10.61 -8.78
C GLY H 96 -36.71 -11.66 -8.38
N ASN H 97 -36.72 -12.06 -7.12
CA ASN H 97 -35.77 -13.05 -6.56
C ASN H 97 -36.53 -13.88 -5.52
N THR H 98 -36.41 -15.21 -5.63
CA THR H 98 -37.05 -16.20 -4.72
C THR H 98 -36.65 -15.94 -3.26
N ASN H 99 -35.52 -15.27 -3.03
CA ASN H 99 -35.00 -14.94 -1.68
C ASN H 99 -35.93 -13.92 -0.98
N PHE H 100 -36.87 -13.30 -1.69
CA PHE H 100 -37.86 -12.36 -1.10
C PHE H 100 -39.10 -13.13 -0.61
N GLY H 101 -39.12 -14.45 -0.77
CA GLY H 101 -40.10 -15.35 -0.13
C GLY H 101 -41.52 -15.06 -0.57
N ASP H 102 -42.37 -14.60 0.37
CA ASP H 102 -43.81 -14.30 0.10
C ASP H 102 -43.92 -13.15 -0.92
N SER H 103 -42.87 -12.31 -1.03
CA SER H 103 -42.81 -11.11 -1.91
C SER H 103 -42.27 -11.45 -3.30
N PHE H 104 -41.78 -12.66 -3.54
CA PHE H 104 -41.15 -13.04 -4.84
C PHE H 104 -42.11 -12.67 -5.98
N ALA H 105 -41.83 -11.54 -6.63
CA ALA H 105 -42.42 -11.11 -7.92
C ALA H 105 -43.90 -10.73 -7.77
N ILE H 106 -44.35 -10.28 -6.59
CA ILE H 106 -45.79 -9.95 -6.32
C ILE H 106 -46.26 -8.83 -7.24
N ALA H 107 -45.36 -8.02 -7.80
CA ALA H 107 -45.69 -6.97 -8.79
C ALA H 107 -46.71 -7.53 -9.80
N GLY H 108 -46.46 -8.74 -10.31
CA GLY H 108 -47.27 -9.42 -11.33
C GLY H 108 -48.72 -9.65 -10.87
N PRO H 109 -48.94 -10.46 -9.81
CA PRO H 109 -50.26 -10.63 -9.22
C PRO H 109 -51.01 -9.32 -8.89
N VAL H 110 -50.32 -8.34 -8.31
CA VAL H 110 -50.87 -7.01 -7.93
C VAL H 110 -51.42 -6.30 -9.18
N ILE H 111 -50.67 -6.34 -10.28
CA ILE H 111 -51.06 -5.68 -11.57
C ILE H 111 -52.18 -6.49 -12.24
N SER H 112 -52.13 -7.82 -12.12
CA SER H 112 -53.16 -8.75 -12.66
C SER H 112 -54.52 -8.44 -12.03
N TYR H 113 -54.56 -8.25 -10.71
CA TYR H 113 -55.78 -7.94 -9.93
C TYR H 113 -56.32 -6.56 -10.30
N LYS H 114 -55.45 -5.54 -10.32
CA LYS H 114 -55.82 -4.12 -10.54
C LYS H 114 -56.35 -3.92 -11.97
N LEU H 115 -55.70 -4.52 -12.97
CA LEU H 115 -55.98 -4.25 -14.41
C LEU H 115 -57.02 -5.25 -14.97
N LYS H 116 -57.23 -6.38 -14.29
CA LYS H 116 -58.07 -7.51 -14.78
C LYS H 116 -57.45 -8.09 -16.06
N VAL H 117 -56.12 -8.21 -16.08
CA VAL H 117 -55.33 -8.81 -17.20
C VAL H 117 -54.56 -10.01 -16.64
N PRO H 118 -54.21 -11.02 -17.48
CA PRO H 118 -53.58 -12.24 -16.98
C PRO H 118 -52.12 -12.00 -16.53
N LEU H 119 -51.70 -12.73 -15.49
CA LEU H 119 -50.27 -12.89 -15.11
C LEU H 119 -49.73 -14.07 -15.94
N LEU H 120 -48.95 -13.77 -16.98
CA LEU H 120 -48.54 -14.72 -18.04
C LEU H 120 -47.33 -15.55 -17.58
N TYR H 121 -46.45 -14.98 -16.76
CA TYR H 121 -45.14 -15.60 -16.41
C TYR H 121 -44.46 -14.86 -15.24
N GLN H 122 -43.55 -15.56 -14.58
CA GLN H 122 -42.64 -15.05 -13.52
C GLN H 122 -41.21 -15.54 -13.83
N PHE H 123 -40.20 -14.70 -13.58
CA PHE H 123 -38.77 -15.06 -13.77
C PHE H 123 -37.91 -14.30 -12.76
N GLU H 124 -36.61 -14.60 -12.74
CA GLU H 124 -35.59 -13.98 -11.84
C GLU H 124 -34.51 -13.29 -12.66
N LEU H 125 -34.10 -12.09 -12.22
CA LEU H 125 -32.87 -11.38 -12.67
C LEU H 125 -32.95 -11.11 -14.18
N ILE H 126 -32.04 -11.67 -14.98
CA ILE H 126 -31.93 -11.43 -16.46
C ILE H 126 -32.52 -12.62 -17.22
N GLY H 127 -32.96 -13.66 -16.51
CA GLY H 127 -33.62 -14.85 -17.09
C GLY H 127 -32.64 -15.77 -17.80
N THR H 128 -33.04 -17.03 -17.99
CA THR H 128 -32.28 -18.10 -18.67
C THR H 128 -32.76 -18.25 -20.12
N LYS H 129 -32.12 -19.15 -20.88
CA LYS H 129 -32.52 -19.57 -22.25
C LYS H 129 -33.97 -20.11 -22.20
N GLU H 130 -34.32 -20.78 -21.11
CA GLU H 130 -35.66 -21.37 -20.83
C GLU H 130 -36.71 -20.25 -20.81
N ASP H 131 -36.46 -19.21 -20.01
CA ASP H 131 -37.39 -18.08 -19.76
C ASP H 131 -37.63 -17.31 -21.06
N VAL H 132 -36.60 -17.13 -21.89
CA VAL H 132 -36.66 -16.34 -23.16
C VAL H 132 -37.58 -17.06 -24.16
N GLU H 133 -37.35 -18.35 -24.39
CA GLU H 133 -38.14 -19.19 -25.34
C GLU H 133 -39.59 -19.27 -24.85
N GLU H 134 -39.81 -19.39 -23.53
CA GLU H 134 -41.15 -19.52 -22.92
C GLU H 134 -41.92 -18.19 -23.00
N VAL H 135 -41.26 -17.05 -22.78
CA VAL H 135 -41.90 -15.70 -22.85
C VAL H 135 -42.15 -15.34 -24.32
N ASN H 136 -41.20 -15.65 -25.22
CA ASN H 136 -41.35 -15.45 -26.69
C ASN H 136 -42.59 -16.20 -27.18
N ARG H 137 -42.80 -17.44 -26.73
CA ARG H 137 -43.98 -18.27 -27.08
C ARG H 137 -45.24 -17.61 -26.51
N ILE H 138 -45.27 -17.34 -25.21
CA ILE H 138 -46.46 -16.82 -24.47
C ILE H 138 -46.91 -15.49 -25.09
N ILE H 139 -45.97 -14.60 -25.42
CA ILE H 139 -46.25 -13.26 -26.04
C ILE H 139 -46.97 -13.47 -27.38
N SER H 140 -46.45 -14.36 -28.23
CA SER H 140 -47.04 -14.70 -29.57
C SER H 140 -48.49 -15.14 -29.42
N GLU H 141 -48.77 -16.02 -28.45
CA GLU H 141 -50.10 -16.63 -28.19
C GLU H 141 -51.06 -15.58 -27.61
N THR H 142 -50.55 -14.62 -26.83
CA THR H 142 -51.35 -13.55 -26.19
C THR H 142 -51.93 -12.63 -27.28
N PHE H 143 -51.14 -12.35 -28.33
CA PHE H 143 -51.51 -11.45 -29.47
C PHE H 143 -52.38 -12.22 -30.48
N ASN H 144 -52.06 -13.50 -30.73
CA ASN H 144 -52.78 -14.37 -31.70
C ASN H 144 -54.22 -14.66 -31.22
N ALA H 145 -54.48 -14.56 -29.91
CA ALA H 145 -55.83 -14.65 -29.31
C ALA H 145 -56.52 -13.29 -29.43
C1 GOL I . 6.98 0.62 -24.40
O1 GOL I . 7.49 0.48 -25.73
C2 GOL I . 8.09 0.86 -23.40
O2 GOL I . 9.10 -0.15 -23.55
C3 GOL I . 7.60 0.90 -21.97
O3 GOL I . 8.66 1.04 -21.02
C1 GOL J . -7.62 -13.78 17.77
O1 GOL J . -8.39 -12.96 16.87
C2 GOL J . -8.46 -14.89 18.38
O2 GOL J . -9.00 -15.71 17.35
C3 GOL J . -7.70 -15.75 19.37
O3 GOL J . -6.30 -15.69 19.16
C1 GOL K . -15.01 6.71 -3.84
O1 GOL K . -13.97 6.11 -3.07
C2 GOL K . -14.61 8.06 -4.38
O2 GOL K . -15.16 9.08 -3.54
C3 GOL K . -15.03 8.31 -5.81
O3 GOL K . -14.37 7.42 -6.71
N1 FMN L . 36.80 -14.23 -3.00
C2 FMN L . 37.93 -14.50 -3.72
O2 FMN L . 38.23 -15.66 -3.99
N3 FMN L . 38.71 -13.44 -4.10
C4 FMN L . 38.42 -12.10 -3.82
O4 FMN L . 39.20 -11.24 -4.22
C4A FMN L . 37.25 -11.85 -3.08
N5 FMN L . 36.88 -10.57 -2.75
C5A FMN L . 35.67 -10.29 -2.15
C6 FMN L . 35.27 -8.98 -1.95
C7 FMN L . 34.07 -8.68 -1.37
C7M FMN L . 33.67 -7.24 -1.16
C8 FMN L . 33.21 -9.75 -0.94
C8M FMN L . 31.89 -9.48 -0.29
C9 FMN L . 33.61 -11.05 -1.14
C9A FMN L . 34.84 -11.34 -1.74
N10 FMN L . 35.26 -12.69 -1.96
C10 FMN L . 36.43 -12.95 -2.67
C1' FMN L . 34.40 -13.81 -1.50
C2' FMN L . 34.65 -14.18 -0.05
O2' FMN L . 36.01 -14.55 0.19
C3' FMN L . 33.73 -15.33 0.33
O3' FMN L . 32.38 -14.85 0.33
C4' FMN L . 34.04 -15.98 1.69
O4' FMN L . 33.30 -17.18 1.82
C5' FMN L . 33.72 -15.05 2.84
O5' FMN L . 34.21 -15.64 4.08
P FMN L . 33.69 -15.06 5.50
O1P FMN L . 34.19 -13.62 5.56
O2P FMN L . 34.32 -15.96 6.53
O3P FMN L . 32.18 -15.16 5.48
N1 FMN M . -22.17 4.62 32.78
C2 FMN M . -23.25 5.37 33.17
O2 FMN M . -23.09 6.40 33.79
N3 FMN M . -24.49 4.88 32.83
C4 FMN M . -24.74 3.72 32.12
O4 FMN M . -25.90 3.40 31.88
C4A FMN M . -23.61 2.98 31.73
N5 FMN M . -23.74 1.82 31.03
C5A FMN M . -22.66 1.15 30.50
C6 FMN M . -22.85 0.05 29.67
C7 FMN M . -21.78 -0.62 29.12
C7M FMN M . -22.03 -1.81 28.22
C8 FMN M . -20.45 -0.17 29.42
C8M FMN M . -19.25 -0.88 28.84
C9 FMN M . -20.27 0.91 30.24
C9A FMN M . -21.36 1.59 30.79
N10 FMN M . -21.19 2.72 31.64
C10 FMN M . -22.31 3.45 32.07
C1' FMN M . -19.83 3.17 32.02
C2' FMN M . -19.27 2.41 33.20
O2' FMN M . -20.11 2.53 34.36
C3' FMN M . -17.87 2.94 33.51
O3' FMN M . -17.02 2.61 32.42
C4' FMN M . -17.25 2.40 34.80
O4' FMN M . -16.01 3.06 35.04
C5' FMN M . -17.04 0.91 34.73
O5' FMN M . -16.54 0.43 36.01
P FMN M . -15.85 -1.01 36.07
O1P FMN M . -14.68 -0.98 35.11
O2P FMN M . -16.93 -2.00 35.66
O3P FMN M . -15.42 -1.16 37.52
N1 FMN N . 24.94 23.07 -21.83
C2 FMN N . 26.10 23.77 -21.68
O2 FMN N . 26.06 24.95 -21.42
N3 FMN N . 27.28 23.07 -21.82
C4 FMN N . 27.36 21.72 -22.10
O4 FMN N . 28.49 21.20 -22.21
C4A FMN N . 26.16 21.02 -22.26
N5 FMN N . 26.13 19.68 -22.53
C5A FMN N . 24.96 18.96 -22.52
C6 FMN N . 24.97 17.57 -22.64
C7 FMN N . 23.82 16.84 -22.61
C7M FMN N . 23.88 15.35 -22.74
C8 FMN N . 22.55 17.52 -22.47
C8M FMN N . 21.26 16.74 -22.45
C9 FMN N . 22.54 18.88 -22.36
C9A FMN N . 23.72 19.63 -22.38
N10 FMN N . 23.72 21.04 -22.24
C10 FMN N . 24.93 21.73 -22.12
C1' FMN N . 22.43 21.77 -22.15
C2' FMN N . 21.80 22.03 -23.51
O2' FMN N . 22.67 22.79 -24.34
C3' FMN N . 20.46 22.74 -23.33
O3' FMN N . 19.54 21.85 -22.70
C4' FMN N . 19.84 23.25 -24.63
O4' FMN N . 18.72 24.07 -24.33
C5' FMN N . 19.43 22.14 -25.58
O5' FMN N . 18.93 22.73 -26.81
P FMN N . 18.11 21.81 -27.86
O1P FMN N . 19.08 20.70 -28.25
O2P FMN N . 17.81 22.77 -28.99
O3P FMN N . 16.86 21.30 -27.17
N1 FMN O . -37.59 -9.07 -5.76
C2 FMN O . -38.76 -9.68 -5.40
O2 FMN O . -39.11 -10.72 -5.93
N3 FMN O . -39.50 -9.07 -4.42
C4 FMN O . -39.16 -7.89 -3.78
O4 FMN O . -39.92 -7.42 -2.92
C4A FMN O . -37.96 -7.28 -4.17
N5 FMN O . -37.52 -6.13 -3.60
C5A FMN O . -36.26 -5.62 -3.84
C6 FMN O . -35.79 -4.55 -3.10
C7 FMN O . -34.53 -4.04 -3.33
C7M FMN O . -34.05 -2.86 -2.50
C8 FMN O . -33.69 -4.63 -4.34
C8M FMN O . -32.31 -4.10 -4.62
C9 FMN O . -34.17 -5.70 -5.06
C9A FMN O . -35.45 -6.20 -4.84
N10 FMN O . -35.94 -7.31 -5.56
C10 FMN O . -37.16 -7.90 -5.19
C1' FMN O . -35.11 -7.92 -6.64
C2' FMN O . -35.30 -7.23 -7.99
O2' FMN O . -36.67 -7.22 -8.37
C3' FMN O . -34.46 -7.97 -9.03
O3' FMN O . -33.08 -7.80 -8.72
C4' FMN O . -34.68 -7.52 -10.48
O4' FMN O . -34.17 -8.51 -11.38
C5' FMN O . -33.97 -6.22 -10.78
O5' FMN O . -34.69 -5.56 -11.86
P FMN O . -33.99 -4.32 -12.60
O1P FMN O . -32.49 -4.54 -12.58
O2P FMN O . -34.40 -3.09 -11.83
O3P FMN O . -34.57 -4.38 -14.01
#